data_2LC2
#
_entry.id   2LC2
#
_entity_poly.entity_id   1
_entity_poly.type   'polypeptide(L)'
_entity_poly.pdbx_seq_one_letter_code
;GSSGSSGNVDSNQNKASMLQARLNDEAGGTRLLRVHHESDTEERGFLEKAAVKKMAKAIMADPNKADEVYKKWADKGYTL
TQMSNFLKSKTAGKYDRVYNGYVIHLDY
;
_entity_poly.pdbx_strand_id   A
#
# COMPACT_ATOMS: atom_id res chain seq x y z
N GLY A 1 46.94 -20.50 75.72
CA GLY A 1 48.01 -20.03 74.86
C GLY A 1 47.49 -19.44 73.56
N SER A 2 47.29 -18.14 73.54
CA SER A 2 46.79 -17.46 72.35
C SER A 2 47.68 -16.28 71.98
N SER A 3 47.75 -15.98 70.69
CA SER A 3 48.57 -14.87 70.20
C SER A 3 47.76 -13.97 69.27
N GLY A 4 48.33 -12.81 68.95
CA GLY A 4 47.65 -11.88 68.07
C GLY A 4 47.80 -10.44 68.51
N SER A 5 48.88 -9.80 68.09
CA SER A 5 49.15 -8.41 68.45
C SER A 5 48.69 -7.45 67.35
N SER A 6 49.11 -7.74 66.12
CA SER A 6 48.75 -6.91 64.98
C SER A 6 47.34 -6.35 65.14
N GLY A 7 47.12 -5.15 64.61
CA GLY A 7 45.81 -4.53 64.71
C GLY A 7 45.52 -3.60 63.53
N ASN A 8 44.69 -2.60 63.77
CA ASN A 8 44.33 -1.65 62.73
C ASN A 8 43.84 -0.33 63.34
N VAL A 9 43.59 0.65 62.47
CA VAL A 9 43.12 1.96 62.93
C VAL A 9 42.78 2.86 61.75
N ASP A 10 41.82 3.75 61.95
CA ASP A 10 41.40 4.67 60.90
C ASP A 10 40.79 5.94 61.50
N SER A 11 41.19 7.09 60.98
CA SER A 11 40.68 8.37 61.47
C SER A 11 39.47 8.80 60.66
N ASN A 12 39.63 8.92 59.35
CA ASN A 12 38.55 9.33 58.47
C ASN A 12 37.30 8.50 58.72
N GLN A 13 36.17 9.16 58.92
CA GLN A 13 34.91 8.48 59.17
C GLN A 13 33.86 8.86 58.13
N ASN A 14 33.50 10.15 58.10
CA ASN A 14 32.51 10.64 57.15
C ASN A 14 32.43 12.17 57.20
N LYS A 15 31.59 12.73 56.34
CA LYS A 15 31.42 14.19 56.29
C LYS A 15 30.06 14.54 55.72
N ALA A 16 29.66 15.80 55.90
CA ALA A 16 28.38 16.28 55.39
C ALA A 16 28.48 17.71 54.87
N SER A 17 27.75 17.99 53.81
CA SER A 17 27.77 19.32 53.20
C SER A 17 26.74 20.24 53.86
N MET A 18 27.09 20.76 55.03
CA MET A 18 26.20 21.66 55.76
C MET A 18 26.31 23.09 55.26
N LEU A 19 26.58 23.23 53.97
CA LEU A 19 26.71 24.55 53.36
C LEU A 19 25.40 25.01 52.73
N GLN A 20 24.55 24.04 52.37
CA GLN A 20 23.26 24.34 51.77
C GLN A 20 22.12 24.09 52.75
N ALA A 21 21.07 24.88 52.64
CA ALA A 21 19.92 24.73 53.52
C ALA A 21 18.61 24.81 52.73
N ARG A 22 17.71 23.87 52.99
CA ARG A 22 16.43 23.82 52.31
C ARG A 22 15.45 24.80 52.94
N LEU A 23 15.34 25.99 52.35
CA LEU A 23 14.44 27.01 52.84
C LEU A 23 13.14 27.05 52.04
N ASN A 24 13.18 26.46 50.84
CA ASN A 24 12.02 26.42 49.97
C ASN A 24 11.85 25.03 49.35
N ASP A 25 10.68 24.78 48.78
CA ASP A 25 10.39 23.50 48.15
C ASP A 25 10.57 23.58 46.64
N GLU A 26 10.42 22.44 45.97
CA GLU A 26 10.58 22.38 44.52
C GLU A 26 9.65 21.33 43.93
N ALA A 27 8.97 21.70 42.85
CA ALA A 27 8.04 20.79 42.17
C ALA A 27 8.77 19.96 41.11
N GLY A 28 8.03 19.04 40.49
CA GLY A 28 8.62 18.20 39.47
C GLY A 28 7.58 17.58 38.56
N GLY A 29 7.96 16.50 37.88
CA GLY A 29 7.03 15.84 36.98
C GLY A 29 7.67 14.66 36.26
N THR A 30 6.85 13.90 35.54
CA THR A 30 7.34 12.73 34.81
C THR A 30 6.70 12.65 33.42
N ARG A 31 7.48 12.97 32.40
CA ARG A 31 6.99 12.93 31.02
C ARG A 31 7.92 12.09 30.14
N LEU A 32 7.61 10.81 30.02
CA LEU A 32 8.41 9.90 29.20
C LEU A 32 7.56 9.23 28.14
N LEU A 33 7.73 9.67 26.89
CA LEU A 33 6.98 9.10 25.77
C LEU A 33 7.84 8.14 24.96
N ARG A 34 7.77 6.86 25.29
CA ARG A 34 8.54 5.84 24.59
C ARG A 34 8.00 4.45 24.90
N VAL A 35 7.38 3.82 23.91
CA VAL A 35 6.83 2.48 24.07
C VAL A 35 6.72 1.77 22.73
N HIS A 36 7.15 0.50 22.69
CA HIS A 36 7.09 -0.29 21.47
C HIS A 36 7.41 -1.76 21.76
N HIS A 37 6.56 -2.65 21.27
CA HIS A 37 6.75 -4.08 21.47
C HIS A 37 6.67 -4.83 20.14
N GLU A 38 5.69 -4.48 19.33
CA GLU A 38 5.50 -5.13 18.04
C GLU A 38 4.72 -4.23 17.08
N SER A 39 5.33 -3.90 15.95
CA SER A 39 4.69 -3.04 14.95
C SER A 39 5.50 -3.01 13.66
N ASP A 40 4.85 -3.39 12.56
CA ASP A 40 5.50 -3.41 11.26
C ASP A 40 4.75 -2.54 10.26
N THR A 41 5.41 -1.48 9.79
CA THR A 41 4.80 -0.56 8.84
C THR A 41 5.61 -0.51 7.55
N GLU A 42 5.06 -1.08 6.48
CA GLU A 42 5.73 -1.09 5.19
C GLU A 42 4.81 -0.55 4.09
N GLU A 43 4.03 0.47 4.44
CA GLU A 43 3.11 1.08 3.48
C GLU A 43 3.83 1.50 2.21
N ARG A 44 5.03 2.04 2.37
CA ARG A 44 5.84 2.48 1.23
C ARG A 44 5.63 1.55 0.03
N GLY A 45 5.93 0.28 0.22
CA GLY A 45 5.78 -0.68 -0.85
C GLY A 45 4.40 -1.33 -0.87
N PHE A 46 3.98 -1.83 0.29
CA PHE A 46 2.67 -2.47 0.41
C PHE A 46 1.65 -1.78 -0.49
N LEU A 47 1.53 -0.46 -0.33
CA LEU A 47 0.58 0.31 -1.11
C LEU A 47 0.98 0.32 -2.59
N GLU A 48 2.19 0.80 -2.87
CA GLU A 48 2.69 0.85 -4.24
C GLU A 48 2.41 -0.45 -4.98
N LYS A 49 3.04 -1.53 -4.52
CA LYS A 49 2.87 -2.84 -5.13
C LYS A 49 1.43 -3.01 -5.65
N ALA A 50 0.47 -2.54 -4.87
CA ALA A 50 -0.94 -2.63 -5.24
C ALA A 50 -1.28 -1.63 -6.33
N ALA A 51 -0.80 -0.41 -6.17
CA ALA A 51 -1.05 0.66 -7.13
C ALA A 51 -0.38 0.36 -8.47
N VAL A 52 0.94 0.18 -8.43
CA VAL A 52 1.71 -0.12 -9.64
C VAL A 52 1.08 -1.28 -10.42
N LYS A 53 0.77 -2.35 -9.71
CA LYS A 53 0.17 -3.53 -10.32
C LYS A 53 -1.23 -3.22 -10.84
N LYS A 54 -2.04 -2.57 -9.99
CA LYS A 54 -3.40 -2.21 -10.36
C LYS A 54 -3.45 -1.63 -11.77
N MET A 55 -2.64 -0.61 -12.02
CA MET A 55 -2.59 0.03 -13.33
C MET A 55 -2.36 -0.99 -14.43
N ALA A 56 -1.40 -1.89 -14.21
CA ALA A 56 -1.08 -2.92 -15.19
C ALA A 56 -2.32 -3.74 -15.54
N LYS A 57 -3.03 -4.20 -14.52
CA LYS A 57 -4.24 -5.00 -14.72
C LYS A 57 -5.14 -4.35 -15.77
N ALA A 58 -5.44 -3.07 -15.57
CA ALA A 58 -6.29 -2.33 -16.50
C ALA A 58 -5.73 -2.37 -17.92
N ILE A 59 -4.40 -2.43 -18.02
CA ILE A 59 -3.74 -2.48 -19.32
C ILE A 59 -3.98 -3.82 -20.01
N MET A 60 -3.87 -4.90 -19.25
CA MET A 60 -4.08 -6.23 -19.79
C MET A 60 -5.22 -6.25 -20.80
N ALA A 61 -6.36 -5.70 -20.41
CA ALA A 61 -7.52 -5.64 -21.28
C ALA A 61 -7.48 -4.40 -22.16
N ASP A 62 -7.02 -3.29 -21.59
CA ASP A 62 -6.94 -2.03 -22.32
C ASP A 62 -5.49 -1.70 -22.67
N PRO A 63 -5.01 -2.25 -23.79
CA PRO A 63 -3.63 -2.03 -24.26
C PRO A 63 -3.41 -0.60 -24.74
N ASN A 64 -4.50 0.10 -25.04
CA ASN A 64 -4.43 1.47 -25.52
C ASN A 64 -4.15 2.43 -24.37
N LYS A 65 -4.31 1.95 -23.14
CA LYS A 65 -4.07 2.76 -21.95
C LYS A 65 -2.60 2.72 -21.57
N ALA A 66 -1.95 1.60 -21.84
CA ALA A 66 -0.53 1.44 -21.51
C ALA A 66 0.22 2.76 -21.66
N ASP A 67 0.24 3.29 -22.87
CA ASP A 67 0.93 4.56 -23.14
C ASP A 67 0.61 5.58 -22.05
N GLU A 68 -0.67 5.85 -21.85
CA GLU A 68 -1.11 6.81 -20.84
C GLU A 68 -0.49 6.49 -19.49
N VAL A 69 -0.55 5.21 -19.11
CA VAL A 69 0.01 4.78 -17.83
C VAL A 69 1.49 5.08 -17.75
N TYR A 70 2.27 4.48 -18.64
CA TYR A 70 3.71 4.69 -18.65
C TYR A 70 4.06 6.13 -18.28
N LYS A 71 3.35 7.07 -18.86
CA LYS A 71 3.58 8.48 -18.60
C LYS A 71 3.34 8.80 -17.12
N LYS A 72 2.26 8.26 -16.58
CA LYS A 72 1.91 8.48 -15.17
C LYS A 72 3.01 7.96 -14.25
N TRP A 73 3.46 6.73 -14.52
CA TRP A 73 4.51 6.12 -13.71
C TRP A 73 5.77 6.99 -13.70
N ALA A 74 6.42 7.09 -14.86
CA ALA A 74 7.64 7.89 -14.98
C ALA A 74 7.50 9.21 -14.22
N ASP A 75 6.29 9.77 -14.22
CA ASP A 75 6.04 11.03 -13.53
C ASP A 75 6.19 10.87 -12.03
N LYS A 76 5.64 9.77 -11.50
CA LYS A 76 5.71 9.50 -10.07
C LYS A 76 7.16 9.42 -9.60
N GLY A 77 8.00 8.77 -10.40
CA GLY A 77 9.41 8.64 -10.04
C GLY A 77 9.81 7.20 -9.79
N TYR A 78 9.26 6.28 -10.59
CA TYR A 78 9.57 4.87 -10.43
C TYR A 78 10.75 4.48 -11.31
N THR A 79 11.18 3.23 -11.18
CA THR A 79 12.31 2.72 -11.96
C THR A 79 12.24 1.20 -12.09
N LEU A 80 12.85 0.68 -13.16
CA LEU A 80 12.87 -0.76 -13.40
C LEU A 80 12.96 -1.53 -12.08
N THR A 81 13.93 -1.17 -11.26
CA THR A 81 14.12 -1.83 -9.97
C THR A 81 12.79 -2.00 -9.23
N GLN A 82 12.22 -0.89 -8.78
CA GLN A 82 10.95 -0.93 -8.06
C GLN A 82 9.84 -1.47 -8.96
N MET A 83 9.60 -0.80 -10.08
CA MET A 83 8.57 -1.22 -11.01
C MET A 83 8.48 -2.74 -11.08
N SER A 84 9.52 -3.35 -11.63
CA SER A 84 9.57 -4.81 -11.77
C SER A 84 9.13 -5.48 -10.47
N ASN A 85 9.82 -5.15 -9.37
CA ASN A 85 9.51 -5.72 -8.07
C ASN A 85 8.01 -5.65 -7.79
N PHE A 86 7.35 -4.65 -8.37
CA PHE A 86 5.91 -4.48 -8.17
C PHE A 86 5.12 -5.37 -9.13
N LEU A 87 5.62 -5.48 -10.36
CA LEU A 87 4.96 -6.30 -11.38
C LEU A 87 5.40 -7.76 -11.28
N LYS A 88 6.29 -8.03 -10.33
CA LYS A 88 6.80 -9.39 -10.13
C LYS A 88 5.65 -10.35 -9.82
N SER A 89 5.07 -10.23 -8.63
CA SER A 89 3.97 -11.09 -8.22
C SER A 89 4.42 -12.54 -8.11
N LYS A 90 5.68 -12.72 -7.69
CA LYS A 90 6.24 -14.06 -7.54
C LYS A 90 5.83 -14.96 -8.70
N THR A 91 5.98 -14.45 -9.93
CA THR A 91 5.63 -15.21 -11.11
C THR A 91 6.72 -15.12 -12.16
N ALA A 92 6.88 -16.19 -12.94
CA ALA A 92 7.90 -16.23 -13.99
C ALA A 92 7.39 -15.58 -15.27
N GLY A 93 6.40 -14.70 -15.13
CA GLY A 93 5.84 -14.03 -16.29
C GLY A 93 4.36 -13.71 -16.12
N LYS A 94 4.08 -12.73 -15.26
CA LYS A 94 2.70 -12.31 -15.01
C LYS A 94 2.36 -11.05 -15.79
N TYR A 95 3.07 -9.96 -15.49
CA TYR A 95 2.83 -8.70 -16.17
C TYR A 95 4.04 -8.30 -17.01
N ASP A 96 4.30 -9.06 -18.06
CA ASP A 96 5.42 -8.81 -18.95
C ASP A 96 5.07 -7.70 -19.96
N ARG A 97 4.13 -8.01 -20.86
CA ARG A 97 3.72 -7.06 -21.87
C ARG A 97 3.66 -5.65 -21.30
N VAL A 98 3.29 -5.54 -20.03
CA VAL A 98 3.21 -4.24 -19.36
C VAL A 98 4.57 -3.77 -18.91
N TYR A 99 5.31 -4.65 -18.23
CA TYR A 99 6.63 -4.33 -17.74
C TYR A 99 7.56 -3.90 -18.88
N ASN A 100 7.67 -4.75 -19.89
CA ASN A 100 8.52 -4.47 -21.04
C ASN A 100 8.21 -3.09 -21.61
N GLY A 101 6.94 -2.86 -21.92
CA GLY A 101 6.54 -1.57 -22.47
C GLY A 101 7.15 -0.40 -21.72
N TYR A 102 7.00 -0.39 -20.40
CA TYR A 102 7.54 0.68 -19.58
C TYR A 102 9.05 0.81 -19.78
N VAL A 103 9.74 -0.33 -19.79
CA VAL A 103 11.18 -0.33 -19.97
C VAL A 103 11.60 0.53 -21.15
N ILE A 104 10.98 0.28 -22.30
CA ILE A 104 11.29 1.04 -23.51
C ILE A 104 10.90 2.51 -23.35
N HIS A 105 9.78 2.74 -22.68
CA HIS A 105 9.30 4.11 -22.45
C HIS A 105 10.40 4.98 -21.88
N LEU A 106 11.25 4.39 -21.04
CA LEU A 106 12.36 5.12 -20.43
C LEU A 106 13.60 5.07 -21.31
N ASP A 107 13.69 4.04 -22.15
CA ASP A 107 14.83 3.87 -23.05
C ASP A 107 15.15 5.18 -23.74
N TYR A 108 14.12 5.98 -24.01
CA TYR A 108 14.30 7.26 -24.69
C TYR A 108 15.52 7.99 -24.15
N GLY A 1 89.15 -36.90 -4.85
CA GLY A 1 87.85 -36.83 -4.20
C GLY A 1 86.99 -35.71 -4.75
N SER A 2 85.68 -35.84 -4.60
CA SER A 2 84.75 -34.84 -5.09
C SER A 2 83.39 -34.98 -4.42
N SER A 3 82.47 -34.07 -4.74
CA SER A 3 81.13 -34.10 -4.17
C SER A 3 80.21 -33.14 -4.90
N GLY A 4 78.91 -33.25 -4.63
CA GLY A 4 77.94 -32.38 -5.28
C GLY A 4 76.69 -32.17 -4.43
N SER A 5 75.62 -31.72 -5.07
CA SER A 5 74.37 -31.46 -4.36
C SER A 5 73.22 -31.31 -5.36
N SER A 6 72.01 -31.10 -4.82
CA SER A 6 70.83 -30.94 -5.66
C SER A 6 69.86 -29.94 -5.04
N GLY A 7 68.75 -29.69 -5.72
CA GLY A 7 67.76 -28.76 -5.23
C GLY A 7 66.34 -29.25 -5.43
N ASN A 8 65.38 -28.32 -5.42
CA ASN A 8 63.99 -28.66 -5.60
C ASN A 8 63.26 -27.60 -6.41
N VAL A 9 62.10 -27.95 -6.95
CA VAL A 9 61.31 -27.01 -7.75
C VAL A 9 59.89 -26.92 -7.22
N ASP A 10 59.38 -25.69 -7.12
CA ASP A 10 58.02 -25.46 -6.64
C ASP A 10 57.10 -25.03 -7.78
N SER A 11 55.81 -24.98 -7.49
CA SER A 11 54.82 -24.59 -8.49
C SER A 11 53.79 -23.62 -7.91
N ASN A 12 52.87 -23.16 -8.74
CA ASN A 12 51.84 -22.23 -8.30
C ASN A 12 50.44 -22.80 -8.59
N GLN A 13 49.42 -22.03 -8.24
CA GLN A 13 48.04 -22.44 -8.46
C GLN A 13 47.26 -21.38 -9.22
N ASN A 14 46.24 -21.82 -9.95
CA ASN A 14 45.42 -20.90 -10.73
C ASN A 14 44.06 -21.54 -11.07
N LYS A 15 43.24 -20.80 -11.80
CA LYS A 15 41.92 -21.28 -12.19
C LYS A 15 41.09 -21.65 -10.97
N ALA A 16 40.96 -20.70 -10.04
CA ALA A 16 40.19 -20.93 -8.83
C ALA A 16 38.81 -21.49 -9.14
N SER A 17 38.34 -22.41 -8.31
CA SER A 17 37.04 -23.03 -8.49
C SER A 17 35.93 -21.99 -8.48
N MET A 18 35.37 -21.70 -9.64
CA MET A 18 34.29 -20.72 -9.75
C MET A 18 33.17 -21.03 -8.76
N LEU A 19 32.13 -20.20 -8.78
CA LEU A 19 30.99 -20.39 -7.89
C LEU A 19 30.21 -21.64 -8.26
N GLN A 20 30.31 -22.67 -7.41
CA GLN A 20 29.61 -23.92 -7.64
C GLN A 20 28.61 -24.21 -6.53
N ALA A 21 27.38 -23.75 -6.72
CA ALA A 21 26.32 -23.95 -5.74
C ALA A 21 25.27 -24.92 -6.25
N ARG A 22 25.30 -26.15 -5.77
CA ARG A 22 24.34 -27.16 -6.19
C ARG A 22 23.81 -27.94 -4.98
N LEU A 23 22.71 -27.46 -4.43
CA LEU A 23 22.10 -28.10 -3.27
C LEU A 23 20.64 -27.68 -3.11
N ASN A 24 19.74 -28.66 -3.12
CA ASN A 24 18.31 -28.38 -2.99
C ASN A 24 17.74 -29.10 -1.76
N ASP A 25 17.76 -28.42 -0.62
CA ASP A 25 17.24 -28.98 0.62
C ASP A 25 15.85 -28.45 0.91
N GLU A 26 14.83 -29.08 0.33
CA GLU A 26 13.45 -28.67 0.53
C GLU A 26 12.74 -29.62 1.47
N ALA A 27 12.66 -29.23 2.74
CA ALA A 27 11.99 -30.04 3.75
C ALA A 27 10.57 -29.57 3.99
N GLY A 28 9.82 -30.33 4.80
CA GLY A 28 8.44 -29.96 5.10
C GLY A 28 7.74 -31.00 5.95
N GLY A 29 8.31 -31.28 7.12
CA GLY A 29 7.71 -32.26 8.01
C GLY A 29 6.27 -31.95 8.34
N THR A 30 6.08 -31.14 9.38
CA THR A 30 4.74 -30.75 9.81
C THR A 30 4.16 -29.67 8.90
N ARG A 31 2.84 -29.68 8.74
CA ARG A 31 2.16 -28.71 7.90
C ARG A 31 1.13 -27.92 8.70
N LEU A 32 1.48 -26.68 9.05
CA LEU A 32 0.58 -25.82 9.81
C LEU A 32 -0.24 -24.92 8.89
N LEU A 33 -1.21 -24.23 9.47
CA LEU A 33 -2.07 -23.34 8.70
C LEU A 33 -1.71 -21.88 8.96
N ARG A 34 -0.79 -21.35 8.15
CA ARG A 34 -0.35 -19.97 8.30
C ARG A 34 -0.01 -19.36 6.94
N VAL A 35 -0.54 -18.17 6.67
CA VAL A 35 -0.29 -17.48 5.42
C VAL A 35 0.76 -16.38 5.59
N HIS A 36 1.96 -16.63 5.09
CA HIS A 36 3.04 -15.66 5.19
C HIS A 36 3.23 -14.90 3.88
N HIS A 37 2.11 -14.54 3.25
CA HIS A 37 2.15 -13.81 1.98
C HIS A 37 1.98 -12.32 2.21
N GLU A 38 2.92 -11.54 1.68
CA GLU A 38 2.87 -10.08 1.83
C GLU A 38 2.96 -9.68 3.29
N SER A 39 3.95 -10.23 3.99
CA SER A 39 4.15 -9.93 5.40
C SER A 39 5.34 -8.99 5.59
N ASP A 40 5.35 -8.29 6.73
CA ASP A 40 6.43 -7.36 7.04
C ASP A 40 6.56 -6.30 5.95
N THR A 41 5.43 -5.82 5.45
CA THR A 41 5.42 -4.81 4.40
C THR A 41 4.71 -3.54 4.88
N GLU A 42 5.49 -2.48 5.09
CA GLU A 42 4.93 -1.21 5.54
C GLU A 42 4.06 -0.59 4.45
N GLU A 43 3.01 0.11 4.87
CA GLU A 43 2.10 0.76 3.94
C GLU A 43 2.86 1.40 2.79
N ARG A 44 3.91 2.13 3.13
CA ARG A 44 4.73 2.81 2.12
C ARG A 44 4.88 1.94 0.87
N GLY A 45 5.28 0.69 1.08
CA GLY A 45 5.46 -0.22 -0.04
C GLY A 45 4.20 -1.01 -0.35
N PHE A 46 3.58 -1.58 0.68
CA PHE A 46 2.36 -2.36 0.51
C PHE A 46 1.39 -1.65 -0.44
N LEU A 47 0.86 -0.52 0.02
CA LEU A 47 -0.08 0.25 -0.78
C LEU A 47 0.47 0.52 -2.17
N GLU A 48 1.60 1.23 -2.23
CA GLU A 48 2.24 1.56 -3.49
C GLU A 48 2.12 0.40 -4.48
N LYS A 49 2.63 -0.76 -4.09
CA LYS A 49 2.59 -1.95 -4.93
C LYS A 49 1.17 -2.17 -5.48
N ALA A 50 0.18 -1.94 -4.64
CA ALA A 50 -1.21 -2.11 -5.05
C ALA A 50 -1.54 -1.22 -6.25
N ALA A 51 -1.33 0.08 -6.10
CA ALA A 51 -1.61 1.03 -7.17
C ALA A 51 -0.92 0.61 -8.46
N VAL A 52 0.41 0.52 -8.42
CA VAL A 52 1.18 0.13 -9.59
C VAL A 52 0.60 -1.13 -10.24
N LYS A 53 0.51 -2.20 -9.46
CA LYS A 53 -0.03 -3.46 -9.96
C LYS A 53 -1.39 -3.25 -10.61
N LYS A 54 -2.27 -2.54 -9.92
CA LYS A 54 -3.61 -2.27 -10.43
C LYS A 54 -3.54 -1.68 -11.84
N MET A 55 -2.76 -0.62 -11.99
CA MET A 55 -2.60 0.04 -13.28
C MET A 55 -2.16 -0.96 -14.35
N ALA A 56 -1.24 -1.85 -13.98
CA ALA A 56 -0.74 -2.86 -14.91
C ALA A 56 -1.89 -3.64 -15.53
N LYS A 57 -2.60 -4.41 -14.70
CA LYS A 57 -3.72 -5.21 -15.18
C LYS A 57 -4.46 -4.50 -16.30
N ALA A 58 -5.02 -3.33 -15.98
CA ALA A 58 -5.76 -2.55 -16.96
C ALA A 58 -5.05 -2.57 -18.32
N ILE A 59 -3.76 -2.28 -18.31
CA ILE A 59 -2.97 -2.27 -19.55
C ILE A 59 -3.09 -3.60 -20.29
N MET A 60 -2.82 -4.69 -19.58
CA MET A 60 -2.89 -6.02 -20.17
C MET A 60 -4.16 -6.18 -20.99
N ALA A 61 -5.25 -5.61 -20.50
CA ALA A 61 -6.54 -5.69 -21.19
C ALA A 61 -6.56 -4.76 -22.41
N ASP A 62 -6.26 -3.49 -22.18
CA ASP A 62 -6.25 -2.50 -23.26
C ASP A 62 -4.88 -1.84 -23.36
N PRO A 63 -4.36 -1.74 -24.61
CA PRO A 63 -3.06 -1.14 -24.88
C PRO A 63 -3.07 0.38 -24.67
N ASN A 64 -4.08 1.04 -25.21
CA ASN A 64 -4.21 2.48 -25.09
C ASN A 64 -3.82 2.94 -23.69
N LYS A 65 -4.27 2.19 -22.68
CA LYS A 65 -3.97 2.51 -21.29
C LYS A 65 -2.46 2.53 -21.05
N ALA A 66 -1.76 1.57 -21.63
CA ALA A 66 -0.31 1.47 -21.48
C ALA A 66 0.33 2.84 -21.58
N ASP A 67 0.23 3.47 -22.74
CA ASP A 67 0.81 4.78 -22.96
C ASP A 67 0.50 5.72 -21.79
N GLU A 68 -0.75 5.73 -21.37
CA GLU A 68 -1.18 6.58 -20.26
C GLU A 68 -0.43 6.22 -18.98
N VAL A 69 -0.63 4.99 -18.51
CA VAL A 69 0.03 4.53 -17.29
C VAL A 69 1.53 4.82 -17.34
N TYR A 70 2.20 4.24 -18.32
CA TYR A 70 3.64 4.42 -18.48
C TYR A 70 4.04 5.86 -18.13
N LYS A 71 3.31 6.82 -18.71
CA LYS A 71 3.58 8.23 -18.47
C LYS A 71 3.40 8.58 -16.99
N LYS A 72 2.32 8.07 -16.40
CA LYS A 72 2.03 8.32 -14.99
C LYS A 72 3.13 7.75 -14.10
N TRP A 73 3.41 6.46 -14.26
CA TRP A 73 4.43 5.79 -13.47
C TRP A 73 5.69 6.64 -13.39
N ALA A 74 6.36 6.81 -14.53
CA ALA A 74 7.58 7.60 -14.59
C ALA A 74 7.42 8.93 -13.87
N ASP A 75 6.30 9.60 -14.12
CA ASP A 75 6.02 10.89 -13.49
C ASP A 75 6.13 10.78 -11.97
N LYS A 76 5.59 9.71 -11.41
CA LYS A 76 5.64 9.50 -9.96
C LYS A 76 7.08 9.43 -9.48
N GLY A 77 7.90 8.63 -10.16
CA GLY A 77 9.29 8.48 -9.78
C GLY A 77 9.69 7.04 -9.57
N TYR A 78 9.41 6.20 -10.56
CA TYR A 78 9.74 4.78 -10.48
C TYR A 78 10.85 4.43 -11.47
N THR A 79 11.28 3.17 -11.43
CA THR A 79 12.35 2.71 -12.31
C THR A 79 12.32 1.18 -12.45
N LEU A 80 12.89 0.68 -13.54
CA LEU A 80 12.93 -0.75 -13.79
C LEU A 80 13.09 -1.53 -12.48
N THR A 81 14.11 -1.18 -11.71
CA THR A 81 14.37 -1.84 -10.44
C THR A 81 13.10 -1.92 -9.59
N GLN A 82 12.47 -0.78 -9.38
CA GLN A 82 11.24 -0.72 -8.59
C GLN A 82 10.07 -1.34 -9.36
N MET A 83 9.73 -0.73 -10.48
CA MET A 83 8.63 -1.22 -11.31
C MET A 83 8.57 -2.74 -11.29
N SER A 84 9.60 -3.39 -11.82
CA SER A 84 9.66 -4.85 -11.85
C SER A 84 9.32 -5.43 -10.50
N ASN A 85 10.07 -5.05 -9.47
CA ASN A 85 9.85 -5.54 -8.12
C ASN A 85 8.36 -5.57 -7.79
N PHE A 86 7.62 -4.61 -8.33
CA PHE A 86 6.18 -4.53 -8.10
C PHE A 86 5.43 -5.52 -8.98
N LEU A 87 5.82 -5.58 -10.25
CA LEU A 87 5.17 -6.49 -11.19
C LEU A 87 5.90 -7.84 -11.23
N LYS A 88 6.43 -8.25 -10.09
CA LYS A 88 7.15 -9.52 -9.99
C LYS A 88 6.18 -10.66 -9.71
N SER A 89 5.04 -10.64 -10.39
CA SER A 89 4.03 -11.68 -10.22
C SER A 89 4.56 -13.03 -10.67
N LYS A 90 5.45 -13.61 -9.86
CA LYS A 90 6.04 -14.92 -10.18
C LYS A 90 5.02 -15.80 -10.91
N THR A 91 5.13 -15.83 -12.23
CA THR A 91 4.24 -16.64 -13.05
C THR A 91 4.85 -16.95 -14.40
N ALA A 92 4.33 -17.97 -15.07
CA ALA A 92 4.83 -18.36 -16.38
C ALA A 92 4.23 -17.48 -17.48
N GLY A 93 4.11 -16.18 -17.20
CA GLY A 93 3.56 -15.27 -18.17
C GLY A 93 2.30 -14.58 -17.67
N LYS A 94 2.48 -13.41 -17.06
CA LYS A 94 1.36 -12.65 -16.53
C LYS A 94 1.45 -11.18 -16.93
N TYR A 95 2.41 -10.47 -16.35
CA TYR A 95 2.61 -9.06 -16.65
C TYR A 95 3.85 -8.85 -17.52
N ASP A 96 4.03 -9.73 -18.50
CA ASP A 96 5.18 -9.64 -19.40
C ASP A 96 5.03 -8.46 -20.35
N ARG A 97 3.84 -8.32 -20.94
CA ARG A 97 3.57 -7.24 -21.87
C ARG A 97 3.67 -5.88 -21.18
N VAL A 98 3.17 -5.82 -19.95
CA VAL A 98 3.19 -4.58 -19.17
C VAL A 98 4.62 -4.06 -19.02
N TYR A 99 5.48 -4.89 -18.43
CA TYR A 99 6.88 -4.51 -18.23
C TYR A 99 7.53 -4.10 -19.54
N ASN A 100 7.48 -4.98 -20.52
CA ASN A 100 8.07 -4.71 -21.84
C ASN A 100 7.93 -3.24 -22.19
N GLY A 101 6.69 -2.81 -22.40
CA GLY A 101 6.44 -1.41 -22.75
C GLY A 101 7.24 -0.46 -21.89
N TYR A 102 6.91 -0.39 -20.60
CA TYR A 102 7.59 0.51 -19.69
C TYR A 102 9.09 0.59 -20.02
N VAL A 103 9.74 -0.56 -20.03
CA VAL A 103 11.17 -0.62 -20.33
C VAL A 103 11.54 0.36 -21.43
N ILE A 104 10.93 0.20 -22.60
CA ILE A 104 11.19 1.07 -23.73
C ILE A 104 10.72 2.50 -23.45
N HIS A 105 9.51 2.61 -22.90
CA HIS A 105 8.95 3.91 -22.59
C HIS A 105 10.00 4.83 -21.97
N LEU A 106 10.81 4.27 -21.08
CA LEU A 106 11.86 5.04 -20.41
C LEU A 106 13.06 5.22 -21.33
N ASP A 107 13.36 4.19 -22.13
CA ASP A 107 14.48 4.24 -23.05
C ASP A 107 14.60 5.61 -23.69
N TYR A 108 13.46 6.27 -23.89
CA TYR A 108 13.44 7.60 -24.49
C TYR A 108 14.52 8.49 -23.90
N GLY A 1 29.15 21.44 41.50
CA GLY A 1 28.79 20.10 41.07
C GLY A 1 27.38 20.02 40.53
N SER A 2 26.76 18.85 40.65
CA SER A 2 25.41 18.64 40.16
C SER A 2 24.55 17.97 41.23
N SER A 3 23.65 18.75 41.84
CA SER A 3 22.77 18.23 42.88
C SER A 3 22.00 17.02 42.37
N GLY A 4 21.18 17.24 41.34
CA GLY A 4 20.39 16.16 40.78
C GLY A 4 18.93 16.22 41.21
N SER A 5 18.20 15.15 40.95
CA SER A 5 16.78 15.09 41.31
C SER A 5 16.21 13.70 41.05
N SER A 6 14.97 13.49 41.47
CA SER A 6 14.31 12.20 41.30
C SER A 6 12.84 12.28 41.70
N GLY A 7 12.14 11.17 41.55
CA GLY A 7 10.72 11.13 41.90
C GLY A 7 10.37 9.92 42.73
N ASN A 8 9.07 9.59 42.77
CA ASN A 8 8.61 8.44 43.53
C ASN A 8 7.12 8.19 43.29
N VAL A 9 6.70 6.94 43.41
CA VAL A 9 5.31 6.57 43.22
C VAL A 9 5.07 5.10 43.53
N ASP A 10 3.84 4.78 43.93
CA ASP A 10 3.49 3.41 44.26
C ASP A 10 2.00 3.28 44.55
N SER A 11 1.54 2.06 44.81
CA SER A 11 0.14 1.81 45.09
C SER A 11 -0.03 0.63 46.03
N ASN A 12 -1.27 0.36 46.43
CA ASN A 12 -1.56 -0.76 47.33
C ASN A 12 -2.95 -1.33 47.05
N GLN A 13 -3.18 -2.55 47.49
CA GLN A 13 -4.47 -3.22 47.30
C GLN A 13 -5.08 -3.61 48.63
N ASN A 14 -6.28 -4.18 48.57
CA ASN A 14 -6.99 -4.61 49.78
C ASN A 14 -6.81 -6.11 50.00
N LYS A 15 -7.41 -6.61 51.08
CA LYS A 15 -7.31 -8.03 51.41
C LYS A 15 -8.71 -8.66 51.49
N ALA A 16 -8.75 -9.97 51.68
CA ALA A 16 -10.02 -10.68 51.78
C ALA A 16 -10.43 -10.86 53.24
N SER A 17 -11.74 -10.73 53.49
CA SER A 17 -12.26 -10.87 54.85
C SER A 17 -12.71 -12.30 55.10
N MET A 18 -11.93 -13.03 55.90
CA MET A 18 -12.25 -14.41 56.23
C MET A 18 -13.76 -14.58 56.42
N LEU A 19 -14.36 -13.67 57.16
CA LEU A 19 -15.80 -13.73 57.42
C LEU A 19 -16.59 -13.34 56.18
N GLN A 20 -17.82 -13.85 56.07
CA GLN A 20 -18.67 -13.54 54.93
C GLN A 20 -19.98 -12.89 55.38
N ALA A 21 -20.17 -11.64 54.99
CA ALA A 21 -21.38 -10.91 55.36
C ALA A 21 -21.66 -9.78 54.38
N ARG A 22 -22.81 -9.86 53.69
CA ARG A 22 -23.19 -8.84 52.71
C ARG A 22 -24.64 -8.42 52.91
N LEU A 23 -24.83 -7.34 53.67
CA LEU A 23 -26.18 -6.83 53.94
C LEU A 23 -26.84 -6.36 52.66
N ASN A 24 -26.15 -5.50 51.91
CA ASN A 24 -26.69 -4.96 50.66
C ASN A 24 -26.17 -5.79 49.47
N ASP A 25 -26.70 -5.48 48.30
CA ASP A 25 -26.31 -6.18 47.08
C ASP A 25 -25.43 -5.29 46.20
N GLU A 26 -24.67 -5.92 45.30
CA GLU A 26 -23.78 -5.18 44.40
C GLU A 26 -24.41 -5.04 43.02
N ALA A 27 -24.84 -3.83 42.69
CA ALA A 27 -25.45 -3.57 41.39
C ALA A 27 -24.51 -3.95 40.25
N GLY A 28 -23.35 -3.29 40.20
CA GLY A 28 -22.38 -3.58 39.16
C GLY A 28 -22.87 -3.14 37.79
N GLY A 29 -22.88 -4.08 36.85
CA GLY A 29 -23.32 -3.78 35.50
C GLY A 29 -22.52 -2.65 34.87
N THR A 30 -21.20 -2.71 35.01
CA THR A 30 -20.32 -1.70 34.45
C THR A 30 -19.29 -2.32 33.51
N ARG A 31 -19.58 -2.30 32.22
CA ARG A 31 -18.68 -2.85 31.23
C ARG A 31 -18.16 -1.77 30.28
N LEU A 32 -17.00 -1.22 30.60
CA LEU A 32 -16.40 -0.16 29.78
C LEU A 32 -15.13 -0.66 29.13
N LEU A 33 -15.27 -1.45 28.07
CA LEU A 33 -14.13 -1.98 27.34
C LEU A 33 -13.89 -1.21 26.04
N ARG A 34 -12.85 -0.40 26.02
CA ARG A 34 -12.52 0.39 24.84
C ARG A 34 -12.31 -0.51 23.62
N VAL A 35 -12.95 -0.15 22.51
CA VAL A 35 -12.83 -0.93 21.28
C VAL A 35 -11.39 -0.99 20.80
N HIS A 36 -10.95 -2.18 20.41
CA HIS A 36 -9.58 -2.36 19.92
C HIS A 36 -9.39 -1.68 18.58
N HIS A 37 -10.28 -1.98 17.64
CA HIS A 37 -10.21 -1.40 16.30
C HIS A 37 -8.76 -1.35 15.81
N GLU A 38 -8.00 -2.38 16.14
CA GLU A 38 -6.60 -2.45 15.73
C GLU A 38 -6.46 -2.38 14.22
N SER A 39 -5.42 -1.70 13.75
CA SER A 39 -5.19 -1.55 12.32
C SER A 39 -4.05 -2.45 11.85
N ASP A 40 -2.88 -2.29 12.48
CA ASP A 40 -1.71 -3.10 12.13
C ASP A 40 -1.64 -3.32 10.62
N THR A 41 -1.90 -2.27 9.85
CA THR A 41 -1.87 -2.36 8.40
C THR A 41 -0.82 -1.41 7.82
N GLU A 42 0.39 -1.93 7.64
CA GLU A 42 1.49 -1.14 7.10
C GLU A 42 1.14 -0.62 5.70
N GLU A 43 1.59 0.59 5.38
CA GLU A 43 1.32 1.19 4.08
C GLU A 43 2.56 1.13 3.20
N ARG A 44 3.70 1.53 3.75
CA ARG A 44 4.96 1.52 3.00
C ARG A 44 5.09 0.24 2.18
N GLY A 45 5.09 0.38 0.86
CA GLY A 45 5.21 -0.77 0.00
C GLY A 45 3.89 -1.49 -0.21
N PHE A 46 3.08 -1.55 0.84
CA PHE A 46 1.79 -2.22 0.77
C PHE A 46 0.90 -1.56 -0.29
N LEU A 47 0.46 -0.34 -0.01
CA LEU A 47 -0.40 0.40 -0.93
C LEU A 47 0.32 0.65 -2.26
N GLU A 48 1.53 1.18 -2.17
CA GLU A 48 2.33 1.47 -3.36
C GLU A 48 2.28 0.30 -4.34
N LYS A 49 2.68 -0.88 -3.86
CA LYS A 49 2.68 -2.08 -4.69
C LYS A 49 1.31 -2.33 -5.29
N ALA A 50 0.28 -2.16 -4.49
CA ALA A 50 -1.10 -2.37 -4.94
C ALA A 50 -1.40 -1.50 -6.17
N ALA A 51 -1.11 -0.21 -6.06
CA ALA A 51 -1.35 0.71 -7.15
C ALA A 51 -0.68 0.24 -8.44
N VAL A 52 0.65 0.20 -8.43
CA VAL A 52 1.41 -0.23 -9.59
C VAL A 52 0.76 -1.45 -10.25
N LYS A 53 0.33 -2.40 -9.43
CA LYS A 53 -0.31 -3.61 -9.93
C LYS A 53 -1.64 -3.28 -10.58
N LYS A 54 -2.45 -2.47 -9.90
CA LYS A 54 -3.76 -2.09 -10.42
C LYS A 54 -3.64 -1.56 -11.85
N MET A 55 -2.73 -0.62 -12.06
CA MET A 55 -2.52 -0.04 -13.38
C MET A 55 -2.24 -1.13 -14.41
N ALA A 56 -1.31 -2.02 -14.09
CA ALA A 56 -0.96 -3.11 -14.98
C ALA A 56 -2.18 -3.91 -15.39
N LYS A 57 -2.89 -4.45 -14.40
CA LYS A 57 -4.09 -5.24 -14.66
C LYS A 57 -4.98 -4.56 -15.70
N ALA A 58 -5.34 -3.32 -15.44
CA ALA A 58 -6.18 -2.56 -16.36
C ALA A 58 -5.62 -2.58 -17.77
N ILE A 59 -4.31 -2.39 -17.88
CA ILE A 59 -3.64 -2.39 -19.18
C ILE A 59 -3.82 -3.72 -19.88
N MET A 60 -3.49 -4.81 -19.19
CA MET A 60 -3.61 -6.14 -19.75
C MET A 60 -4.81 -6.23 -20.69
N ALA A 61 -5.95 -5.71 -20.23
CA ALA A 61 -7.17 -5.72 -21.02
C ALA A 61 -7.29 -4.46 -21.86
N ASP A 62 -6.80 -3.35 -21.33
CA ASP A 62 -6.86 -2.07 -22.03
C ASP A 62 -5.48 -1.65 -22.52
N PRO A 63 -5.11 -2.11 -23.73
CA PRO A 63 -3.81 -1.80 -24.33
C PRO A 63 -3.70 -0.34 -24.75
N ASN A 64 -4.84 0.33 -24.84
CA ASN A 64 -4.87 1.74 -25.23
C ASN A 64 -4.43 2.63 -24.07
N LYS A 65 -4.74 2.21 -22.86
CA LYS A 65 -4.37 2.96 -21.67
C LYS A 65 -2.88 2.91 -21.42
N ALA A 66 -2.28 1.76 -21.73
CA ALA A 66 -0.84 1.58 -21.55
C ALA A 66 -0.08 2.88 -21.80
N ASP A 67 -0.26 3.43 -22.99
CA ASP A 67 0.41 4.68 -23.36
C ASP A 67 0.37 5.68 -22.21
N GLU A 68 -0.84 5.96 -21.72
CA GLU A 68 -1.02 6.90 -20.63
C GLU A 68 -0.25 6.45 -19.39
N VAL A 69 -0.64 5.31 -18.84
CA VAL A 69 0.02 4.76 -17.66
C VAL A 69 1.53 4.95 -17.74
N TYR A 70 2.14 4.40 -18.78
CA TYR A 70 3.58 4.51 -18.96
C TYR A 70 4.08 5.90 -18.59
N LYS A 71 3.42 6.92 -19.11
CA LYS A 71 3.79 8.30 -18.83
C LYS A 71 3.64 8.61 -17.35
N LYS A 72 2.56 8.13 -16.76
CA LYS A 72 2.30 8.35 -15.33
C LYS A 72 3.44 7.80 -14.48
N TRP A 73 3.64 6.49 -14.55
CA TRP A 73 4.70 5.84 -13.79
C TRP A 73 5.96 6.69 -13.76
N ALA A 74 6.57 6.86 -14.93
CA ALA A 74 7.78 7.67 -15.04
C ALA A 74 7.67 8.96 -14.24
N ASP A 75 6.47 9.53 -14.22
CA ASP A 75 6.22 10.77 -13.50
C ASP A 75 6.36 10.56 -12.00
N LYS A 76 5.67 9.54 -11.49
CA LYS A 76 5.71 9.22 -10.06
C LYS A 76 7.15 9.18 -9.56
N GLY A 77 8.03 8.58 -10.34
CA GLY A 77 9.43 8.49 -9.96
C GLY A 77 9.86 7.05 -9.68
N TYR A 78 9.50 6.14 -10.57
CA TYR A 78 9.84 4.73 -10.40
C TYR A 78 10.97 4.35 -11.34
N THR A 79 11.52 3.14 -11.15
CA THR A 79 12.61 2.65 -11.97
C THR A 79 12.50 1.15 -12.17
N LEU A 80 13.06 0.66 -13.28
CA LEU A 80 13.03 -0.77 -13.59
C LEU A 80 13.21 -1.60 -12.32
N THR A 81 14.22 -1.26 -11.52
CA THR A 81 14.49 -1.97 -10.28
C THR A 81 13.21 -2.22 -9.50
N GLN A 82 12.59 -1.14 -9.03
CA GLN A 82 11.35 -1.24 -8.26
C GLN A 82 10.20 -1.73 -9.13
N MET A 83 9.93 -0.99 -10.20
CA MET A 83 8.85 -1.34 -11.13
C MET A 83 8.78 -2.86 -11.30
N SER A 84 9.86 -3.44 -11.81
CA SER A 84 9.91 -4.88 -12.03
C SER A 84 9.52 -5.65 -10.77
N ASN A 85 10.08 -5.24 -9.64
CA ASN A 85 9.80 -5.89 -8.36
C ASN A 85 8.30 -5.85 -8.06
N PHE A 86 7.67 -4.72 -8.35
CA PHE A 86 6.24 -4.56 -8.11
C PHE A 86 5.43 -5.49 -9.02
N LEU A 87 5.61 -5.33 -10.32
CA LEU A 87 4.90 -6.13 -11.29
C LEU A 87 5.18 -7.62 -11.08
N LYS A 88 6.40 -7.92 -10.64
CA LYS A 88 6.79 -9.31 -10.38
C LYS A 88 5.92 -9.93 -9.29
N SER A 89 5.00 -10.79 -9.70
CA SER A 89 4.11 -11.45 -8.75
C SER A 89 4.61 -12.86 -8.43
N LYS A 90 5.92 -13.02 -8.40
CA LYS A 90 6.53 -14.31 -8.11
C LYS A 90 6.28 -15.30 -9.24
N THR A 91 6.39 -14.83 -10.48
CA THR A 91 6.18 -15.67 -11.64
C THR A 91 7.23 -15.41 -12.71
N ALA A 92 7.55 -16.44 -13.48
CA ALA A 92 8.54 -16.33 -14.55
C ALA A 92 8.20 -15.18 -15.48
N GLY A 93 7.02 -15.23 -16.08
CA GLY A 93 6.59 -14.18 -16.99
C GLY A 93 5.10 -13.97 -16.97
N LYS A 94 4.64 -13.07 -16.10
CA LYS A 94 3.21 -12.78 -15.99
C LYS A 94 2.87 -11.45 -16.66
N TYR A 95 3.51 -10.38 -16.20
CA TYR A 95 3.28 -9.05 -16.76
C TYR A 95 4.46 -8.61 -17.61
N ASP A 96 5.00 -9.53 -18.40
CA ASP A 96 6.14 -9.23 -19.26
C ASP A 96 5.76 -8.19 -20.30
N ARG A 97 4.57 -8.32 -20.86
CA ARG A 97 4.09 -7.38 -21.88
C ARG A 97 4.03 -5.97 -21.33
N VAL A 98 3.27 -5.78 -20.26
CA VAL A 98 3.13 -4.47 -19.63
C VAL A 98 4.48 -3.90 -19.24
N TYR A 99 5.27 -4.69 -18.53
CA TYR A 99 6.60 -4.26 -18.09
C TYR A 99 7.45 -3.83 -19.28
N ASN A 100 7.45 -4.65 -20.33
CA ASN A 100 8.22 -4.35 -21.53
C ASN A 100 8.01 -2.90 -21.97
N GLY A 101 6.76 -2.55 -22.26
CA GLY A 101 6.44 -1.20 -22.68
C GLY A 101 7.19 -0.15 -21.88
N TYR A 102 6.99 -0.15 -20.58
CA TYR A 102 7.65 0.80 -19.70
C TYR A 102 9.14 0.88 -20.00
N VAL A 103 9.79 -0.28 -20.02
CA VAL A 103 11.22 -0.34 -20.29
C VAL A 103 11.62 0.62 -21.40
N ILE A 104 11.00 0.46 -22.57
CA ILE A 104 11.29 1.33 -23.70
C ILE A 104 11.08 2.79 -23.35
N HIS A 105 9.91 3.10 -22.79
CA HIS A 105 9.58 4.46 -22.40
C HIS A 105 10.76 5.13 -21.71
N LEU A 106 11.26 4.50 -20.65
CA LEU A 106 12.38 5.04 -19.90
C LEU A 106 13.59 5.24 -20.81
N ASP A 107 13.67 4.43 -21.86
CA ASP A 107 14.78 4.52 -22.81
C ASP A 107 14.93 5.94 -23.34
N TYR A 108 13.88 6.74 -23.18
CA TYR A 108 13.89 8.12 -23.65
C TYR A 108 15.03 8.91 -23.02
N GLY A 1 -76.24 -4.37 72.55
CA GLY A 1 -74.93 -3.75 72.50
C GLY A 1 -74.01 -4.26 73.60
N SER A 2 -73.64 -3.39 74.53
CA SER A 2 -72.76 -3.76 75.62
C SER A 2 -72.61 -2.62 76.62
N SER A 3 -72.27 -2.95 77.86
CA SER A 3 -72.10 -1.96 78.90
C SER A 3 -71.03 -2.37 79.89
N GLY A 4 -70.74 -1.51 80.86
CA GLY A 4 -69.74 -1.81 81.86
C GLY A 4 -69.70 -0.79 82.98
N SER A 5 -68.63 -0.83 83.77
CA SER A 5 -68.48 0.09 84.89
C SER A 5 -67.03 0.18 85.33
N SER A 6 -66.73 1.17 86.18
CA SER A 6 -65.37 1.36 86.68
C SER A 6 -65.37 1.61 88.18
N GLY A 7 -64.23 1.39 88.81
CA GLY A 7 -64.12 1.60 90.24
C GLY A 7 -63.26 0.55 90.92
N ASN A 8 -62.00 0.89 91.18
CA ASN A 8 -61.07 -0.04 91.82
C ASN A 8 -59.83 0.69 92.30
N VAL A 9 -58.96 -0.03 93.01
CA VAL A 9 -57.72 0.54 93.52
C VAL A 9 -56.56 -0.41 93.34
N ASP A 10 -55.36 0.15 93.19
CA ASP A 10 -54.16 -0.66 93.00
C ASP A 10 -52.95 0.02 93.64
N SER A 11 -51.82 -0.69 93.67
CA SER A 11 -50.60 -0.16 94.26
C SER A 11 -49.60 0.21 93.18
N ASN A 12 -48.64 1.07 93.53
CA ASN A 12 -47.63 1.52 92.59
C ASN A 12 -46.27 0.93 92.94
N GLN A 13 -45.38 0.87 91.95
CA GLN A 13 -44.04 0.33 92.15
C GLN A 13 -43.00 1.15 91.39
N ASN A 14 -41.74 0.73 91.48
CA ASN A 14 -40.65 1.43 90.81
C ASN A 14 -40.25 0.71 89.53
N LYS A 15 -39.30 1.27 88.81
CA LYS A 15 -38.83 0.69 87.55
C LYS A 15 -37.63 1.45 87.00
N ALA A 16 -37.09 0.99 85.89
CA ALA A 16 -35.95 1.63 85.26
C ALA A 16 -36.23 1.93 83.79
N SER A 17 -35.24 2.53 83.12
CA SER A 17 -35.39 2.87 81.71
C SER A 17 -34.26 2.26 80.89
N MET A 18 -34.43 1.00 80.50
CA MET A 18 -33.42 0.30 79.70
C MET A 18 -33.27 0.95 78.32
N LEU A 19 -32.03 1.25 77.95
CA LEU A 19 -31.75 1.86 76.66
C LEU A 19 -30.77 1.03 75.85
N GLN A 20 -30.86 1.12 74.53
CA GLN A 20 -29.98 0.36 73.64
C GLN A 20 -30.20 0.76 72.19
N ALA A 21 -29.13 0.72 71.40
CA ALA A 21 -29.20 1.06 69.99
C ALA A 21 -27.88 0.78 69.29
N ARG A 22 -27.98 0.28 68.06
CA ARG A 22 -26.79 -0.04 67.27
C ARG A 22 -26.87 0.61 65.89
N LEU A 23 -25.74 0.59 65.17
CA LEU A 23 -25.68 1.17 63.84
C LEU A 23 -24.32 0.91 63.20
N ASN A 24 -24.22 1.18 61.90
CA ASN A 24 -22.98 0.98 61.17
C ASN A 24 -23.01 1.71 59.82
N ASP A 25 -21.82 1.94 59.25
CA ASP A 25 -21.72 2.63 57.98
C ASP A 25 -20.46 2.19 57.23
N GLU A 26 -20.56 2.11 55.91
CA GLU A 26 -19.44 1.70 55.08
C GLU A 26 -19.69 2.03 53.61
N ALA A 27 -18.61 2.15 52.84
CA ALA A 27 -18.71 2.47 51.42
C ALA A 27 -17.34 2.42 50.75
N GLY A 28 -17.34 2.44 49.42
CA GLY A 28 -16.10 2.40 48.68
C GLY A 28 -16.31 2.17 47.20
N GLY A 29 -15.29 2.43 46.40
CA GLY A 29 -15.39 2.24 44.96
C GLY A 29 -14.04 1.98 44.32
N THR A 30 -14.06 1.68 43.03
CA THR A 30 -12.83 1.39 42.28
C THR A 30 -12.97 1.79 40.82
N ARG A 31 -11.89 1.63 40.06
CA ARG A 31 -11.89 1.97 38.65
C ARG A 31 -10.77 1.24 37.91
N LEU A 32 -10.96 1.02 36.62
CA LEU A 32 -9.97 0.33 35.80
C LEU A 32 -9.84 0.99 34.43
N LEU A 33 -8.78 0.64 33.72
CA LEU A 33 -8.54 1.19 32.39
C LEU A 33 -8.69 0.12 31.31
N ARG A 34 -8.58 0.52 30.05
CA ARG A 34 -8.70 -0.40 28.94
C ARG A 34 -7.69 -0.08 27.85
N VAL A 35 -6.89 -1.08 27.47
CA VAL A 35 -5.87 -0.91 26.45
C VAL A 35 -6.29 -1.60 25.15
N HIS A 36 -6.03 -0.93 24.02
CA HIS A 36 -6.37 -1.50 22.71
C HIS A 36 -5.16 -2.15 22.08
N HIS A 37 -5.41 -3.20 21.30
CA HIS A 37 -4.32 -3.92 20.62
C HIS A 37 -4.26 -3.53 19.15
N GLU A 38 -3.26 -2.74 18.79
CA GLU A 38 -3.08 -2.30 17.40
C GLU A 38 -2.84 -3.49 16.48
N SER A 39 -3.34 -3.38 15.25
CA SER A 39 -3.18 -4.46 14.27
C SER A 39 -1.92 -4.26 13.45
N ASP A 40 -1.41 -5.35 12.88
CA ASP A 40 -0.20 -5.29 12.07
C ASP A 40 -0.55 -5.09 10.59
N THR A 41 -0.40 -3.87 10.12
CA THR A 41 -0.70 -3.54 8.73
C THR A 41 0.52 -3.00 8.01
N GLU A 42 1.11 -3.82 7.15
CA GLU A 42 2.30 -3.43 6.41
C GLU A 42 1.92 -2.59 5.20
N GLU A 43 2.02 -1.27 5.34
CA GLU A 43 1.68 -0.35 4.26
C GLU A 43 2.88 -0.15 3.33
N ARG A 44 4.03 0.19 3.91
CA ARG A 44 5.24 0.40 3.12
C ARG A 44 5.36 -0.63 2.01
N GLY A 45 5.40 -0.15 0.77
CA GLY A 45 5.51 -1.05 -0.37
C GLY A 45 4.18 -1.63 -0.78
N PHE A 46 3.36 -1.99 0.20
CA PHE A 46 2.05 -2.57 -0.07
C PHE A 46 1.18 -1.59 -0.84
N LEU A 47 0.91 -0.44 -0.25
CA LEU A 47 0.09 0.59 -0.88
C LEU A 47 0.65 0.97 -2.25
N GLU A 48 1.97 1.15 -2.31
CA GLU A 48 2.64 1.51 -3.55
C GLU A 48 2.43 0.44 -4.61
N LYS A 49 2.69 -0.81 -4.25
CA LYS A 49 2.52 -1.93 -5.18
C LYS A 49 1.08 -2.04 -5.65
N ALA A 50 0.14 -1.85 -4.72
CA ALA A 50 -1.28 -1.92 -5.06
C ALA A 50 -1.61 -1.02 -6.24
N ALA A 51 -1.27 0.26 -6.12
CA ALA A 51 -1.54 1.23 -7.17
C ALA A 51 -0.96 0.75 -8.50
N VAL A 52 0.32 0.40 -8.50
CA VAL A 52 0.99 -0.07 -9.71
C VAL A 52 0.26 -1.26 -10.31
N LYS A 53 0.09 -2.31 -9.50
CA LYS A 53 -0.59 -3.52 -9.96
C LYS A 53 -1.99 -3.20 -10.47
N LYS A 54 -2.61 -2.18 -9.88
CA LYS A 54 -3.95 -1.77 -10.29
C LYS A 54 -3.95 -1.26 -11.73
N MET A 55 -3.05 -0.34 -12.03
CA MET A 55 -2.94 0.22 -13.37
C MET A 55 -2.50 -0.83 -14.37
N ALA A 56 -1.55 -1.68 -13.95
CA ALA A 56 -1.04 -2.73 -14.82
C ALA A 56 -2.18 -3.60 -15.34
N LYS A 57 -3.01 -4.09 -14.43
CA LYS A 57 -4.14 -4.94 -14.80
C LYS A 57 -4.92 -4.34 -15.96
N ALA A 58 -5.30 -3.07 -15.81
CA ALA A 58 -6.06 -2.38 -16.84
C ALA A 58 -5.40 -2.54 -18.21
N ILE A 59 -4.07 -2.43 -18.23
CA ILE A 59 -3.32 -2.56 -19.47
C ILE A 59 -3.54 -3.93 -20.10
N MET A 60 -3.31 -4.98 -19.32
CA MET A 60 -3.49 -6.34 -19.79
C MET A 60 -4.76 -6.47 -20.62
N ALA A 61 -5.83 -5.83 -20.16
CA ALA A 61 -7.11 -5.87 -20.85
C ALA A 61 -7.11 -4.94 -22.06
N ASP A 62 -6.87 -3.65 -21.81
CA ASP A 62 -6.84 -2.66 -22.88
C ASP A 62 -5.44 -2.07 -23.04
N PRO A 63 -4.89 -2.16 -24.26
CA PRO A 63 -3.56 -1.63 -24.56
C PRO A 63 -3.51 -0.11 -24.54
N ASN A 64 -4.66 0.51 -24.75
CA ASN A 64 -4.75 1.97 -24.75
C ASN A 64 -4.20 2.55 -23.47
N LYS A 65 -4.67 2.04 -22.33
CA LYS A 65 -4.23 2.50 -21.02
C LYS A 65 -2.71 2.51 -20.95
N ALA A 66 -2.08 1.47 -21.49
CA ALA A 66 -0.63 1.35 -21.48
C ALA A 66 0.03 2.72 -21.67
N ASP A 67 -0.19 3.32 -22.83
CA ASP A 67 0.38 4.62 -23.14
C ASP A 67 0.31 5.55 -21.93
N GLU A 68 -0.89 5.77 -21.42
CA GLU A 68 -1.08 6.62 -20.26
C GLU A 68 -0.30 6.11 -19.06
N VAL A 69 -0.62 4.90 -18.63
CA VAL A 69 0.05 4.28 -17.49
C VAL A 69 1.56 4.53 -17.54
N TYR A 70 2.19 4.02 -18.59
CA TYR A 70 3.63 4.18 -18.77
C TYR A 70 4.09 5.54 -18.26
N LYS A 71 3.49 6.60 -18.80
CA LYS A 71 3.83 7.96 -18.41
C LYS A 71 3.65 8.16 -16.90
N LYS A 72 2.48 7.79 -16.40
CA LYS A 72 2.18 7.92 -14.97
C LYS A 72 3.30 7.33 -14.14
N TRP A 73 3.56 6.05 -14.32
CA TRP A 73 4.61 5.35 -13.58
C TRP A 73 5.93 6.11 -13.66
N ALA A 74 6.24 6.61 -14.86
CA ALA A 74 7.47 7.35 -15.08
C ALA A 74 7.51 8.62 -14.22
N ASP A 75 6.35 9.22 -14.03
CA ASP A 75 6.25 10.44 -13.23
C ASP A 75 6.44 10.13 -11.74
N LYS A 76 5.65 9.19 -11.23
CA LYS A 76 5.72 8.80 -9.84
C LYS A 76 7.17 8.73 -9.37
N GLY A 77 8.04 8.23 -10.23
CA GLY A 77 9.45 8.12 -9.89
C GLY A 77 9.90 6.68 -9.70
N TYR A 78 9.61 5.83 -10.67
CA TYR A 78 9.97 4.43 -10.61
C TYR A 78 11.07 4.10 -11.62
N THR A 79 11.50 2.84 -11.62
CA THR A 79 12.54 2.39 -12.53
C THR A 79 12.55 0.87 -12.66
N LEU A 80 13.13 0.38 -13.75
CA LEU A 80 13.21 -1.06 -13.98
C LEU A 80 13.39 -1.82 -12.67
N THR A 81 14.28 -1.32 -11.82
CA THR A 81 14.55 -1.95 -10.54
C THR A 81 13.28 -2.00 -9.68
N GLN A 82 12.61 -0.86 -9.56
CA GLN A 82 11.39 -0.78 -8.76
C GLN A 82 10.20 -1.35 -9.53
N MET A 83 9.90 -0.75 -10.67
CA MET A 83 8.79 -1.21 -11.51
C MET A 83 8.65 -2.73 -11.45
N SER A 84 9.72 -3.43 -11.78
CA SER A 84 9.72 -4.88 -11.76
C SER A 84 9.26 -5.42 -10.42
N ASN A 85 9.90 -4.94 -9.36
CA ASN A 85 9.57 -5.36 -8.00
C ASN A 85 8.07 -5.23 -7.74
N PHE A 86 7.42 -4.37 -8.51
CA PHE A 86 5.98 -4.15 -8.37
C PHE A 86 5.20 -5.04 -9.33
N LEU A 87 5.80 -5.34 -10.48
CA LEU A 87 5.15 -6.18 -11.48
C LEU A 87 5.72 -7.60 -11.43
N LYS A 88 6.08 -8.05 -10.23
CA LYS A 88 6.62 -9.39 -10.05
C LYS A 88 5.50 -10.41 -9.82
N SER A 89 4.46 -9.97 -9.12
CA SER A 89 3.33 -10.85 -8.82
C SER A 89 3.80 -12.27 -8.50
N LYS A 90 4.98 -12.36 -7.87
CA LYS A 90 5.54 -13.65 -7.51
C LYS A 90 5.35 -14.67 -8.63
N THR A 91 5.60 -14.24 -9.86
CA THR A 91 5.46 -15.11 -11.02
C THR A 91 6.67 -15.01 -11.94
N ALA A 92 7.80 -14.59 -11.38
CA ALA A 92 9.03 -14.45 -12.14
C ALA A 92 8.78 -13.72 -13.46
N GLY A 93 7.74 -12.88 -13.48
CA GLY A 93 7.42 -12.13 -14.67
C GLY A 93 5.96 -12.30 -15.08
N LYS A 94 5.07 -11.84 -14.21
CA LYS A 94 3.64 -11.93 -14.48
C LYS A 94 3.22 -10.95 -15.58
N TYR A 95 3.65 -9.70 -15.43
CA TYR A 95 3.33 -8.66 -16.40
C TYR A 95 4.53 -8.35 -17.29
N ASP A 96 4.90 -9.31 -18.13
CA ASP A 96 6.03 -9.13 -19.03
C ASP A 96 5.68 -8.18 -20.16
N ARG A 97 4.52 -8.38 -20.76
CA ARG A 97 4.07 -7.54 -21.86
C ARG A 97 4.01 -6.08 -21.44
N VAL A 98 3.38 -5.82 -20.31
CA VAL A 98 3.25 -4.45 -19.79
C VAL A 98 4.62 -3.89 -19.40
N TYR A 99 5.41 -4.70 -18.70
CA TYR A 99 6.74 -4.28 -18.27
C TYR A 99 7.58 -3.85 -19.46
N ASN A 100 7.53 -4.63 -20.54
CA ASN A 100 8.30 -4.33 -21.74
C ASN A 100 8.16 -2.87 -22.12
N GLY A 101 6.92 -2.42 -22.33
CA GLY A 101 6.68 -1.04 -22.68
C GLY A 101 7.47 -0.07 -21.84
N TYR A 102 7.24 -0.09 -20.54
CA TYR A 102 7.94 0.80 -19.61
C TYR A 102 9.42 0.84 -19.93
N VAL A 103 10.06 -0.33 -19.94
CA VAL A 103 11.48 -0.43 -20.22
C VAL A 103 11.90 0.56 -21.30
N ILE A 104 11.21 0.50 -22.45
CA ILE A 104 11.51 1.39 -23.56
C ILE A 104 11.13 2.83 -23.23
N HIS A 105 9.91 3.03 -22.73
CA HIS A 105 9.43 4.36 -22.37
C HIS A 105 10.55 5.19 -21.74
N LEU A 106 11.11 4.69 -20.65
CA LEU A 106 12.19 5.37 -19.96
C LEU A 106 13.33 5.69 -20.90
N ASP A 107 13.61 4.77 -21.82
CA ASP A 107 14.68 4.96 -22.80
C ASP A 107 14.75 6.40 -23.26
N TYR A 108 13.59 7.05 -23.34
CA TYR A 108 13.53 8.45 -23.77
C TYR A 108 14.69 9.24 -23.20
N GLY A 1 19.85 -77.36 -4.90
CA GLY A 1 19.62 -76.72 -3.62
C GLY A 1 18.58 -75.61 -3.71
N SER A 2 17.83 -75.42 -2.63
CA SER A 2 16.81 -74.39 -2.59
C SER A 2 16.27 -74.21 -1.16
N SER A 3 15.55 -73.11 -0.95
CA SER A 3 14.98 -72.82 0.37
C SER A 3 13.94 -71.71 0.28
N GLY A 4 12.84 -71.87 0.99
CA GLY A 4 11.78 -70.88 0.98
C GLY A 4 11.86 -69.94 2.18
N SER A 5 11.00 -68.93 2.18
CA SER A 5 10.98 -67.96 3.27
C SER A 5 9.79 -67.02 3.12
N SER A 6 8.89 -67.03 4.11
CA SER A 6 7.71 -66.18 4.10
C SER A 6 7.58 -65.42 5.41
N GLY A 7 6.90 -64.28 5.35
CA GLY A 7 6.71 -63.47 6.54
C GLY A 7 6.13 -62.10 6.23
N ASN A 8 5.52 -61.48 7.23
CA ASN A 8 4.91 -60.17 7.05
C ASN A 8 4.98 -59.35 8.35
N VAL A 9 4.64 -58.07 8.26
CA VAL A 9 4.67 -57.19 9.42
C VAL A 9 3.52 -56.18 9.37
N ASP A 10 2.94 -55.90 10.53
CA ASP A 10 1.84 -54.95 10.62
C ASP A 10 2.20 -53.79 11.54
N SER A 11 1.28 -52.83 11.64
CA SER A 11 1.51 -51.65 12.49
C SER A 11 0.17 -51.04 12.92
N ASN A 12 0.26 -49.96 13.70
CA ASN A 12 -0.94 -49.28 14.18
C ASN A 12 -0.66 -47.81 14.43
N GLN A 13 -1.70 -47.05 14.76
CA GLN A 13 -1.57 -45.62 15.03
C GLN A 13 -2.60 -45.16 16.04
N ASN A 14 -2.36 -44.00 16.64
CA ASN A 14 -3.27 -43.44 17.63
C ASN A 14 -3.15 -41.91 17.68
N LYS A 15 -4.15 -41.27 18.28
CA LYS A 15 -4.15 -39.82 18.40
C LYS A 15 -3.78 -39.39 19.82
N ALA A 16 -2.53 -38.98 20.01
CA ALA A 16 -2.06 -38.53 21.31
C ALA A 16 -2.07 -37.01 21.41
N SER A 17 -1.58 -36.36 20.37
CA SER A 17 -1.51 -34.90 20.34
C SER A 17 -0.93 -34.36 21.64
N MET A 18 0.03 -35.09 22.21
CA MET A 18 0.67 -34.68 23.45
C MET A 18 1.78 -33.68 23.18
N LEU A 19 2.13 -32.90 24.20
CA LEU A 19 3.18 -31.89 24.07
C LEU A 19 3.71 -31.49 25.44
N GLN A 20 5.04 -31.34 25.54
CA GLN A 20 5.67 -30.95 26.79
C GLN A 20 7.15 -30.62 26.57
N ALA A 21 7.57 -29.48 27.09
CA ALA A 21 8.95 -29.03 26.96
C ALA A 21 9.47 -28.46 28.27
N ARG A 22 10.38 -29.20 28.92
CA ARG A 22 10.96 -28.76 30.18
C ARG A 22 12.48 -28.77 30.12
N LEU A 23 13.02 -28.43 28.95
CA LEU A 23 14.48 -28.40 28.76
C LEU A 23 14.84 -27.72 27.44
N ASN A 24 15.99 -27.06 27.42
CA ASN A 24 16.44 -26.36 26.23
C ASN A 24 17.74 -26.97 25.71
N ASP A 25 17.70 -27.46 24.47
CA ASP A 25 18.88 -28.07 23.86
C ASP A 25 19.24 -27.36 22.55
N GLU A 26 18.24 -27.13 21.71
CA GLU A 26 18.45 -26.47 20.43
C GLU A 26 18.77 -24.99 20.64
N ALA A 27 18.35 -24.46 21.77
CA ALA A 27 18.59 -23.05 22.09
C ALA A 27 18.53 -22.19 20.84
N GLY A 28 17.48 -22.35 20.06
CA GLY A 28 17.33 -21.57 18.84
C GLY A 28 15.87 -21.35 18.46
N GLY A 29 15.04 -21.09 19.46
CA GLY A 29 13.63 -20.85 19.22
C GLY A 29 13.34 -19.45 18.74
N THR A 30 12.33 -18.81 19.33
CA THR A 30 11.95 -17.46 18.96
C THR A 30 10.93 -16.89 19.93
N ARG A 31 11.18 -15.66 20.38
CA ARG A 31 10.27 -15.00 21.32
C ARG A 31 9.77 -13.68 20.75
N LEU A 32 8.68 -13.75 19.99
CA LEU A 32 8.09 -12.55 19.38
C LEU A 32 6.98 -11.99 20.25
N LEU A 33 7.26 -10.86 20.89
CA LEU A 33 6.27 -10.22 21.75
C LEU A 33 5.80 -8.89 21.16
N ARG A 34 4.59 -8.89 20.61
CA ARG A 34 4.02 -7.68 20.02
C ARG A 34 3.74 -6.63 21.09
N VAL A 35 4.56 -5.58 21.11
CA VAL A 35 4.39 -4.51 22.08
C VAL A 35 3.65 -3.32 21.45
N HIS A 36 2.71 -3.63 20.55
CA HIS A 36 1.93 -2.58 19.90
C HIS A 36 0.73 -3.19 19.17
N HIS A 37 -0.46 -2.80 19.57
CA HIS A 37 -1.68 -3.29 18.96
C HIS A 37 -2.08 -2.44 17.76
N GLU A 38 -1.15 -2.24 16.85
CA GLU A 38 -1.40 -1.44 15.65
C GLU A 38 -0.74 -2.07 14.43
N SER A 39 -1.01 -1.49 13.26
CA SER A 39 -0.45 -2.00 12.01
C SER A 39 0.96 -1.47 11.80
N ASP A 40 1.69 -2.08 10.86
CA ASP A 40 3.04 -1.66 10.56
C ASP A 40 3.07 -0.49 9.59
N THR A 41 4.25 0.00 9.27
CA THR A 41 4.41 1.12 8.36
C THR A 41 5.06 0.68 7.05
N GLU A 42 4.75 -0.53 6.61
CA GLU A 42 5.30 -1.07 5.37
C GLU A 42 4.49 -0.62 4.17
N GLU A 43 3.95 0.60 4.24
CA GLU A 43 3.14 1.14 3.15
C GLU A 43 4.01 1.46 1.93
N ARG A 44 5.22 1.95 2.19
CA ARG A 44 6.14 2.29 1.12
C ARG A 44 6.04 1.28 -0.02
N GLY A 45 5.81 0.02 0.32
CA GLY A 45 5.69 -1.01 -0.69
C GLY A 45 4.30 -1.59 -0.76
N PHE A 46 3.72 -1.89 0.39
CA PHE A 46 2.38 -2.46 0.45
C PHE A 46 1.42 -1.69 -0.46
N LEU A 47 1.30 -0.39 -0.22
CA LEU A 47 0.42 0.47 -1.00
C LEU A 47 0.87 0.50 -2.46
N GLU A 48 2.10 0.94 -2.69
CA GLU A 48 2.64 1.01 -4.05
C GLU A 48 2.30 -0.24 -4.84
N LYS A 49 2.81 -1.38 -4.38
CA LYS A 49 2.57 -2.65 -5.06
C LYS A 49 1.15 -2.70 -5.62
N ALA A 50 0.18 -2.36 -4.78
CA ALA A 50 -1.22 -2.38 -5.19
C ALA A 50 -1.45 -1.40 -6.34
N ALA A 51 -0.99 -0.16 -6.17
CA ALA A 51 -1.15 0.85 -7.20
C ALA A 51 -0.56 0.39 -8.53
N VAL A 52 0.76 0.25 -8.56
CA VAL A 52 1.46 -0.19 -9.77
C VAL A 52 0.75 -1.36 -10.42
N LYS A 53 0.48 -2.39 -9.63
CA LYS A 53 -0.20 -3.59 -10.13
C LYS A 53 -1.53 -3.22 -10.78
N LYS A 54 -2.42 -2.62 -10.00
CA LYS A 54 -3.73 -2.21 -10.50
C LYS A 54 -3.62 -1.64 -11.91
N MET A 55 -2.81 -0.60 -12.07
CA MET A 55 -2.61 0.03 -13.36
C MET A 55 -2.35 -1.01 -14.44
N ALA A 56 -1.43 -1.93 -14.17
CA ALA A 56 -1.09 -2.98 -15.11
C ALA A 56 -2.33 -3.73 -15.57
N LYS A 57 -3.09 -4.25 -14.61
CA LYS A 57 -4.32 -4.98 -14.92
C LYS A 57 -5.08 -4.32 -16.06
N ALA A 58 -5.42 -3.05 -15.87
CA ALA A 58 -6.15 -2.30 -16.88
C ALA A 58 -5.54 -2.47 -18.26
N ILE A 59 -4.23 -2.27 -18.35
CA ILE A 59 -3.50 -2.41 -19.61
C ILE A 59 -3.81 -3.76 -20.26
N MET A 60 -3.57 -4.83 -19.52
CA MET A 60 -3.82 -6.17 -20.02
C MET A 60 -5.14 -6.23 -20.79
N ALA A 61 -6.09 -5.41 -20.39
CA ALA A 61 -7.40 -5.36 -21.04
C ALA A 61 -7.35 -4.49 -22.30
N ASP A 62 -6.75 -3.31 -22.16
CA ASP A 62 -6.65 -2.38 -23.28
C ASP A 62 -5.23 -1.82 -23.40
N PRO A 63 -4.73 -1.75 -24.63
CA PRO A 63 -3.38 -1.24 -24.90
C PRO A 63 -3.27 0.27 -24.66
N ASN A 64 -4.28 1.01 -25.07
CA ASN A 64 -4.31 2.45 -24.90
C ASN A 64 -4.00 2.83 -23.45
N LYS A 65 -4.55 2.06 -22.52
CA LYS A 65 -4.32 2.32 -21.10
C LYS A 65 -2.83 2.26 -20.76
N ALA A 66 -2.07 1.55 -21.58
CA ALA A 66 -0.63 1.43 -21.38
C ALA A 66 0.07 2.77 -21.54
N ASP A 67 -0.25 3.46 -22.63
CA ASP A 67 0.35 4.77 -22.91
C ASP A 67 0.18 5.71 -21.72
N GLU A 68 -1.07 5.95 -21.33
CA GLU A 68 -1.36 6.83 -20.20
C GLU A 68 -0.50 6.48 -19.00
N VAL A 69 -0.48 5.21 -18.64
CA VAL A 69 0.32 4.74 -17.51
C VAL A 69 1.80 5.01 -17.72
N TYR A 70 2.36 4.36 -18.74
CA TYR A 70 3.77 4.52 -19.06
C TYR A 70 4.24 5.94 -18.78
N LYS A 71 3.38 6.91 -19.07
CA LYS A 71 3.69 8.32 -18.85
C LYS A 71 3.50 8.70 -17.38
N LYS A 72 2.39 8.25 -16.81
CA LYS A 72 2.08 8.53 -15.40
C LYS A 72 3.19 8.01 -14.49
N TRP A 73 3.46 6.72 -14.58
CA TRP A 73 4.50 6.09 -13.76
C TRP A 73 5.75 6.97 -13.71
N ALA A 74 6.44 7.07 -14.84
CA ALA A 74 7.66 7.88 -14.93
C ALA A 74 7.54 9.13 -14.07
N ASP A 75 6.34 9.69 -14.00
CA ASP A 75 6.10 10.90 -13.21
C ASP A 75 6.34 10.62 -11.72
N LYS A 76 5.69 9.59 -11.19
CA LYS A 76 5.83 9.24 -9.79
C LYS A 76 7.30 9.13 -9.41
N GLY A 77 8.10 8.51 -10.27
CA GLY A 77 9.52 8.35 -10.01
C GLY A 77 9.92 6.90 -9.79
N TYR A 78 9.35 6.01 -10.61
CA TYR A 78 9.65 4.59 -10.50
C TYR A 78 10.76 4.20 -11.47
N THR A 79 11.41 3.08 -11.17
CA THR A 79 12.50 2.58 -12.02
C THR A 79 12.42 1.07 -12.20
N LEU A 80 12.94 0.59 -13.31
CA LEU A 80 12.93 -0.85 -13.60
C LEU A 80 13.10 -1.66 -12.32
N THR A 81 14.03 -1.23 -11.47
CA THR A 81 14.29 -1.92 -10.21
C THR A 81 13.02 -2.03 -9.38
N GLN A 82 12.39 -0.88 -9.12
CA GLN A 82 11.17 -0.85 -8.33
C GLN A 82 9.98 -1.35 -9.14
N MET A 83 9.73 -0.70 -10.27
CA MET A 83 8.62 -1.09 -11.14
C MET A 83 8.42 -2.60 -11.14
N SER A 84 9.41 -3.33 -11.65
CA SER A 84 9.35 -4.78 -11.70
C SER A 84 8.95 -5.36 -10.36
N ASN A 85 9.71 -5.03 -9.32
CA ASN A 85 9.43 -5.52 -7.98
C ASN A 85 7.94 -5.43 -7.67
N PHE A 86 7.28 -4.43 -8.22
CA PHE A 86 5.85 -4.25 -8.01
C PHE A 86 5.04 -5.20 -8.88
N LEU A 87 5.38 -5.26 -10.16
CA LEU A 87 4.68 -6.14 -11.10
C LEU A 87 5.28 -7.53 -11.08
N LYS A 88 5.84 -7.93 -9.94
CA LYS A 88 6.45 -9.24 -9.79
C LYS A 88 5.38 -10.34 -9.82
N SER A 89 4.30 -10.14 -9.06
CA SER A 89 3.22 -11.10 -9.00
C SER A 89 3.74 -12.49 -8.64
N LYS A 90 4.65 -12.54 -7.67
CA LYS A 90 5.24 -13.80 -7.24
C LYS A 90 5.46 -14.74 -8.42
N THR A 91 5.88 -14.18 -9.55
CA THR A 91 6.12 -14.96 -10.75
C THR A 91 7.33 -14.43 -11.51
N ALA A 92 8.12 -15.35 -12.07
CA ALA A 92 9.30 -14.97 -12.84
C ALA A 92 9.01 -13.77 -13.74
N GLY A 93 8.01 -13.92 -14.61
CA GLY A 93 7.66 -12.85 -15.51
C GLY A 93 6.21 -12.92 -15.97
N LYS A 94 5.29 -12.72 -15.02
CA LYS A 94 3.87 -12.77 -15.33
C LYS A 94 3.43 -11.51 -16.07
N TYR A 95 3.81 -10.36 -15.54
CA TYR A 95 3.46 -9.08 -16.14
C TYR A 95 4.56 -8.60 -17.08
N ASP A 96 5.15 -9.53 -17.83
CA ASP A 96 6.21 -9.19 -18.77
C ASP A 96 5.67 -8.33 -19.91
N ARG A 97 4.44 -8.59 -20.32
CA ARG A 97 3.81 -7.83 -21.39
C ARG A 97 3.73 -6.35 -21.04
N VAL A 98 3.55 -6.06 -19.76
CA VAL A 98 3.46 -4.68 -19.29
C VAL A 98 4.83 -4.10 -19.01
N TYR A 99 5.68 -4.88 -18.35
CA TYR A 99 7.03 -4.44 -18.02
C TYR A 99 7.79 -4.02 -19.27
N ASN A 100 7.60 -4.79 -20.35
CA ASN A 100 8.27 -4.50 -21.61
C ASN A 100 8.10 -3.03 -22.00
N GLY A 101 6.86 -2.65 -22.28
CA GLY A 101 6.58 -1.28 -22.65
C GLY A 101 7.39 -0.28 -21.86
N TYR A 102 7.14 -0.23 -20.55
CA TYR A 102 7.87 0.70 -19.68
C TYR A 102 9.33 0.80 -20.07
N VAL A 103 10.04 -0.33 -19.99
CA VAL A 103 11.45 -0.38 -20.34
C VAL A 103 11.76 0.57 -21.49
N ILE A 104 11.10 0.35 -22.62
CA ILE A 104 11.30 1.19 -23.79
C ILE A 104 10.84 2.63 -23.53
N HIS A 105 9.70 2.77 -22.87
CA HIS A 105 9.15 4.08 -22.57
C HIS A 105 10.20 4.96 -21.90
N LEU A 106 11.09 4.34 -21.13
CA LEU A 106 12.15 5.06 -20.43
C LEU A 106 13.31 5.37 -21.37
N ASP A 107 13.50 4.50 -22.35
CA ASP A 107 14.58 4.68 -23.33
C ASP A 107 14.42 6.01 -24.07
N TYR A 108 13.23 6.60 -23.97
CA TYR A 108 12.96 7.86 -24.65
C TYR A 108 14.15 8.79 -24.57
N GLY A 1 -42.43 -22.00 0.70
CA GLY A 1 -42.97 -20.90 1.47
C GLY A 1 -43.46 -19.75 0.60
N SER A 2 -43.10 -18.53 0.98
CA SER A 2 -43.51 -17.35 0.23
C SER A 2 -42.33 -16.41 0.02
N SER A 3 -42.58 -15.32 -0.70
CA SER A 3 -41.54 -14.33 -0.98
C SER A 3 -42.15 -12.95 -1.25
N GLY A 4 -41.29 -11.97 -1.47
CA GLY A 4 -41.76 -10.62 -1.73
C GLY A 4 -40.73 -9.77 -2.46
N SER A 5 -41.14 -8.59 -2.88
CA SER A 5 -40.24 -7.68 -3.61
C SER A 5 -40.51 -6.23 -3.23
N SER A 6 -39.61 -5.34 -3.62
CA SER A 6 -39.74 -3.92 -3.31
C SER A 6 -38.70 -3.11 -4.06
N GLY A 7 -38.85 -1.78 -4.02
CA GLY A 7 -37.91 -0.91 -4.69
C GLY A 7 -38.34 0.54 -4.67
N ASN A 8 -37.43 1.43 -5.04
CA ASN A 8 -37.74 2.87 -5.06
C ASN A 8 -36.74 3.63 -5.93
N VAL A 9 -36.99 4.91 -6.14
CA VAL A 9 -36.12 5.74 -6.95
C VAL A 9 -36.54 7.21 -6.90
N ASP A 10 -35.60 8.10 -7.21
CA ASP A 10 -35.89 9.53 -7.20
C ASP A 10 -34.78 10.31 -7.91
N SER A 11 -34.98 11.61 -8.04
CA SER A 11 -34.00 12.46 -8.71
C SER A 11 -33.73 13.73 -7.89
N ASN A 12 -32.73 14.50 -8.32
CA ASN A 12 -32.37 15.73 -7.62
C ASN A 12 -31.33 16.51 -8.42
N GLN A 13 -31.09 17.76 -8.01
CA GLN A 13 -30.12 18.61 -8.68
C GLN A 13 -29.10 19.15 -7.69
N ASN A 14 -28.09 19.85 -8.21
CA ASN A 14 -27.05 20.42 -7.37
C ASN A 14 -26.28 21.51 -8.12
N LYS A 15 -25.59 22.36 -7.37
CA LYS A 15 -24.81 23.44 -7.96
C LYS A 15 -24.01 24.19 -6.90
N ALA A 16 -22.82 24.63 -7.26
CA ALA A 16 -21.96 25.36 -6.33
C ALA A 16 -21.04 26.33 -7.08
N SER A 17 -20.30 27.13 -6.33
CA SER A 17 -19.39 28.10 -6.92
C SER A 17 -18.26 27.40 -7.67
N MET A 18 -17.62 26.44 -7.01
CA MET A 18 -16.52 25.69 -7.62
C MET A 18 -15.62 26.62 -8.43
N LEU A 19 -15.42 27.83 -7.92
CA LEU A 19 -14.57 28.82 -8.60
C LEU A 19 -13.35 29.14 -7.76
N GLN A 20 -13.56 29.36 -6.47
CA GLN A 20 -12.48 29.68 -5.55
C GLN A 20 -11.21 28.91 -5.92
N ALA A 21 -10.14 29.64 -6.18
CA ALA A 21 -8.87 29.02 -6.54
C ALA A 21 -7.91 29.01 -5.37
N ARG A 22 -6.91 28.14 -5.42
CA ARG A 22 -5.92 28.03 -4.35
C ARG A 22 -4.78 27.11 -4.76
N LEU A 23 -3.68 27.17 -4.00
CA LEU A 23 -2.51 26.33 -4.29
C LEU A 23 -2.93 24.98 -4.84
N ASN A 24 -2.58 24.72 -6.10
CA ASN A 24 -2.92 23.47 -6.75
C ASN A 24 -1.72 22.53 -6.77
N ASP A 25 -0.66 22.95 -7.44
CA ASP A 25 0.56 22.15 -7.54
C ASP A 25 1.41 22.31 -6.28
N GLU A 26 2.15 21.25 -5.94
CA GLU A 26 3.00 21.28 -4.76
C GLU A 26 4.32 20.57 -5.03
N ALA A 27 5.34 20.88 -4.23
CA ALA A 27 6.65 20.28 -4.39
C ALA A 27 6.83 19.10 -3.44
N GLY A 28 6.27 17.95 -3.81
CA GLY A 28 6.38 16.77 -2.98
C GLY A 28 5.43 16.79 -1.80
N GLY A 29 5.98 16.97 -0.60
CA GLY A 29 5.14 17.01 0.58
C GLY A 29 5.82 17.74 1.73
N THR A 30 5.30 17.53 2.95
CA THR A 30 5.86 18.18 4.13
C THR A 30 6.48 17.15 5.07
N ARG A 31 7.57 17.54 5.73
CA ARG A 31 8.26 16.65 6.66
C ARG A 31 8.79 17.43 7.86
N LEU A 32 8.24 17.15 9.03
CA LEU A 32 8.65 17.83 10.25
C LEU A 32 9.67 16.99 11.02
N LEU A 33 10.50 17.65 11.82
CA LEU A 33 11.51 16.95 12.61
C LEU A 33 11.34 17.27 14.10
N ARG A 34 10.73 16.36 14.83
CA ARG A 34 10.52 16.54 16.26
C ARG A 34 11.03 15.33 17.05
N VAL A 35 11.94 15.58 17.98
CA VAL A 35 12.50 14.51 18.80
C VAL A 35 12.85 13.29 17.95
N HIS A 36 13.56 13.52 16.85
CA HIS A 36 13.96 12.44 15.95
C HIS A 36 12.85 11.39 15.85
N HIS A 37 11.62 11.85 15.73
CA HIS A 37 10.47 10.96 15.62
C HIS A 37 10.74 9.86 14.59
N GLU A 38 10.63 8.61 15.01
CA GLU A 38 10.86 7.48 14.12
C GLU A 38 9.83 7.46 12.99
N SER A 39 10.24 6.93 11.84
CA SER A 39 9.37 6.85 10.69
C SER A 39 8.64 5.51 10.63
N ASP A 40 7.47 5.45 11.24
CA ASP A 40 6.67 4.22 11.27
C ASP A 40 5.55 4.29 10.23
N THR A 41 5.80 3.68 9.07
CA THR A 41 4.82 3.67 7.99
C THR A 41 4.95 2.42 7.14
N GLU A 42 4.00 1.51 7.26
CA GLU A 42 4.01 0.27 6.49
C GLU A 42 3.40 0.47 5.11
N GLU A 43 3.39 1.72 4.66
CA GLU A 43 2.84 2.06 3.35
C GLU A 43 3.83 1.74 2.24
N ARG A 44 5.04 2.26 2.37
CA ARG A 44 6.08 2.05 1.37
C ARG A 44 6.04 0.61 0.85
N GLY A 45 5.87 0.46 -0.46
CA GLY A 45 5.80 -0.86 -1.06
C GLY A 45 4.43 -1.49 -0.93
N PHE A 46 3.79 -1.30 0.23
CA PHE A 46 2.48 -1.85 0.47
C PHE A 46 1.44 -1.25 -0.49
N LEU A 47 1.23 0.06 -0.37
CA LEU A 47 0.28 0.76 -1.22
C LEU A 47 0.80 0.88 -2.64
N GLU A 48 2.10 1.16 -2.77
CA GLU A 48 2.72 1.31 -4.08
C GLU A 48 2.48 0.08 -4.94
N LYS A 49 2.98 -1.07 -4.47
CA LYS A 49 2.82 -2.33 -5.20
C LYS A 49 1.38 -2.51 -5.67
N ALA A 50 0.44 -2.11 -4.82
CA ALA A 50 -0.99 -2.23 -5.15
C ALA A 50 -1.34 -1.35 -6.34
N ALA A 51 -1.00 -0.07 -6.24
CA ALA A 51 -1.29 0.88 -7.32
C ALA A 51 -0.66 0.43 -8.63
N VAL A 52 0.67 0.33 -8.65
CA VAL A 52 1.39 -0.09 -9.84
C VAL A 52 0.75 -1.34 -10.46
N LYS A 53 0.57 -2.36 -9.64
CA LYS A 53 -0.03 -3.61 -10.09
C LYS A 53 -1.38 -3.36 -10.75
N LYS A 54 -2.26 -2.65 -10.04
CA LYS A 54 -3.58 -2.33 -10.55
C LYS A 54 -3.51 -1.74 -11.95
N MET A 55 -2.72 -0.67 -12.10
CA MET A 55 -2.56 -0.02 -13.38
C MET A 55 -2.10 -1.01 -14.45
N ALA A 56 -1.16 -1.87 -14.07
CA ALA A 56 -0.64 -2.87 -15.00
C ALA A 56 -1.77 -3.68 -15.63
N LYS A 57 -2.64 -4.22 -14.78
CA LYS A 57 -3.77 -5.03 -15.25
C LYS A 57 -4.57 -4.26 -16.30
N ALA A 58 -5.03 -3.07 -15.94
CA ALA A 58 -5.81 -2.24 -16.85
C ALA A 58 -5.18 -2.21 -18.25
N ILE A 59 -3.85 -2.17 -18.29
CA ILE A 59 -3.13 -2.13 -19.56
C ILE A 59 -3.29 -3.46 -20.30
N MET A 60 -2.93 -4.56 -19.64
CA MET A 60 -3.05 -5.88 -20.24
C MET A 60 -4.36 -6.03 -21.00
N ALA A 61 -5.42 -5.47 -20.44
CA ALA A 61 -6.74 -5.54 -21.07
C ALA A 61 -6.83 -4.62 -22.27
N ASP A 62 -6.66 -3.32 -22.03
CA ASP A 62 -6.72 -2.34 -23.10
C ASP A 62 -5.36 -1.67 -23.31
N PRO A 63 -4.89 -1.64 -24.56
CA PRO A 63 -3.60 -1.04 -24.91
C PRO A 63 -3.62 0.48 -24.78
N ASN A 64 -4.82 1.06 -24.84
CA ASN A 64 -4.98 2.50 -24.73
C ASN A 64 -4.39 3.02 -23.42
N LYS A 65 -4.77 2.39 -22.32
CA LYS A 65 -4.28 2.78 -21.00
C LYS A 65 -2.76 2.81 -20.97
N ALA A 66 -2.14 1.79 -21.58
CA ALA A 66 -0.69 1.70 -21.62
C ALA A 66 -0.06 3.09 -21.76
N ASP A 67 -0.29 3.72 -22.91
CA ASP A 67 0.25 5.05 -23.16
C ASP A 67 0.12 5.95 -21.93
N GLU A 68 -1.10 6.07 -21.43
CA GLU A 68 -1.35 6.90 -20.25
C GLU A 68 -0.51 6.42 -19.07
N VAL A 69 -0.77 5.20 -18.61
CA VAL A 69 -0.03 4.64 -17.49
C VAL A 69 1.46 4.90 -17.62
N TYR A 70 2.06 4.37 -18.67
CA TYR A 70 3.49 4.55 -18.92
C TYR A 70 3.96 5.92 -18.44
N LYS A 71 3.32 6.96 -18.97
CA LYS A 71 3.67 8.33 -18.60
C LYS A 71 3.39 8.58 -17.12
N LYS A 72 2.23 8.13 -16.66
CA LYS A 72 1.85 8.30 -15.26
C LYS A 72 2.92 7.76 -14.32
N TRP A 73 3.25 6.48 -14.49
CA TRP A 73 4.27 5.84 -13.66
C TRP A 73 5.50 6.74 -13.50
N ALA A 74 6.16 7.04 -14.62
CA ALA A 74 7.34 7.89 -14.61
C ALA A 74 7.07 9.18 -13.85
N ASP A 75 5.89 9.74 -14.04
CA ASP A 75 5.51 10.99 -13.37
C ASP A 75 5.48 10.79 -11.87
N LYS A 76 4.93 9.66 -11.43
CA LYS A 76 4.84 9.37 -10.00
C LYS A 76 6.22 9.37 -9.35
N GLY A 77 7.15 8.63 -9.95
CA GLY A 77 8.50 8.57 -9.42
C GLY A 77 8.97 7.15 -9.19
N TYR A 78 8.80 6.30 -10.20
CA TYR A 78 9.20 4.91 -10.11
C TYR A 78 10.36 4.61 -11.08
N THR A 79 10.93 3.42 -10.94
CA THR A 79 12.04 3.01 -11.80
C THR A 79 11.91 1.54 -12.20
N LEU A 80 12.79 1.10 -13.09
CA LEU A 80 12.78 -0.29 -13.55
C LEU A 80 12.96 -1.25 -12.38
N THR A 81 14.06 -1.11 -11.66
CA THR A 81 14.36 -1.96 -10.52
C THR A 81 13.11 -2.24 -9.70
N GLN A 82 12.49 -1.16 -9.21
CA GLN A 82 11.28 -1.29 -8.39
C GLN A 82 10.11 -1.74 -9.25
N MET A 83 9.75 -0.93 -10.25
CA MET A 83 8.64 -1.25 -11.13
C MET A 83 8.59 -2.75 -11.41
N SER A 84 9.66 -3.28 -12.00
CA SER A 84 9.73 -4.70 -12.32
C SER A 84 9.47 -5.55 -11.09
N ASN A 85 10.06 -5.16 -9.97
CA ASN A 85 9.89 -5.89 -8.72
C ASN A 85 8.43 -5.93 -8.31
N PHE A 86 7.75 -4.80 -8.43
CA PHE A 86 6.33 -4.71 -8.06
C PHE A 86 5.49 -5.61 -8.95
N LEU A 87 5.55 -5.36 -10.26
CA LEU A 87 4.79 -6.15 -11.22
C LEU A 87 5.05 -7.64 -11.05
N LYS A 88 6.24 -7.97 -10.56
CA LYS A 88 6.62 -9.36 -10.34
C LYS A 88 5.69 -10.02 -9.32
N SER A 89 4.64 -10.68 -9.81
CA SER A 89 3.68 -11.34 -8.94
C SER A 89 4.18 -12.74 -8.56
N LYS A 90 5.49 -12.86 -8.37
CA LYS A 90 6.09 -14.14 -7.99
C LYS A 90 5.70 -15.23 -8.97
N THR A 91 5.71 -14.90 -10.26
CA THR A 91 5.35 -15.86 -11.29
C THR A 91 6.30 -15.76 -12.48
N ALA A 92 6.53 -16.89 -13.15
CA ALA A 92 7.43 -16.93 -14.30
C ALA A 92 7.34 -15.63 -15.10
N GLY A 93 6.12 -15.20 -15.39
CA GLY A 93 5.93 -13.98 -16.15
C GLY A 93 4.46 -13.67 -16.38
N LYS A 94 3.83 -13.02 -15.41
CA LYS A 94 2.42 -12.67 -15.52
C LYS A 94 2.26 -11.30 -16.16
N TYR A 95 2.88 -10.28 -15.57
CA TYR A 95 2.80 -8.92 -16.09
C TYR A 95 4.03 -8.59 -16.95
N ASP A 96 4.43 -9.54 -17.78
CA ASP A 96 5.59 -9.35 -18.64
C ASP A 96 5.26 -8.38 -19.77
N ARG A 97 4.08 -8.53 -20.36
CA ARG A 97 3.65 -7.67 -21.45
C ARG A 97 3.68 -6.20 -21.02
N VAL A 98 3.17 -5.93 -19.82
CA VAL A 98 3.15 -4.56 -19.30
C VAL A 98 4.56 -4.02 -19.13
N TYR A 99 5.35 -4.67 -18.30
CA TYR A 99 6.71 -4.24 -18.04
C TYR A 99 7.45 -3.94 -19.35
N ASN A 100 7.47 -4.93 -20.24
CA ASN A 100 8.15 -4.78 -21.53
C ASN A 100 7.99 -3.36 -22.05
N GLY A 101 6.74 -2.86 -22.04
CA GLY A 101 6.48 -1.51 -22.52
C GLY A 101 7.25 -0.46 -21.74
N TYR A 102 7.09 -0.48 -20.42
CA TYR A 102 7.76 0.49 -19.56
C TYR A 102 9.27 0.52 -19.84
N VAL A 103 9.90 -0.65 -19.71
CA VAL A 103 11.34 -0.76 -19.96
C VAL A 103 11.77 0.14 -21.12
N ILE A 104 11.16 -0.08 -22.27
CA ILE A 104 11.48 0.71 -23.46
C ILE A 104 11.18 2.18 -23.24
N HIS A 105 10.11 2.46 -22.51
CA HIS A 105 9.71 3.84 -22.22
C HIS A 105 10.78 4.55 -21.39
N LEU A 106 11.39 3.82 -20.47
CA LEU A 106 12.43 4.37 -19.61
C LEU A 106 13.78 4.40 -20.34
N ASP A 107 14.03 3.36 -21.13
CA ASP A 107 15.28 3.26 -21.87
C ASP A 107 15.62 4.59 -22.54
N TYR A 108 14.59 5.34 -22.91
CA TYR A 108 14.78 6.63 -23.56
C TYR A 108 15.70 7.53 -22.75
N GLY A 1 -49.32 -99.17 -1.61
CA GLY A 1 -49.12 -97.75 -1.40
C GLY A 1 -48.58 -97.43 -0.02
N SER A 2 -47.33 -97.85 0.24
CA SER A 2 -46.71 -97.60 1.52
C SER A 2 -45.95 -96.28 1.53
N SER A 3 -45.20 -96.03 0.46
CA SER A 3 -44.42 -94.81 0.34
C SER A 3 -45.34 -93.58 0.41
N GLY A 4 -44.83 -92.52 1.03
CA GLY A 4 -45.62 -91.30 1.16
C GLY A 4 -45.17 -90.45 2.34
N SER A 5 -45.08 -89.14 2.12
CA SER A 5 -44.67 -88.22 3.16
C SER A 5 -45.23 -86.82 2.92
N SER A 6 -46.18 -86.42 3.76
CA SER A 6 -46.81 -85.11 3.63
C SER A 6 -46.47 -84.23 4.82
N GLY A 7 -45.48 -83.34 4.64
CA GLY A 7 -45.07 -82.46 5.70
C GLY A 7 -44.94 -81.02 5.23
N ASN A 8 -44.72 -80.11 6.18
CA ASN A 8 -44.58 -78.70 5.86
C ASN A 8 -43.87 -77.95 6.99
N VAL A 9 -43.20 -76.85 6.65
CA VAL A 9 -42.49 -76.04 7.63
C VAL A 9 -42.80 -74.56 7.45
N ASP A 10 -42.87 -73.84 8.56
CA ASP A 10 -43.15 -72.41 8.54
C ASP A 10 -41.99 -71.64 7.91
N SER A 11 -42.16 -70.33 7.78
CA SER A 11 -41.13 -69.49 7.19
C SER A 11 -40.97 -68.20 7.99
N ASN A 12 -39.98 -67.39 7.61
CA ASN A 12 -39.71 -66.13 8.29
C ASN A 12 -39.82 -64.96 7.31
N GLN A 13 -39.61 -63.75 7.84
CA GLN A 13 -39.68 -62.55 7.01
C GLN A 13 -39.14 -61.34 7.78
N ASN A 14 -38.61 -60.37 7.03
CA ASN A 14 -38.06 -59.16 7.64
C ASN A 14 -37.66 -58.15 6.56
N LYS A 15 -37.48 -56.90 6.98
CA LYS A 15 -37.09 -55.84 6.06
C LYS A 15 -36.20 -54.81 6.74
N ALA A 16 -35.72 -53.84 5.98
CA ALA A 16 -34.85 -52.81 6.52
C ALA A 16 -35.53 -51.43 6.44
N SER A 17 -35.72 -50.94 5.22
CA SER A 17 -36.35 -49.64 5.02
C SER A 17 -35.45 -48.52 5.50
N MET A 18 -34.15 -48.63 5.19
CA MET A 18 -33.18 -47.62 5.60
C MET A 18 -33.60 -46.23 5.11
N LEU A 19 -33.60 -45.26 6.02
CA LEU A 19 -33.98 -43.90 5.68
C LEU A 19 -33.08 -42.90 6.38
N GLN A 20 -32.97 -41.71 5.81
CA GLN A 20 -32.14 -40.65 6.39
C GLN A 20 -32.82 -39.29 6.25
N ALA A 21 -32.34 -38.32 7.03
CA ALA A 21 -32.90 -36.98 7.00
C ALA A 21 -32.05 -36.01 7.82
N ARG A 22 -32.29 -34.72 7.65
CA ARG A 22 -31.56 -33.69 8.38
C ARG A 22 -32.41 -33.10 9.50
N LEU A 23 -31.76 -32.37 10.40
CA LEU A 23 -32.47 -31.75 11.52
C LEU A 23 -32.16 -30.26 11.59
N ASN A 24 -32.75 -29.57 12.57
CA ASN A 24 -32.55 -28.15 12.74
C ASN A 24 -31.71 -27.87 13.98
N ASP A 25 -31.45 -26.58 14.25
CA ASP A 25 -30.68 -26.19 15.41
C ASP A 25 -31.40 -25.12 16.21
N GLU A 26 -30.89 -24.83 17.41
CA GLU A 26 -31.50 -23.83 18.27
C GLU A 26 -30.47 -22.75 18.67
N ALA A 27 -30.89 -21.50 18.56
CA ALA A 27 -30.02 -20.37 18.90
C ALA A 27 -30.45 -19.71 20.20
N GLY A 28 -29.60 -18.85 20.73
CA GLY A 28 -29.92 -18.17 21.98
C GLY A 28 -28.73 -18.11 22.92
N GLY A 29 -28.18 -16.91 23.10
CA GLY A 29 -27.04 -16.74 23.98
C GLY A 29 -26.59 -15.31 24.09
N THR A 30 -25.41 -15.09 24.67
CA THR A 30 -24.87 -13.75 24.83
C THR A 30 -24.19 -13.26 23.56
N ARG A 31 -23.94 -11.97 23.48
CA ARG A 31 -23.30 -11.38 22.32
C ARG A 31 -22.36 -10.25 22.73
N LEU A 32 -21.05 -10.46 22.51
CA LEU A 32 -20.05 -9.45 22.86
C LEU A 32 -18.95 -9.41 21.81
N LEU A 33 -18.60 -8.20 21.39
CA LEU A 33 -17.55 -8.00 20.40
C LEU A 33 -16.19 -7.81 21.06
N ARG A 34 -15.12 -8.05 20.31
CA ARG A 34 -13.77 -7.90 20.82
C ARG A 34 -12.85 -7.30 19.76
N VAL A 35 -11.73 -6.72 20.21
CA VAL A 35 -10.77 -6.12 19.30
C VAL A 35 -10.27 -7.13 18.26
N HIS A 36 -10.25 -6.72 17.01
CA HIS A 36 -9.80 -7.60 15.92
C HIS A 36 -8.61 -6.99 15.20
N HIS A 37 -8.04 -7.74 14.26
CA HIS A 37 -6.89 -7.28 13.50
C HIS A 37 -7.23 -6.01 12.72
N GLU A 38 -6.37 -5.01 12.83
CA GLU A 38 -6.58 -3.74 12.14
C GLU A 38 -5.62 -3.59 10.96
N SER A 39 -5.85 -2.56 10.14
CA SER A 39 -5.01 -2.31 8.98
C SER A 39 -3.53 -2.24 9.38
N ASP A 40 -2.66 -2.48 8.42
CA ASP A 40 -1.22 -2.45 8.67
C ASP A 40 -0.70 -1.01 8.68
N THR A 41 -0.49 -0.48 9.88
CA THR A 41 0.00 0.89 10.04
C THR A 41 1.22 1.14 9.14
N GLU A 42 1.88 0.06 8.76
CA GLU A 42 3.07 0.17 7.91
C GLU A 42 2.72 -0.10 6.45
N GLU A 43 3.26 0.71 5.55
CA GLU A 43 3.00 0.56 4.13
C GLU A 43 4.31 0.46 3.34
N ARG A 44 5.31 -0.16 3.96
CA ARG A 44 6.62 -0.31 3.31
C ARG A 44 6.47 -0.68 1.84
N GLY A 45 6.48 0.34 0.98
CA GLY A 45 6.33 0.10 -0.44
C GLY A 45 5.26 -0.92 -0.76
N PHE A 46 4.27 -1.03 0.12
CA PHE A 46 3.19 -1.99 -0.08
C PHE A 46 2.02 -1.35 -0.82
N LEU A 47 1.46 -0.30 -0.25
CA LEU A 47 0.35 0.41 -0.86
C LEU A 47 0.75 1.02 -2.20
N GLU A 48 1.97 1.57 -2.25
CA GLU A 48 2.48 2.19 -3.47
C GLU A 48 2.61 1.16 -4.58
N LYS A 49 3.01 -0.06 -4.22
CA LYS A 49 3.18 -1.13 -5.18
C LYS A 49 1.83 -1.71 -5.60
N ALA A 50 0.96 -1.93 -4.62
CA ALA A 50 -0.36 -2.47 -4.90
C ALA A 50 -1.06 -1.70 -6.01
N ALA A 51 -0.96 -0.37 -5.96
CA ALA A 51 -1.58 0.48 -6.98
C ALA A 51 -1.01 0.17 -8.36
N VAL A 52 0.31 0.16 -8.46
CA VAL A 52 0.99 -0.12 -9.73
C VAL A 52 0.40 -1.34 -10.41
N LYS A 53 0.25 -2.43 -9.65
CA LYS A 53 -0.31 -3.66 -10.18
C LYS A 53 -1.71 -3.43 -10.74
N LYS A 54 -2.55 -2.75 -9.98
CA LYS A 54 -3.91 -2.45 -10.40
C LYS A 54 -3.92 -1.83 -11.80
N MET A 55 -3.13 -0.78 -11.98
CA MET A 55 -3.04 -0.10 -13.26
C MET A 55 -2.63 -1.06 -14.36
N ALA A 56 -1.72 -1.97 -14.04
CA ALA A 56 -1.23 -2.95 -15.01
C ALA A 56 -2.38 -3.80 -15.54
N LYS A 57 -3.11 -4.44 -14.64
CA LYS A 57 -4.23 -5.29 -15.01
C LYS A 57 -5.05 -4.63 -16.12
N ALA A 58 -5.58 -3.44 -15.83
CA ALA A 58 -6.39 -2.70 -16.80
C ALA A 58 -5.71 -2.67 -18.17
N ILE A 59 -4.41 -2.44 -18.18
CA ILE A 59 -3.65 -2.39 -19.42
C ILE A 59 -3.73 -3.71 -20.17
N MET A 60 -3.48 -4.82 -19.46
CA MET A 60 -3.54 -6.14 -20.05
C MET A 60 -4.68 -6.24 -21.06
N ALA A 61 -5.85 -5.74 -20.67
CA ALA A 61 -7.02 -5.78 -21.54
C ALA A 61 -7.00 -4.62 -22.53
N ASP A 62 -6.71 -3.42 -22.03
CA ASP A 62 -6.66 -2.23 -22.87
C ASP A 62 -5.22 -1.79 -23.09
N PRO A 63 -4.70 -2.06 -24.30
CA PRO A 63 -3.33 -1.69 -24.67
C PRO A 63 -3.15 -0.19 -24.82
N ASN A 64 -4.18 0.48 -25.31
CA ASN A 64 -4.13 1.93 -25.51
C ASN A 64 -3.87 2.64 -24.19
N LYS A 65 -4.49 2.15 -23.12
CA LYS A 65 -4.32 2.73 -21.80
C LYS A 65 -2.85 2.74 -21.38
N ALA A 66 -2.15 1.66 -21.71
CA ALA A 66 -0.74 1.54 -21.38
C ALA A 66 0.00 2.86 -21.61
N ASP A 67 -0.20 3.43 -22.79
CA ASP A 67 0.44 4.70 -23.13
C ASP A 67 0.40 5.67 -21.96
N GLU A 68 -0.81 5.90 -21.44
CA GLU A 68 -0.99 6.82 -20.32
C GLU A 68 -0.28 6.29 -19.07
N VAL A 69 -0.70 5.12 -18.61
CA VAL A 69 -0.11 4.51 -17.41
C VAL A 69 1.41 4.67 -17.43
N TYR A 70 2.05 4.16 -18.48
CA TYR A 70 3.50 4.24 -18.60
C TYR A 70 4.01 5.59 -18.12
N LYS A 71 3.51 6.65 -18.72
CA LYS A 71 3.91 8.01 -18.36
C LYS A 71 3.66 8.27 -16.87
N LYS A 72 2.45 7.95 -16.42
CA LYS A 72 2.07 8.15 -15.04
C LYS A 72 3.13 7.57 -14.10
N TRP A 73 3.47 6.30 -14.31
CA TRP A 73 4.47 5.64 -13.48
C TRP A 73 5.77 6.43 -13.46
N ALA A 74 6.33 6.67 -14.63
CA ALA A 74 7.58 7.42 -14.74
C ALA A 74 7.51 8.72 -13.94
N ASP A 75 6.41 9.43 -14.08
CA ASP A 75 6.21 10.70 -13.37
C ASP A 75 6.33 10.49 -11.86
N LYS A 76 5.68 9.43 -11.37
CA LYS A 76 5.70 9.13 -9.94
C LYS A 76 7.14 8.97 -9.44
N GLY A 77 7.98 8.36 -10.26
CA GLY A 77 9.37 8.17 -9.88
C GLY A 77 9.72 6.71 -9.68
N TYR A 78 9.34 5.88 -10.66
CA TYR A 78 9.61 4.45 -10.58
C TYR A 78 10.71 4.06 -11.57
N THR A 79 11.48 3.03 -11.21
CA THR A 79 12.56 2.55 -12.07
C THR A 79 12.52 1.04 -12.22
N LEU A 80 13.06 0.54 -13.32
CA LEU A 80 13.09 -0.90 -13.58
C LEU A 80 13.23 -1.69 -12.29
N THR A 81 14.08 -1.20 -11.40
CA THR A 81 14.31 -1.86 -10.12
C THR A 81 13.02 -1.96 -9.31
N GLN A 82 12.37 -0.83 -9.09
CA GLN A 82 11.11 -0.80 -8.34
C GLN A 82 9.98 -1.36 -9.17
N MET A 83 9.77 -0.81 -10.36
CA MET A 83 8.71 -1.26 -11.24
C MET A 83 8.62 -2.78 -11.24
N SER A 84 9.73 -3.44 -11.53
CA SER A 84 9.78 -4.90 -11.56
C SER A 84 9.21 -5.49 -10.28
N ASN A 85 9.75 -5.05 -9.14
CA ASN A 85 9.30 -5.54 -7.85
C ASN A 85 7.79 -5.46 -7.73
N PHE A 86 7.21 -4.39 -8.28
CA PHE A 86 5.76 -4.19 -8.23
C PHE A 86 5.06 -5.13 -9.21
N LEU A 87 5.72 -5.43 -10.32
CA LEU A 87 5.15 -6.31 -11.33
C LEU A 87 5.84 -7.67 -11.31
N LYS A 88 6.33 -8.06 -10.15
CA LYS A 88 7.02 -9.34 -10.00
C LYS A 88 6.03 -10.50 -10.04
N SER A 89 4.95 -10.38 -9.27
CA SER A 89 3.92 -11.42 -9.22
C SER A 89 4.56 -12.80 -9.11
N LYS A 90 5.71 -12.87 -8.45
CA LYS A 90 6.42 -14.13 -8.28
C LYS A 90 6.39 -14.95 -9.57
N THR A 91 6.24 -14.27 -10.69
CA THR A 91 6.20 -14.94 -12.00
C THR A 91 7.23 -14.35 -12.95
N ALA A 92 7.80 -15.19 -13.79
CA ALA A 92 8.80 -14.76 -14.76
C ALA A 92 8.22 -14.70 -16.16
N GLY A 93 6.99 -14.21 -16.27
CA GLY A 93 6.33 -14.12 -17.56
C GLY A 93 4.84 -13.85 -17.44
N LYS A 94 4.48 -12.94 -16.54
CA LYS A 94 3.07 -12.60 -16.33
C LYS A 94 2.77 -11.21 -16.89
N TYR A 95 3.51 -10.21 -16.41
CA TYR A 95 3.31 -8.84 -16.84
C TYR A 95 4.38 -8.43 -17.85
N ASP A 96 4.63 -9.29 -18.83
CA ASP A 96 5.63 -9.03 -19.85
C ASP A 96 5.19 -7.87 -20.75
N ARG A 97 4.03 -8.02 -21.38
CA ARG A 97 3.49 -6.99 -22.26
C ARG A 97 3.46 -5.64 -21.56
N VAL A 98 3.35 -5.66 -20.23
CA VAL A 98 3.32 -4.44 -19.44
C VAL A 98 4.71 -3.92 -19.16
N TYR A 99 5.57 -4.80 -18.63
CA TYR A 99 6.93 -4.43 -18.30
C TYR A 99 7.68 -3.96 -19.54
N ASN A 100 7.76 -4.84 -20.54
CA ASN A 100 8.44 -4.52 -21.79
C ASN A 100 8.19 -3.06 -22.19
N GLY A 101 6.91 -2.72 -22.32
CA GLY A 101 6.56 -1.36 -22.71
C GLY A 101 7.25 -0.31 -21.86
N TYR A 102 7.15 -0.44 -20.54
CA TYR A 102 7.78 0.50 -19.62
C TYR A 102 9.28 0.61 -19.90
N VAL A 103 9.95 -0.54 -19.93
CA VAL A 103 11.39 -0.57 -20.19
C VAL A 103 11.77 0.40 -21.30
N ILE A 104 11.06 0.31 -22.42
CA ILE A 104 11.33 1.18 -23.56
C ILE A 104 11.03 2.63 -23.22
N HIS A 105 9.89 2.85 -22.56
CA HIS A 105 9.48 4.20 -22.19
C HIS A 105 10.65 4.96 -21.55
N LEU A 106 11.18 4.42 -20.46
CA LEU A 106 12.29 5.04 -19.75
C LEU A 106 13.33 5.56 -20.74
N ASP A 107 13.60 4.77 -21.77
CA ASP A 107 14.58 5.16 -22.79
C ASP A 107 14.45 6.64 -23.14
N TYR A 108 13.22 7.12 -23.21
CA TYR A 108 12.95 8.52 -23.54
C TYR A 108 13.99 9.43 -22.90
N GLY A 1 14.19 68.66 109.86
CA GLY A 1 13.96 67.93 108.63
C GLY A 1 12.69 67.10 108.67
N SER A 2 12.01 66.99 107.53
CA SER A 2 10.78 66.23 107.44
C SER A 2 10.45 65.87 105.99
N SER A 3 9.46 65.00 105.81
CA SER A 3 9.06 64.58 104.48
C SER A 3 7.76 63.77 104.53
N GLY A 4 7.23 63.45 103.35
CA GLY A 4 6.00 62.68 103.30
C GLY A 4 6.08 61.53 102.31
N SER A 5 4.94 61.15 101.75
CA SER A 5 4.88 60.04 100.80
C SER A 5 3.51 59.98 100.13
N SER A 6 3.38 59.08 99.16
CA SER A 6 2.12 58.91 98.43
C SER A 6 2.07 57.55 97.75
N GLY A 7 0.93 57.24 97.16
CA GLY A 7 0.76 55.97 96.48
C GLY A 7 0.50 56.14 94.99
N ASN A 8 -0.57 56.86 94.65
CA ASN A 8 -0.91 57.09 93.26
C ASN A 8 -1.00 55.77 92.50
N VAL A 9 -1.60 54.77 93.12
CA VAL A 9 -1.75 53.46 92.50
C VAL A 9 -2.79 53.50 91.37
N ASP A 10 -2.72 52.51 90.50
CA ASP A 10 -3.65 52.43 89.37
C ASP A 10 -3.65 51.03 88.76
N SER A 11 -4.51 50.82 87.77
CA SER A 11 -4.62 49.52 87.10
C SER A 11 -5.27 49.66 85.74
N ASN A 12 -5.37 48.55 85.02
CA ASN A 12 -5.98 48.55 83.70
C ASN A 12 -6.22 47.12 83.21
N GLN A 13 -6.83 46.99 82.04
CA GLN A 13 -7.12 45.68 81.46
C GLN A 13 -7.71 45.82 80.06
N ASN A 14 -7.55 44.79 79.25
CA ASN A 14 -8.08 44.79 77.89
C ASN A 14 -7.95 43.41 77.24
N LYS A 15 -8.55 43.25 76.07
CA LYS A 15 -8.51 41.98 75.37
C LYS A 15 -8.44 42.21 73.86
N ALA A 16 -8.18 41.14 73.11
CA ALA A 16 -8.10 41.23 71.66
C ALA A 16 -7.92 39.84 71.03
N SER A 17 -8.41 39.68 69.81
CA SER A 17 -8.31 38.41 69.11
C SER A 17 -6.87 38.11 68.72
N MET A 18 -6.26 37.18 69.45
CA MET A 18 -4.87 36.79 69.19
C MET A 18 -4.63 36.61 67.69
N LEU A 19 -5.24 35.59 67.12
CA LEU A 19 -5.09 35.31 65.69
C LEU A 19 -6.27 34.51 65.16
N GLN A 20 -6.63 34.74 63.91
CA GLN A 20 -7.75 34.04 63.28
C GLN A 20 -7.35 32.61 62.92
N ALA A 21 -8.26 31.90 62.24
CA ALA A 21 -8.00 30.54 61.83
C ALA A 21 -8.10 30.39 60.32
N ARG A 22 -7.79 29.20 59.82
CA ARG A 22 -7.84 28.92 58.39
C ARG A 22 -7.60 27.44 58.10
N LEU A 23 -8.09 26.98 56.96
CA LEU A 23 -7.93 25.59 56.56
C LEU A 23 -7.59 25.47 55.08
N ASN A 24 -7.41 24.24 54.61
CA ASN A 24 -7.09 24.00 53.22
C ASN A 24 -7.33 22.53 52.85
N ASP A 25 -7.18 22.22 51.56
CA ASP A 25 -7.39 20.85 51.08
C ASP A 25 -6.73 20.66 49.72
N GLU A 26 -6.81 19.44 49.21
CA GLU A 26 -6.22 19.12 47.91
C GLU A 26 -6.57 17.69 47.49
N ALA A 27 -6.56 17.44 46.19
CA ALA A 27 -6.87 16.11 45.66
C ALA A 27 -6.59 16.04 44.17
N GLY A 28 -6.45 14.82 43.66
CA GLY A 28 -6.17 14.63 42.25
C GLY A 28 -6.18 13.17 41.84
N GLY A 29 -5.86 12.90 40.58
CA GLY A 29 -5.83 11.54 40.09
C GLY A 29 -5.79 11.47 38.58
N THR A 30 -6.96 11.27 37.97
CA THR A 30 -7.05 11.18 36.52
C THR A 30 -5.94 10.30 35.95
N ARG A 31 -5.85 9.08 36.45
CA ARG A 31 -4.83 8.14 35.99
C ARG A 31 -5.19 7.57 34.62
N LEU A 32 -4.88 8.32 33.57
CA LEU A 32 -5.17 7.89 32.21
C LEU A 32 -4.99 6.39 32.07
N LEU A 33 -5.69 5.80 31.10
CA LEU A 33 -5.59 4.37 30.86
C LEU A 33 -4.89 4.08 29.54
N ARG A 34 -4.19 2.95 29.48
CA ARG A 34 -3.47 2.57 28.26
C ARG A 34 -4.05 1.29 27.66
N VAL A 35 -4.03 1.21 26.33
CA VAL A 35 -4.56 0.04 25.64
C VAL A 35 -3.47 -0.66 24.83
N HIS A 36 -2.35 0.04 24.63
CA HIS A 36 -1.24 -0.51 23.88
C HIS A 36 -1.53 -0.51 22.38
N HIS A 37 -2.07 0.60 21.90
CA HIS A 37 -2.40 0.74 20.48
C HIS A 37 -1.16 0.54 19.61
N GLU A 38 -1.28 -0.30 18.59
CA GLU A 38 -0.17 -0.57 17.68
C GLU A 38 -0.62 -1.46 16.53
N SER A 39 0.00 -1.26 15.37
CA SER A 39 -0.33 -2.04 14.18
C SER A 39 0.84 -2.08 13.20
N ASP A 40 0.78 -3.00 12.25
CA ASP A 40 1.83 -3.14 11.25
C ASP A 40 1.76 -2.01 10.23
N THR A 41 2.42 -0.90 10.53
CA THR A 41 2.43 0.26 9.65
C THR A 41 3.29 -0.01 8.41
N GLU A 42 2.65 -0.53 7.36
CA GLU A 42 3.35 -0.84 6.12
C GLU A 42 2.57 -0.33 4.91
N GLU A 43 2.72 0.95 4.60
CA GLU A 43 2.01 1.55 3.47
C GLU A 43 2.99 1.95 2.37
N ARG A 44 4.10 2.57 2.78
CA ARG A 44 5.11 3.01 1.82
C ARG A 44 5.23 2.03 0.66
N GLY A 45 5.26 0.75 0.98
CA GLY A 45 5.37 -0.27 -0.05
C GLY A 45 4.02 -0.86 -0.43
N PHE A 46 3.30 -1.37 0.56
CA PHE A 46 1.99 -1.97 0.32
C PHE A 46 1.25 -1.23 -0.80
N LEU A 47 0.89 0.02 -0.53
CA LEU A 47 0.18 0.83 -1.50
C LEU A 47 0.92 0.87 -2.83
N GLU A 48 2.17 1.32 -2.80
CA GLU A 48 2.98 1.39 -4.01
C GLU A 48 2.78 0.16 -4.87
N LYS A 49 3.04 -1.02 -4.31
CA LYS A 49 2.89 -2.27 -5.03
C LYS A 49 1.46 -2.44 -5.53
N ALA A 50 0.50 -2.10 -4.69
CA ALA A 50 -0.91 -2.21 -5.05
C ALA A 50 -1.22 -1.40 -6.29
N ALA A 51 -1.00 -0.09 -6.21
CA ALA A 51 -1.25 0.81 -7.34
C ALA A 51 -0.60 0.28 -8.61
N VAL A 52 0.72 0.15 -8.58
CA VAL A 52 1.47 -0.34 -9.74
C VAL A 52 0.76 -1.54 -10.38
N LYS A 53 0.45 -2.54 -9.57
CA LYS A 53 -0.23 -3.73 -10.06
C LYS A 53 -1.59 -3.38 -10.65
N LYS A 54 -2.37 -2.61 -9.91
CA LYS A 54 -3.70 -2.20 -10.35
C LYS A 54 -3.65 -1.68 -11.78
N MET A 55 -2.84 -0.65 -11.99
CA MET A 55 -2.69 -0.05 -13.32
C MET A 55 -2.39 -1.12 -14.37
N ALA A 56 -1.44 -2.00 -14.05
CA ALA A 56 -1.05 -3.06 -14.97
C ALA A 56 -2.26 -3.89 -15.38
N LYS A 57 -2.95 -4.47 -14.39
CA LYS A 57 -4.13 -5.29 -14.65
C LYS A 57 -5.06 -4.60 -15.63
N ALA A 58 -5.38 -3.34 -15.36
CA ALA A 58 -6.27 -2.56 -16.21
C ALA A 58 -5.77 -2.56 -17.66
N ILE A 59 -4.47 -2.38 -17.82
CA ILE A 59 -3.88 -2.36 -19.15
C ILE A 59 -4.10 -3.68 -19.88
N MET A 60 -3.93 -4.78 -19.14
CA MET A 60 -4.11 -6.11 -19.72
C MET A 60 -5.22 -6.10 -20.77
N ALA A 61 -6.42 -5.72 -20.35
CA ALA A 61 -7.56 -5.66 -21.26
C ALA A 61 -7.49 -4.43 -22.15
N ASP A 62 -7.06 -3.31 -21.58
CA ASP A 62 -6.95 -2.06 -22.32
C ASP A 62 -5.49 -1.73 -22.62
N PRO A 63 -4.98 -2.27 -23.74
CA PRO A 63 -3.59 -2.04 -24.16
C PRO A 63 -3.35 -0.60 -24.61
N ASN A 64 -4.43 0.11 -24.92
CA ASN A 64 -4.33 1.49 -25.37
C ASN A 64 -3.94 2.41 -24.21
N LYS A 65 -4.49 2.13 -23.03
CA LYS A 65 -4.21 2.93 -21.85
C LYS A 65 -2.72 2.89 -21.51
N ALA A 66 -2.10 1.73 -21.73
CA ALA A 66 -0.69 1.56 -21.44
C ALA A 66 0.09 2.86 -21.69
N ASP A 67 -0.06 3.41 -22.89
CA ASP A 67 0.62 4.65 -23.26
C ASP A 67 0.48 5.68 -22.15
N GLU A 68 -0.75 5.98 -21.77
CA GLU A 68 -1.01 6.97 -20.72
C GLU A 68 -0.36 6.54 -19.40
N VAL A 69 -0.65 5.32 -18.98
CA VAL A 69 -0.10 4.79 -17.74
C VAL A 69 1.42 4.99 -17.68
N TYR A 70 2.12 4.38 -18.63
CA TYR A 70 3.58 4.48 -18.69
C TYR A 70 4.04 5.86 -18.26
N LYS A 71 3.38 6.90 -18.78
CA LYS A 71 3.72 8.28 -18.44
C LYS A 71 3.51 8.54 -16.95
N LYS A 72 2.39 8.06 -16.42
CA LYS A 72 2.07 8.25 -15.01
C LYS A 72 3.19 7.70 -14.13
N TRP A 73 3.49 6.41 -14.30
CA TRP A 73 4.54 5.78 -13.50
C TRP A 73 5.79 6.65 -13.46
N ALA A 74 6.39 6.89 -14.62
CA ALA A 74 7.60 7.71 -14.72
C ALA A 74 7.41 9.02 -13.97
N ASP A 75 6.22 9.59 -14.05
CA ASP A 75 5.92 10.84 -13.39
C ASP A 75 5.98 10.70 -11.87
N LYS A 76 5.47 9.57 -11.38
CA LYS A 76 5.48 9.30 -9.95
C LYS A 76 6.90 9.26 -9.40
N GLY A 77 7.78 8.55 -10.11
CA GLY A 77 9.16 8.45 -9.68
C GLY A 77 9.59 7.01 -9.45
N TYR A 78 9.21 6.13 -10.37
CA TYR A 78 9.56 4.72 -10.26
C TYR A 78 10.75 4.38 -11.16
N THR A 79 11.18 3.13 -11.11
CA THR A 79 12.30 2.67 -11.91
C THR A 79 12.29 1.15 -12.08
N LEU A 80 12.88 0.67 -13.17
CA LEU A 80 12.92 -0.76 -13.45
C LEU A 80 13.11 -1.55 -12.16
N THR A 81 14.11 -1.17 -11.36
CA THR A 81 14.38 -1.85 -10.10
C THR A 81 13.12 -2.02 -9.28
N GLN A 82 12.40 -0.92 -9.07
CA GLN A 82 11.17 -0.95 -8.28
C GLN A 82 10.03 -1.56 -9.10
N MET A 83 9.70 -0.92 -10.22
CA MET A 83 8.63 -1.41 -11.08
C MET A 83 8.59 -2.93 -11.09
N SER A 84 9.65 -3.54 -11.61
CA SER A 84 9.73 -4.99 -11.69
C SER A 84 9.35 -5.64 -10.35
N ASN A 85 10.05 -5.23 -9.30
CA ASN A 85 9.79 -5.77 -7.96
C ASN A 85 8.29 -5.79 -7.67
N PHE A 86 7.57 -4.84 -8.26
CA PHE A 86 6.12 -4.74 -8.06
C PHE A 86 5.38 -5.65 -9.04
N LEU A 87 5.86 -5.71 -10.28
CA LEU A 87 5.25 -6.53 -11.31
C LEU A 87 5.83 -7.95 -11.29
N LYS A 88 6.25 -8.39 -10.11
CA LYS A 88 6.82 -9.72 -9.96
C LYS A 88 5.92 -10.60 -9.08
N SER A 89 4.75 -10.94 -9.61
CA SER A 89 3.80 -11.77 -8.88
C SER A 89 4.22 -13.24 -8.92
N LYS A 90 5.21 -13.59 -8.10
CA LYS A 90 5.70 -14.96 -8.04
C LYS A 90 5.61 -15.63 -9.41
N THR A 91 5.94 -14.88 -10.45
CA THR A 91 5.91 -15.40 -11.81
C THR A 91 7.03 -14.81 -12.65
N ALA A 92 7.68 -15.67 -13.44
CA ALA A 92 8.78 -15.24 -14.30
C ALA A 92 8.26 -14.74 -15.65
N GLY A 93 7.09 -14.11 -15.63
CA GLY A 93 6.50 -13.59 -16.85
C GLY A 93 5.00 -13.44 -16.75
N LYS A 94 4.54 -12.65 -15.79
CA LYS A 94 3.12 -12.42 -15.58
C LYS A 94 2.68 -11.12 -16.25
N TYR A 95 3.44 -10.06 -16.02
CA TYR A 95 3.13 -8.75 -16.60
C TYR A 95 4.21 -8.32 -17.57
N ASP A 96 4.71 -9.27 -18.35
CA ASP A 96 5.75 -8.98 -19.34
C ASP A 96 5.26 -7.98 -20.37
N ARG A 97 4.11 -8.28 -20.98
CA ARG A 97 3.53 -7.40 -21.99
C ARG A 97 3.59 -5.93 -21.54
N VAL A 98 3.24 -5.71 -20.28
CA VAL A 98 3.25 -4.35 -19.72
C VAL A 98 4.67 -3.91 -19.40
N TYR A 99 5.43 -4.77 -18.74
CA TYR A 99 6.80 -4.46 -18.37
C TYR A 99 7.60 -3.96 -19.57
N ASN A 100 7.63 -4.77 -20.63
CA ASN A 100 8.35 -4.42 -21.84
C ASN A 100 8.17 -2.94 -22.18
N GLY A 101 6.92 -2.50 -22.19
CA GLY A 101 6.63 -1.11 -22.49
C GLY A 101 7.45 -0.15 -21.65
N TYR A 102 7.18 -0.15 -20.34
CA TYR A 102 7.89 0.73 -19.42
C TYR A 102 9.38 0.77 -19.76
N VAL A 103 9.97 -0.40 -19.96
CA VAL A 103 11.39 -0.50 -20.28
C VAL A 103 11.75 0.42 -21.44
N ILE A 104 10.97 0.36 -22.52
CA ILE A 104 11.21 1.18 -23.69
C ILE A 104 10.99 2.66 -23.37
N HIS A 105 9.90 2.96 -22.69
CA HIS A 105 9.58 4.34 -22.31
C HIS A 105 10.82 5.06 -21.79
N LEU A 106 11.38 4.52 -20.70
CA LEU A 106 12.57 5.12 -20.10
C LEU A 106 13.72 5.19 -21.10
N ASP A 107 13.84 4.15 -21.93
CA ASP A 107 14.88 4.09 -22.95
C ASP A 107 15.18 5.48 -23.50
N TYR A 108 14.15 6.30 -23.62
CA TYR A 108 14.29 7.66 -24.14
C TYR A 108 15.60 8.28 -23.66
N GLY A 1 -54.92 45.77 -28.75
CA GLY A 1 -54.98 45.67 -27.31
C GLY A 1 -55.05 44.23 -26.83
N SER A 2 -54.73 44.00 -25.56
CA SER A 2 -54.75 42.66 -24.99
C SER A 2 -54.78 42.73 -23.46
N SER A 3 -55.41 41.73 -22.85
CA SER A 3 -55.50 41.68 -21.40
C SER A 3 -55.48 40.23 -20.90
N GLY A 4 -55.34 40.06 -19.59
CA GLY A 4 -55.30 38.72 -19.02
C GLY A 4 -54.46 38.66 -17.76
N SER A 5 -54.93 37.92 -16.77
CA SER A 5 -54.23 37.79 -15.50
C SER A 5 -54.58 36.48 -14.81
N SER A 6 -53.59 35.61 -14.64
CA SER A 6 -53.80 34.32 -14.00
C SER A 6 -52.90 34.18 -12.77
N GLY A 7 -53.31 33.29 -11.86
CA GLY A 7 -52.53 33.07 -10.65
C GLY A 7 -53.08 31.94 -9.80
N ASN A 8 -52.25 30.95 -9.52
CA ASN A 8 -52.66 29.81 -8.71
C ASN A 8 -51.57 29.41 -7.73
N VAL A 9 -51.88 28.45 -6.87
CA VAL A 9 -50.91 27.97 -5.88
C VAL A 9 -50.98 26.45 -5.73
N ASP A 10 -49.86 25.78 -5.95
CA ASP A 10 -49.79 24.34 -5.84
C ASP A 10 -48.45 23.89 -5.28
N SER A 11 -48.48 23.27 -4.10
CA SER A 11 -47.25 22.81 -3.46
C SER A 11 -47.14 21.28 -3.55
N ASN A 12 -45.97 20.81 -3.97
CA ASN A 12 -45.73 19.38 -4.09
C ASN A 12 -44.46 18.97 -3.35
N GLN A 13 -44.39 17.70 -2.96
CA GLN A 13 -43.23 17.19 -2.24
C GLN A 13 -42.62 16.00 -2.98
N ASN A 14 -41.30 15.92 -2.96
CA ASN A 14 -40.59 14.82 -3.63
C ASN A 14 -39.10 14.85 -3.27
N LYS A 15 -38.57 13.69 -2.89
CA LYS A 15 -37.17 13.58 -2.53
C LYS A 15 -36.76 12.12 -2.37
N ALA A 16 -35.46 11.88 -2.23
CA ALA A 16 -34.95 10.52 -2.07
C ALA A 16 -34.11 10.41 -0.80
N SER A 17 -33.91 9.17 -0.33
CA SER A 17 -33.14 8.92 0.88
C SER A 17 -31.65 9.12 0.62
N MET A 18 -31.14 10.29 0.99
CA MET A 18 -29.73 10.61 0.79
C MET A 18 -28.85 9.55 1.45
N LEU A 19 -27.54 9.63 1.17
CA LEU A 19 -26.60 8.68 1.73
C LEU A 19 -25.73 9.35 2.79
N GLN A 20 -25.03 10.41 2.40
CA GLN A 20 -24.16 11.15 3.32
C GLN A 20 -24.77 11.19 4.72
N ALA A 21 -23.95 10.92 5.72
CA ALA A 21 -24.40 10.93 7.11
C ALA A 21 -23.36 11.58 8.03
N ARG A 22 -23.83 12.39 8.96
CA ARG A 22 -22.95 13.08 9.89
C ARG A 22 -22.95 12.38 11.25
N LEU A 23 -21.96 11.53 11.47
CA LEU A 23 -21.85 10.80 12.73
C LEU A 23 -21.33 11.71 13.84
N ASN A 24 -20.25 12.43 13.56
CA ASN A 24 -19.66 13.33 14.53
C ASN A 24 -19.99 14.79 14.19
N ASP A 25 -20.04 15.63 15.21
CA ASP A 25 -20.34 17.04 15.03
C ASP A 25 -19.05 17.86 14.89
N GLU A 26 -18.10 17.33 14.14
CA GLU A 26 -16.82 18.01 13.93
C GLU A 26 -16.40 18.76 15.18
N ALA A 27 -16.53 18.12 16.33
CA ALA A 27 -16.16 18.73 17.60
C ALA A 27 -14.74 19.28 17.55
N GLY A 28 -13.79 18.43 17.18
CA GLY A 28 -12.40 18.84 17.11
C GLY A 28 -11.45 17.67 17.14
N GLY A 29 -10.16 17.95 16.95
CA GLY A 29 -9.16 16.91 16.94
C GLY A 29 -7.86 17.35 16.30
N THR A 30 -6.78 17.34 17.08
CA THR A 30 -5.47 17.75 16.58
C THR A 30 -4.59 16.53 16.29
N ARG A 31 -3.58 16.73 15.46
CA ARG A 31 -2.67 15.64 15.09
C ARG A 31 -1.59 15.47 16.15
N LEU A 32 -2.00 14.99 17.33
CA LEU A 32 -1.06 14.77 18.42
C LEU A 32 0.30 14.34 17.90
N LEU A 33 1.35 14.72 18.61
CA LEU A 33 2.71 14.37 18.22
C LEU A 33 3.19 13.12 18.97
N ARG A 34 2.30 12.53 19.77
CA ARG A 34 2.63 11.34 20.53
C ARG A 34 3.14 10.23 19.61
N VAL A 35 3.86 9.28 20.19
CA VAL A 35 4.40 8.16 19.42
C VAL A 35 3.30 7.19 19.02
N HIS A 36 2.59 7.53 17.95
CA HIS A 36 1.50 6.70 17.46
C HIS A 36 1.93 5.94 16.20
N HIS A 37 1.05 5.06 15.72
CA HIS A 37 1.34 4.27 14.53
C HIS A 37 2.44 3.25 14.80
N GLU A 38 2.40 2.63 15.98
CA GLU A 38 3.39 1.64 16.36
C GLU A 38 2.88 0.23 16.09
N SER A 39 3.77 -0.63 15.60
CA SER A 39 3.41 -2.01 15.30
C SER A 39 2.16 -2.06 14.43
N ASP A 40 2.11 -1.19 13.42
CA ASP A 40 0.97 -1.13 12.51
C ASP A 40 1.37 -1.56 11.11
N THR A 41 0.39 -1.76 10.24
CA THR A 41 0.64 -2.17 8.87
C THR A 41 1.34 -1.07 8.09
N GLU A 42 2.67 -1.07 8.11
CA GLU A 42 3.45 -0.07 7.40
C GLU A 42 3.01 0.04 5.95
N GLU A 43 2.66 1.25 5.53
CA GLU A 43 2.21 1.49 4.16
C GLU A 43 3.38 1.40 3.18
N ARG A 44 4.55 1.84 3.63
CA ARG A 44 5.75 1.81 2.80
C ARG A 44 5.83 0.50 2.02
N GLY A 45 5.64 0.58 0.70
CA GLY A 45 5.70 -0.60 -0.13
C GLY A 45 4.35 -1.28 -0.29
N PHE A 46 3.58 -1.30 0.81
CA PHE A 46 2.26 -1.93 0.79
C PHE A 46 1.39 -1.31 -0.30
N LEU A 47 1.16 0.00 -0.20
CA LEU A 47 0.34 0.70 -1.18
C LEU A 47 1.04 0.78 -2.52
N GLU A 48 2.29 1.23 -2.51
CA GLU A 48 3.07 1.35 -3.74
C GLU A 48 2.85 0.16 -4.65
N LYS A 49 3.11 -1.04 -4.14
CA LYS A 49 2.93 -2.26 -4.90
C LYS A 49 1.51 -2.37 -5.43
N ALA A 50 0.56 -1.79 -4.70
CA ALA A 50 -0.84 -1.82 -5.09
C ALA A 50 -1.07 -1.00 -6.35
N ALA A 51 -0.94 0.31 -6.24
CA ALA A 51 -1.14 1.20 -7.38
C ALA A 51 -0.56 0.60 -8.65
N VAL A 52 0.75 0.38 -8.66
CA VAL A 52 1.43 -0.19 -9.82
C VAL A 52 0.62 -1.34 -10.41
N LYS A 53 0.39 -2.38 -9.61
CA LYS A 53 -0.38 -3.53 -10.05
C LYS A 53 -1.74 -3.11 -10.60
N LYS A 54 -2.52 -2.43 -9.77
CA LYS A 54 -3.84 -1.97 -10.16
C LYS A 54 -3.82 -1.39 -11.57
N MET A 55 -2.87 -0.48 -11.81
CA MET A 55 -2.74 0.14 -13.12
C MET A 55 -2.44 -0.90 -14.20
N ALA A 56 -1.51 -1.80 -13.91
CA ALA A 56 -1.15 -2.85 -14.84
C ALA A 56 -2.35 -3.70 -15.22
N LYS A 57 -2.97 -4.32 -14.21
CA LYS A 57 -4.13 -5.17 -14.43
C LYS A 57 -5.00 -4.62 -15.57
N ALA A 58 -5.31 -3.33 -15.49
CA ALA A 58 -6.14 -2.69 -16.51
C ALA A 58 -5.44 -2.71 -17.87
N ILE A 59 -4.13 -2.45 -17.87
CA ILE A 59 -3.36 -2.45 -19.10
C ILE A 59 -3.38 -3.83 -19.76
N MET A 60 -3.01 -4.85 -18.99
CA MET A 60 -2.97 -6.21 -19.51
C MET A 60 -4.10 -6.44 -20.51
N ALA A 61 -5.31 -6.03 -20.15
CA ALA A 61 -6.47 -6.20 -21.02
C ALA A 61 -6.62 -5.00 -21.96
N ASP A 62 -6.30 -3.81 -21.45
CA ASP A 62 -6.40 -2.59 -22.24
C ASP A 62 -5.02 -2.08 -22.62
N PRO A 63 -4.50 -2.54 -23.77
CA PRO A 63 -3.18 -2.13 -24.26
C PRO A 63 -3.15 -0.68 -24.72
N ASN A 64 -4.32 -0.14 -25.03
CA ASN A 64 -4.43 1.24 -25.49
C ASN A 64 -4.17 2.21 -24.34
N LYS A 65 -4.63 1.85 -23.14
CA LYS A 65 -4.45 2.68 -21.97
C LYS A 65 -2.97 2.78 -21.60
N ALA A 66 -2.25 1.68 -21.77
CA ALA A 66 -0.83 1.63 -21.45
C ALA A 66 -0.16 2.97 -21.73
N ASP A 67 -0.18 3.39 -22.99
CA ASP A 67 0.41 4.66 -23.38
C ASP A 67 0.23 5.71 -22.30
N GLU A 68 -0.98 5.77 -21.74
CA GLU A 68 -1.29 6.74 -20.69
C GLU A 68 -0.57 6.38 -19.40
N VAL A 69 -0.81 5.16 -18.91
CA VAL A 69 -0.19 4.69 -17.67
C VAL A 69 1.31 4.97 -17.68
N TYR A 70 2.00 4.43 -18.68
CA TYR A 70 3.44 4.62 -18.80
C TYR A 70 3.85 6.02 -18.35
N LYS A 71 3.32 7.03 -19.03
CA LYS A 71 3.62 8.42 -18.70
C LYS A 71 3.38 8.69 -17.21
N LYS A 72 2.23 8.27 -16.72
CA LYS A 72 1.87 8.46 -15.32
C LYS A 72 2.96 7.92 -14.41
N TRP A 73 3.33 6.66 -14.62
CA TRP A 73 4.36 6.02 -13.81
C TRP A 73 5.62 6.90 -13.73
N ALA A 74 6.31 7.02 -14.85
CA ALA A 74 7.52 7.83 -14.92
C ALA A 74 7.38 9.10 -14.08
N ASP A 75 6.16 9.59 -13.97
CA ASP A 75 5.89 10.80 -13.20
C ASP A 75 5.92 10.50 -11.70
N LYS A 76 5.21 9.45 -11.30
CA LYS A 76 5.15 9.05 -9.89
C LYS A 76 6.55 8.91 -9.31
N GLY A 77 7.46 8.33 -10.08
CA GLY A 77 8.82 8.15 -9.63
C GLY A 77 9.19 6.68 -9.47
N TYR A 78 8.83 5.88 -10.45
CA TYR A 78 9.12 4.44 -10.42
C TYR A 78 10.35 4.12 -11.27
N THR A 79 10.87 2.91 -11.11
CA THR A 79 12.03 2.48 -11.87
C THR A 79 11.91 1.01 -12.29
N LEU A 80 12.81 0.57 -13.15
CA LEU A 80 12.80 -0.81 -13.63
C LEU A 80 12.88 -1.79 -12.47
N THR A 81 13.89 -1.62 -11.62
CA THR A 81 14.09 -2.49 -10.48
C THR A 81 12.81 -2.60 -9.66
N GLN A 82 12.34 -1.48 -9.13
CA GLN A 82 11.13 -1.45 -8.33
C GLN A 82 9.92 -1.95 -9.14
N MET A 83 9.61 -1.23 -10.21
CA MET A 83 8.48 -1.59 -11.06
C MET A 83 8.45 -3.09 -11.30
N SER A 84 9.52 -3.63 -11.88
CA SER A 84 9.62 -5.05 -12.16
C SER A 84 9.40 -5.88 -10.89
N ASN A 85 9.82 -5.33 -9.76
CA ASN A 85 9.67 -6.01 -8.47
C ASN A 85 8.21 -6.00 -8.02
N PHE A 86 7.47 -5.01 -8.46
CA PHE A 86 6.06 -4.88 -8.10
C PHE A 86 5.19 -5.72 -9.03
N LEU A 87 5.40 -5.57 -10.33
CA LEU A 87 4.63 -6.32 -11.32
C LEU A 87 4.94 -7.81 -11.24
N LYS A 88 6.16 -8.14 -10.83
CA LYS A 88 6.58 -9.53 -10.71
C LYS A 88 5.69 -10.28 -9.72
N SER A 89 4.97 -11.28 -10.21
CA SER A 89 4.08 -12.07 -9.38
C SER A 89 4.68 -13.45 -9.10
N LYS A 90 6.00 -13.51 -9.06
CA LYS A 90 6.70 -14.77 -8.80
C LYS A 90 6.29 -15.84 -9.81
N THR A 91 6.14 -15.43 -11.07
CA THR A 91 5.75 -16.35 -12.13
C THR A 91 6.68 -16.23 -13.33
N ALA A 92 6.98 -17.36 -13.96
CA ALA A 92 7.86 -17.38 -15.12
C ALA A 92 7.69 -16.12 -15.97
N GLY A 93 6.43 -15.77 -16.25
CA GLY A 93 6.16 -14.59 -17.04
C GLY A 93 4.86 -13.91 -16.64
N LYS A 94 4.97 -12.77 -15.97
CA LYS A 94 3.81 -12.03 -15.52
C LYS A 94 3.98 -10.53 -15.79
N TYR A 95 2.97 -9.92 -16.40
CA TYR A 95 3.01 -8.50 -16.71
C TYR A 95 4.12 -8.20 -17.71
N ASP A 96 4.48 -9.20 -18.51
CA ASP A 96 5.53 -9.03 -19.51
C ASP A 96 5.17 -7.92 -20.50
N ARG A 97 4.02 -8.05 -21.15
CA ARG A 97 3.57 -7.06 -22.11
C ARG A 97 3.56 -5.67 -21.49
N VAL A 98 3.49 -5.61 -20.16
CA VAL A 98 3.46 -4.35 -19.45
C VAL A 98 4.87 -3.82 -19.23
N TYR A 99 5.66 -4.55 -18.45
CA TYR A 99 7.03 -4.15 -18.16
C TYR A 99 7.76 -3.70 -19.42
N ASN A 100 7.66 -4.52 -20.47
CA ASN A 100 8.30 -4.20 -21.74
C ASN A 100 8.12 -2.73 -22.09
N GLY A 101 6.88 -2.35 -22.36
CA GLY A 101 6.58 -0.96 -22.71
C GLY A 101 7.33 0.02 -21.82
N TYR A 102 7.21 -0.15 -20.52
CA TYR A 102 7.87 0.73 -19.56
C TYR A 102 9.38 0.80 -19.83
N VAL A 103 10.00 -0.37 -19.93
CA VAL A 103 11.43 -0.46 -20.19
C VAL A 103 11.85 0.54 -21.27
N ILE A 104 11.31 0.37 -22.47
CA ILE A 104 11.64 1.25 -23.58
C ILE A 104 11.34 2.71 -23.24
N HIS A 105 10.26 2.92 -22.50
CA HIS A 105 9.86 4.27 -22.10
C HIS A 105 10.94 4.92 -21.23
N LEU A 106 11.55 4.11 -20.37
CA LEU A 106 12.60 4.60 -19.49
C LEU A 106 13.90 4.83 -20.26
N ASP A 107 14.18 3.95 -21.22
CA ASP A 107 15.38 4.06 -22.03
C ASP A 107 15.46 5.42 -22.71
N TYR A 108 14.32 6.09 -22.81
CA TYR A 108 14.25 7.40 -23.46
C TYR A 108 15.50 8.22 -23.15
N GLY A 1 16.59 52.24 49.61
CA GLY A 1 17.54 52.03 50.69
C GLY A 1 17.21 50.80 51.52
N SER A 2 17.81 49.67 51.16
CA SER A 2 17.58 48.43 51.88
C SER A 2 18.51 47.33 51.37
N SER A 3 18.74 46.31 52.19
CA SER A 3 19.61 45.20 51.83
C SER A 3 19.55 44.10 52.87
N GLY A 4 20.09 42.93 52.53
CA GLY A 4 20.10 41.81 53.45
C GLY A 4 20.26 40.48 52.75
N SER A 5 19.21 39.68 52.75
CA SER A 5 19.25 38.37 52.10
C SER A 5 20.20 37.43 52.84
N SER A 6 20.17 37.49 54.17
CA SER A 6 21.03 36.64 54.99
C SER A 6 20.43 35.26 55.17
N GLY A 7 21.29 34.26 55.29
CA GLY A 7 20.82 32.89 55.47
C GLY A 7 21.85 32.01 56.14
N ASN A 8 21.55 30.71 56.24
CA ASN A 8 22.46 29.76 56.86
C ASN A 8 22.28 28.38 56.27
N VAL A 9 23.11 27.43 56.72
CA VAL A 9 23.04 26.06 56.23
C VAL A 9 23.58 25.08 57.27
N ASP A 10 23.45 23.79 56.98
CA ASP A 10 23.93 22.75 57.88
C ASP A 10 24.37 21.51 57.11
N SER A 11 24.85 20.51 57.84
CA SER A 11 25.31 19.27 57.22
C SER A 11 25.14 18.09 58.17
N ASN A 12 25.48 16.90 57.69
CA ASN A 12 25.35 15.69 58.50
C ASN A 12 26.35 14.63 58.04
N GLN A 13 26.37 13.49 58.73
CA GLN A 13 27.26 12.40 58.40
C GLN A 13 26.52 11.07 58.37
N ASN A 14 27.21 10.02 57.95
CA ASN A 14 26.62 8.69 57.88
C ASN A 14 27.68 7.62 57.62
N LYS A 15 27.27 6.37 57.70
CA LYS A 15 28.20 5.25 57.47
C LYS A 15 27.44 4.01 56.98
N ALA A 16 28.18 2.95 56.68
CA ALA A 16 27.59 1.72 56.21
C ALA A 16 28.36 0.51 56.72
N SER A 17 27.63 -0.55 57.09
CA SER A 17 28.24 -1.77 57.60
C SER A 17 28.39 -2.81 56.50
N MET A 18 29.51 -2.76 55.79
CA MET A 18 29.77 -3.70 54.71
C MET A 18 29.98 -5.12 55.25
N LEU A 19 29.68 -6.11 54.42
CA LEU A 19 29.83 -7.51 54.83
C LEU A 19 30.03 -8.40 53.61
N GLN A 20 30.07 -9.71 53.85
CA GLN A 20 30.26 -10.67 52.77
C GLN A 20 29.58 -10.20 51.49
N ALA A 21 30.38 -9.94 50.46
CA ALA A 21 29.85 -9.49 49.18
C ALA A 21 29.87 -10.60 48.14
N ARG A 22 28.68 -11.04 47.73
CA ARG A 22 28.56 -12.11 46.74
C ARG A 22 27.40 -11.84 45.78
N LEU A 23 27.52 -12.36 44.58
CA LEU A 23 26.48 -12.17 43.56
C LEU A 23 26.28 -13.44 42.75
N ASN A 24 25.18 -13.49 42.00
CA ASN A 24 24.86 -14.65 41.17
C ASN A 24 23.75 -14.33 40.19
N ASP A 25 23.86 -14.88 38.99
CA ASP A 25 22.87 -14.65 37.94
C ASP A 25 22.60 -15.93 37.16
N GLU A 26 21.32 -16.30 37.05
CA GLU A 26 20.93 -17.50 36.32
C GLU A 26 21.10 -17.31 34.82
N ALA A 27 20.69 -16.14 34.33
CA ALA A 27 20.79 -15.83 32.91
C ALA A 27 20.20 -16.94 32.06
N GLY A 28 19.12 -17.55 32.54
CA GLY A 28 18.48 -18.64 31.81
C GLY A 28 16.97 -18.52 31.80
N GLY A 29 16.34 -19.16 30.84
CA GLY A 29 14.88 -19.11 30.74
C GLY A 29 14.43 -18.52 29.42
N THR A 30 14.91 -19.08 28.32
CA THR A 30 14.55 -18.60 26.99
C THR A 30 13.19 -19.16 26.56
N ARG A 31 12.25 -18.26 26.30
CA ARG A 31 10.90 -18.67 25.90
C ARG A 31 10.45 -17.85 24.69
N LEU A 32 9.44 -18.36 23.98
CA LEU A 32 8.90 -17.68 22.81
C LEU A 32 7.66 -16.89 23.17
N LEU A 33 7.86 -15.73 23.81
CA LEU A 33 6.75 -14.87 24.20
C LEU A 33 6.91 -13.47 23.62
N ARG A 34 7.39 -13.41 22.38
CA ARG A 34 7.58 -12.12 21.71
C ARG A 34 6.50 -11.88 20.66
N VAL A 35 5.86 -10.72 20.74
CA VAL A 35 4.80 -10.37 19.81
C VAL A 35 5.37 -10.13 18.41
N HIS A 36 4.61 -10.52 17.39
CA HIS A 36 5.03 -10.35 16.01
C HIS A 36 4.87 -8.90 15.56
N HIS A 37 5.85 -8.07 15.91
CA HIS A 37 5.81 -6.66 15.55
C HIS A 37 6.73 -6.37 14.37
N GLU A 38 6.69 -7.26 13.37
CA GLU A 38 7.51 -7.11 12.18
C GLU A 38 7.40 -5.69 11.62
N SER A 39 6.17 -5.21 11.47
CA SER A 39 5.93 -3.87 10.94
C SER A 39 4.52 -3.39 11.31
N ASP A 40 4.42 -2.13 11.69
CA ASP A 40 3.13 -1.55 12.06
C ASP A 40 2.36 -1.12 10.82
N THR A 41 1.63 -2.06 10.22
CA THR A 41 0.84 -1.79 9.03
C THR A 41 1.53 -0.76 8.14
N GLU A 42 2.85 -0.88 8.02
CA GLU A 42 3.64 0.04 7.20
C GLU A 42 3.20 -0.04 5.74
N GLU A 43 2.35 0.90 5.34
CA GLU A 43 1.85 0.93 3.96
C GLU A 43 3.01 0.98 2.97
N ARG A 44 4.15 1.49 3.42
CA ARG A 44 5.33 1.58 2.57
C ARG A 44 5.57 0.27 1.82
N GLY A 45 5.58 0.35 0.50
CA GLY A 45 5.79 -0.82 -0.31
C GLY A 45 4.52 -1.64 -0.51
N PHE A 46 3.65 -1.62 0.49
CA PHE A 46 2.39 -2.36 0.44
C PHE A 46 1.44 -1.74 -0.58
N LEU A 47 1.08 -0.47 -0.35
CA LEU A 47 0.17 0.23 -1.24
C LEU A 47 0.83 0.50 -2.59
N GLU A 48 2.09 0.92 -2.55
CA GLU A 48 2.84 1.21 -3.78
C GLU A 48 2.68 0.07 -4.78
N LYS A 49 3.04 -1.13 -4.36
CA LYS A 49 2.94 -2.30 -5.23
C LYS A 49 1.53 -2.45 -5.79
N ALA A 50 0.54 -2.25 -4.93
CA ALA A 50 -0.86 -2.37 -5.34
C ALA A 50 -1.17 -1.38 -6.47
N ALA A 51 -1.01 -0.10 -6.18
CA ALA A 51 -1.28 0.94 -7.18
C ALA A 51 -0.74 0.54 -8.55
N VAL A 52 0.53 0.19 -8.60
CA VAL A 52 1.16 -0.21 -9.85
C VAL A 52 0.35 -1.27 -10.56
N LYS A 53 -0.11 -2.26 -9.80
CA LYS A 53 -0.91 -3.35 -10.36
C LYS A 53 -2.26 -2.83 -10.85
N LYS A 54 -2.93 -2.06 -10.02
CA LYS A 54 -4.23 -1.49 -10.37
C LYS A 54 -4.21 -0.93 -11.79
N MET A 55 -3.11 -0.28 -12.15
CA MET A 55 -2.97 0.30 -13.48
C MET A 55 -2.50 -0.74 -14.48
N ALA A 56 -1.79 -1.75 -13.99
CA ALA A 56 -1.29 -2.82 -14.85
C ALA A 56 -2.43 -3.69 -15.37
N LYS A 57 -3.31 -4.10 -14.48
CA LYS A 57 -4.45 -4.93 -14.84
C LYS A 57 -5.25 -4.28 -15.98
N ALA A 58 -5.59 -3.01 -15.80
CA ALA A 58 -6.35 -2.28 -16.81
C ALA A 58 -5.68 -2.36 -18.18
N ILE A 59 -4.35 -2.32 -18.18
CA ILE A 59 -3.59 -2.39 -19.43
C ILE A 59 -3.76 -3.74 -20.10
N MET A 60 -3.78 -4.80 -19.29
CA MET A 60 -3.93 -6.16 -19.79
C MET A 60 -5.07 -6.22 -20.81
N ALA A 61 -6.12 -5.44 -20.57
CA ALA A 61 -7.27 -5.40 -21.47
C ALA A 61 -7.06 -4.40 -22.60
N ASP A 62 -7.09 -3.12 -22.25
CA ASP A 62 -6.90 -2.06 -23.24
C ASP A 62 -5.43 -1.65 -23.33
N PRO A 63 -4.85 -1.82 -24.52
CA PRO A 63 -3.44 -1.48 -24.77
C PRO A 63 -3.20 0.02 -24.76
N ASN A 64 -4.11 0.77 -25.37
CA ASN A 64 -3.99 2.22 -25.44
C ASN A 64 -3.77 2.81 -24.04
N LYS A 65 -4.14 2.04 -23.02
CA LYS A 65 -3.99 2.48 -21.64
C LYS A 65 -2.52 2.48 -21.23
N ALA A 66 -1.77 1.51 -21.72
CA ALA A 66 -0.34 1.40 -21.42
C ALA A 66 0.36 2.74 -21.62
N ASP A 67 0.34 3.23 -22.85
CA ASP A 67 0.98 4.51 -23.17
C ASP A 67 0.77 5.52 -22.05
N GLU A 68 -0.49 5.68 -21.63
CA GLU A 68 -0.82 6.62 -20.56
C GLU A 68 -0.20 6.19 -19.24
N VAL A 69 -0.45 4.95 -18.85
CA VAL A 69 0.09 4.41 -17.61
C VAL A 69 1.60 4.63 -17.52
N TYR A 70 2.32 4.04 -18.46
CA TYR A 70 3.78 4.16 -18.49
C TYR A 70 4.22 5.56 -18.04
N LYS A 71 3.63 6.57 -18.66
CA LYS A 71 3.96 7.96 -18.33
C LYS A 71 3.68 8.24 -16.86
N LYS A 72 2.51 7.82 -16.38
CA LYS A 72 2.12 8.03 -14.99
C LYS A 72 3.20 7.52 -14.05
N TRP A 73 3.57 6.24 -14.19
CA TRP A 73 4.60 5.64 -13.36
C TRP A 73 5.87 6.47 -13.37
N ALA A 74 6.28 6.92 -14.56
CA ALA A 74 7.48 7.73 -14.70
C ALA A 74 7.41 8.96 -13.82
N ASP A 75 6.28 9.66 -13.85
CA ASP A 75 6.09 10.86 -13.05
C ASP A 75 6.11 10.53 -11.56
N LYS A 76 5.38 9.50 -11.18
CA LYS A 76 5.31 9.08 -9.78
C LYS A 76 6.70 9.02 -9.16
N GLY A 77 7.63 8.37 -9.87
CA GLY A 77 8.99 8.26 -9.38
C GLY A 77 9.44 6.82 -9.28
N TYR A 78 9.10 6.01 -10.28
CA TYR A 78 9.47 4.61 -10.29
C TYR A 78 10.67 4.37 -11.21
N THR A 79 11.14 3.13 -11.24
CA THR A 79 12.28 2.77 -12.08
C THR A 79 12.37 1.27 -12.28
N LEU A 80 13.00 0.85 -13.38
CA LEU A 80 13.14 -0.56 -13.69
C LEU A 80 13.32 -1.39 -12.41
N THR A 81 14.14 -0.87 -11.49
CA THR A 81 14.40 -1.55 -10.23
C THR A 81 13.12 -1.68 -9.40
N GLN A 82 12.50 -0.55 -9.11
CA GLN A 82 11.28 -0.53 -8.32
C GLN A 82 10.12 -1.16 -9.11
N MET A 83 9.82 -0.59 -10.27
CA MET A 83 8.74 -1.10 -11.11
C MET A 83 8.80 -2.62 -11.21
N SER A 84 9.86 -3.13 -11.81
CA SER A 84 10.04 -4.57 -11.98
C SER A 84 9.82 -5.30 -10.65
N ASN A 85 10.45 -4.78 -9.60
CA ASN A 85 10.34 -5.38 -8.27
C ASN A 85 8.87 -5.50 -7.86
N PHE A 86 8.02 -4.72 -8.51
CA PHE A 86 6.59 -4.74 -8.20
C PHE A 86 5.84 -5.65 -9.17
N LEU A 87 5.94 -5.35 -10.46
CA LEU A 87 5.27 -6.15 -11.48
C LEU A 87 5.69 -7.60 -11.39
N LYS A 88 6.98 -7.84 -11.22
CA LYS A 88 7.52 -9.19 -11.12
C LYS A 88 6.62 -10.06 -10.25
N SER A 89 6.11 -9.49 -9.17
CA SER A 89 5.24 -10.22 -8.25
C SER A 89 5.74 -11.65 -8.04
N LYS A 90 7.01 -11.77 -7.68
CA LYS A 90 7.62 -13.07 -7.45
C LYS A 90 7.04 -14.12 -8.38
N THR A 91 6.80 -13.72 -9.64
CA THR A 91 6.25 -14.62 -10.64
C THR A 91 7.15 -14.69 -11.88
N ALA A 92 7.28 -15.88 -12.44
CA ALA A 92 8.11 -16.08 -13.62
C ALA A 92 7.96 -14.92 -14.59
N GLY A 93 6.73 -14.44 -14.76
CA GLY A 93 6.47 -13.34 -15.66
C GLY A 93 5.00 -12.96 -15.72
N LYS A 94 4.40 -12.72 -14.55
CA LYS A 94 3.00 -12.35 -14.48
C LYS A 94 2.71 -11.13 -15.34
N TYR A 95 3.57 -10.12 -15.25
CA TYR A 95 3.41 -8.90 -16.02
C TYR A 95 4.59 -8.67 -16.95
N ASP A 96 4.65 -9.46 -18.02
CA ASP A 96 5.73 -9.36 -19.00
C ASP A 96 5.40 -8.33 -20.07
N ARG A 97 4.23 -8.47 -20.68
CA ARG A 97 3.78 -7.56 -21.73
C ARG A 97 3.78 -6.11 -21.22
N VAL A 98 3.25 -5.91 -20.01
CA VAL A 98 3.19 -4.58 -19.43
C VAL A 98 4.59 -4.02 -19.17
N TYR A 99 5.33 -4.68 -18.28
CA TYR A 99 6.69 -4.25 -17.96
C TYR A 99 7.46 -3.89 -19.22
N ASN A 100 7.41 -4.77 -20.22
CA ASN A 100 8.11 -4.55 -21.47
C ASN A 100 7.95 -3.10 -21.93
N GLY A 101 6.72 -2.71 -22.22
CA GLY A 101 6.47 -1.35 -22.66
C GLY A 101 7.19 -0.32 -21.82
N TYR A 102 6.96 -0.34 -20.52
CA TYR A 102 7.60 0.60 -19.60
C TYR A 102 9.08 0.73 -19.92
N VAL A 103 9.76 -0.40 -20.04
CA VAL A 103 11.19 -0.43 -20.33
C VAL A 103 11.53 0.56 -21.45
N ILE A 104 11.01 0.28 -22.64
CA ILE A 104 11.27 1.14 -23.80
C ILE A 104 10.76 2.56 -23.54
N HIS A 105 9.65 2.67 -22.84
CA HIS A 105 9.06 3.97 -22.52
C HIS A 105 10.06 4.85 -21.76
N LEU A 106 10.81 4.24 -20.86
CA LEU A 106 11.80 4.96 -20.08
C LEU A 106 12.96 5.44 -20.96
N ASP A 107 13.36 4.59 -21.89
CA ASP A 107 14.45 4.92 -22.80
C ASP A 107 14.29 6.34 -23.36
N TYR A 108 13.05 6.82 -23.37
CA TYR A 108 12.75 8.15 -23.88
C TYR A 108 13.83 9.14 -23.45
N GLY A 1 -26.98 55.74 23.12
CA GLY A 1 -25.70 56.24 22.66
C GLY A 1 -25.47 55.98 21.19
N SER A 2 -24.40 56.57 20.65
CA SER A 2 -24.09 56.41 19.23
C SER A 2 -22.81 55.60 19.05
N SER A 3 -22.45 55.35 17.80
CA SER A 3 -21.24 54.59 17.49
C SER A 3 -20.20 55.46 16.80
N GLY A 4 -19.02 54.89 16.55
CA GLY A 4 -17.95 55.64 15.90
C GLY A 4 -17.35 54.88 14.74
N SER A 5 -16.09 55.17 14.45
CA SER A 5 -15.38 54.51 13.36
C SER A 5 -13.88 54.78 13.42
N SER A 6 -13.13 54.19 12.50
CA SER A 6 -11.69 54.36 12.46
C SER A 6 -11.15 54.14 11.05
N GLY A 7 -9.85 54.32 10.89
CA GLY A 7 -9.23 54.13 9.58
C GLY A 7 -8.16 53.06 9.60
N ASN A 8 -7.38 52.99 8.52
CA ASN A 8 -6.31 52.00 8.42
C ASN A 8 -5.23 52.47 7.45
N VAL A 9 -4.07 51.82 7.51
CA VAL A 9 -2.95 52.17 6.65
C VAL A 9 -2.37 50.93 5.98
N ASP A 10 -1.85 51.10 4.77
CA ASP A 10 -1.24 50.00 4.03
C ASP A 10 0.28 50.14 3.98
N SER A 11 0.95 49.07 3.57
CA SER A 11 2.41 49.07 3.48
C SER A 11 2.89 47.87 2.68
N ASN A 12 4.21 47.80 2.48
CA ASN A 12 4.81 46.70 1.73
C ASN A 12 6.14 46.28 2.36
N GLN A 13 6.64 45.12 1.95
CA GLN A 13 7.90 44.61 2.47
C GLN A 13 8.31 43.33 1.75
N ASN A 14 9.57 42.93 1.93
CA ASN A 14 10.08 41.73 1.30
C ASN A 14 9.83 40.49 2.17
N LYS A 15 10.20 39.32 1.65
CA LYS A 15 10.03 38.08 2.38
C LYS A 15 11.23 37.17 2.21
N ALA A 16 11.21 36.02 2.90
CA ALA A 16 12.31 35.07 2.81
C ALA A 16 11.78 33.64 2.75
N SER A 17 12.63 32.72 2.30
CA SER A 17 12.25 31.32 2.19
C SER A 17 13.13 30.44 3.07
N MET A 18 12.76 30.34 4.34
CA MET A 18 13.52 29.52 5.29
C MET A 18 13.50 28.05 4.89
N LEU A 19 14.63 27.38 5.08
CA LEU A 19 14.75 25.97 4.72
C LEU A 19 15.87 25.31 5.52
N GLN A 20 15.75 24.01 5.72
CA GLN A 20 16.76 23.25 6.46
C GLN A 20 16.79 21.79 6.02
N ALA A 21 17.73 21.03 6.56
CA ALA A 21 17.86 19.62 6.22
C ALA A 21 18.92 18.93 7.09
N ARG A 22 18.82 17.62 7.21
CA ARG A 22 19.76 16.85 8.01
C ARG A 22 19.78 15.39 7.58
N LEU A 23 20.79 14.65 8.03
CA LEU A 23 20.93 13.24 7.70
C LEU A 23 21.62 12.48 8.81
N ASN A 24 20.94 11.46 9.34
CA ASN A 24 21.50 10.65 10.42
C ASN A 24 21.09 9.19 10.27
N ASP A 25 21.66 8.33 11.09
CA ASP A 25 21.35 6.90 11.05
C ASP A 25 21.60 6.25 12.42
N GLU A 26 20.81 5.22 12.72
CA GLU A 26 20.94 4.52 13.99
C GLU A 26 20.27 3.14 13.93
N ALA A 27 20.82 2.19 14.68
CA ALA A 27 20.28 0.84 14.70
C ALA A 27 19.04 0.76 15.60
N GLY A 28 18.39 -0.40 15.60
CA GLY A 28 17.21 -0.59 16.40
C GLY A 28 16.12 -1.37 15.68
N GLY A 29 16.10 -2.67 15.89
CA GLY A 29 15.10 -3.51 15.24
C GLY A 29 14.68 -4.68 16.10
N THR A 30 14.48 -4.42 17.39
CA THR A 30 14.07 -5.47 18.32
C THR A 30 12.82 -6.19 17.82
N ARG A 31 12.48 -7.29 18.48
CA ARG A 31 11.32 -8.09 18.10
C ARG A 31 10.09 -7.67 18.93
N LEU A 32 9.43 -6.60 18.50
CA LEU A 32 8.24 -6.10 19.19
C LEU A 32 7.00 -6.29 18.35
N LEU A 33 6.30 -7.40 18.55
CA LEU A 33 5.08 -7.69 17.80
C LEU A 33 3.83 -7.42 18.65
N ARG A 34 2.73 -7.10 17.99
CA ARG A 34 1.48 -6.81 18.67
C ARG A 34 0.28 -7.23 17.82
N VAL A 35 -0.83 -7.51 18.48
CA VAL A 35 -2.05 -7.92 17.79
C VAL A 35 -2.42 -6.91 16.71
N HIS A 36 -3.07 -7.39 15.65
CA HIS A 36 -3.48 -6.54 14.55
C HIS A 36 -4.20 -5.29 15.06
N HIS A 37 -3.64 -4.13 14.72
CA HIS A 37 -4.22 -2.86 15.15
C HIS A 37 -4.53 -1.97 13.95
N GLU A 38 -5.57 -1.14 14.09
CA GLU A 38 -5.97 -0.24 13.01
C GLU A 38 -4.81 0.65 12.58
N SER A 39 -4.22 1.34 13.56
CA SER A 39 -3.11 2.24 13.28
C SER A 39 -1.93 1.48 12.66
N ASP A 40 -1.49 0.42 13.35
CA ASP A 40 -0.38 -0.40 12.88
C ASP A 40 -0.75 -1.10 11.56
N THR A 41 -0.53 -0.41 10.46
CA THR A 41 -0.83 -0.97 9.14
C THR A 41 0.29 -0.70 8.15
N GLU A 42 0.99 -1.77 7.76
CA GLU A 42 2.10 -1.65 6.82
C GLU A 42 1.63 -1.01 5.52
N GLU A 43 2.06 0.23 5.27
CA GLU A 43 1.68 0.95 4.07
C GLU A 43 2.84 1.01 3.08
N ARG A 44 3.95 1.58 3.53
CA ARG A 44 5.15 1.70 2.69
C ARG A 44 5.36 0.43 1.86
N GLY A 45 5.41 0.59 0.55
CA GLY A 45 5.61 -0.54 -0.33
C GLY A 45 4.31 -1.29 -0.62
N PHE A 46 3.48 -1.43 0.40
CA PHE A 46 2.21 -2.13 0.26
C PHE A 46 1.28 -1.38 -0.69
N LEU A 47 0.97 -0.14 -0.35
CA LEU A 47 0.09 0.69 -1.16
C LEU A 47 0.68 0.89 -2.56
N GLU A 48 1.89 1.41 -2.62
CA GLU A 48 2.56 1.65 -3.89
C GLU A 48 2.40 0.46 -4.83
N LYS A 49 2.86 -0.70 -4.38
CA LYS A 49 2.75 -1.92 -5.18
C LYS A 49 1.35 -2.10 -5.72
N ALA A 50 0.36 -1.85 -4.86
CA ALA A 50 -1.04 -1.98 -5.26
C ALA A 50 -1.32 -1.20 -6.54
N ALA A 51 -1.10 0.10 -6.50
CA ALA A 51 -1.33 0.95 -7.66
C ALA A 51 -0.65 0.39 -8.91
N VAL A 52 0.63 0.03 -8.76
CA VAL A 52 1.39 -0.52 -9.87
C VAL A 52 0.69 -1.74 -10.47
N LYS A 53 0.34 -2.70 -9.61
CA LYS A 53 -0.33 -3.91 -10.04
C LYS A 53 -1.67 -3.59 -10.70
N LYS A 54 -2.54 -2.90 -9.97
CA LYS A 54 -3.85 -2.53 -10.48
C LYS A 54 -3.74 -1.96 -11.89
N MET A 55 -3.00 -0.86 -12.04
CA MET A 55 -2.82 -0.22 -13.33
C MET A 55 -2.48 -1.25 -14.39
N ALA A 56 -1.71 -2.26 -14.02
CA ALA A 56 -1.32 -3.31 -14.95
C ALA A 56 -2.54 -4.00 -15.55
N LYS A 57 -3.38 -4.55 -14.67
CA LYS A 57 -4.59 -5.24 -15.11
C LYS A 57 -5.27 -4.48 -16.25
N ALA A 58 -5.65 -3.24 -15.99
CA ALA A 58 -6.31 -2.41 -16.99
C ALA A 58 -5.55 -2.45 -18.31
N ILE A 59 -4.23 -2.35 -18.23
CA ILE A 59 -3.39 -2.37 -19.43
C ILE A 59 -3.53 -3.69 -20.16
N MET A 60 -3.33 -4.79 -19.44
CA MET A 60 -3.43 -6.12 -20.02
C MET A 60 -4.61 -6.21 -20.98
N ALA A 61 -5.75 -5.68 -20.56
CA ALA A 61 -6.95 -5.69 -21.39
C ALA A 61 -6.95 -4.53 -22.37
N ASP A 62 -6.94 -3.31 -21.85
CA ASP A 62 -6.93 -2.12 -22.68
C ASP A 62 -5.51 -1.64 -22.92
N PRO A 63 -5.02 -1.85 -24.15
CA PRO A 63 -3.66 -1.44 -24.54
C PRO A 63 -3.52 0.07 -24.66
N ASN A 64 -4.63 0.75 -24.89
CA ASN A 64 -4.63 2.20 -25.02
C ASN A 64 -4.23 2.86 -23.71
N LYS A 65 -4.62 2.24 -22.60
CA LYS A 65 -4.30 2.76 -21.28
C LYS A 65 -2.78 2.76 -21.04
N ALA A 66 -2.13 1.71 -21.51
CA ALA A 66 -0.68 1.58 -21.35
C ALA A 66 0.01 2.93 -21.54
N ASP A 67 -0.18 3.52 -22.73
CA ASP A 67 0.43 4.81 -23.03
C ASP A 67 0.31 5.77 -21.86
N GLU A 68 -0.92 6.04 -21.43
CA GLU A 68 -1.17 6.94 -20.31
C GLU A 68 -0.45 6.45 -19.06
N VAL A 69 -0.65 5.18 -18.71
CA VAL A 69 -0.02 4.60 -17.53
C VAL A 69 1.48 4.86 -17.53
N TYR A 70 2.18 4.27 -18.50
CA TYR A 70 3.63 4.43 -18.61
C TYR A 70 4.05 5.84 -18.21
N LYS A 71 3.47 6.83 -18.87
CA LYS A 71 3.79 8.23 -18.59
C LYS A 71 3.61 8.53 -17.10
N LYS A 72 2.51 8.05 -16.53
CA LYS A 72 2.23 8.26 -15.11
C LYS A 72 3.32 7.63 -14.24
N TRP A 73 3.50 6.33 -14.39
CA TRP A 73 4.51 5.61 -13.62
C TRP A 73 5.82 6.39 -13.58
N ALA A 74 6.43 6.58 -14.75
CA ALA A 74 7.68 7.31 -14.85
C ALA A 74 7.61 8.64 -14.12
N ASP A 75 6.47 9.31 -14.22
CA ASP A 75 6.27 10.60 -13.57
C ASP A 75 6.33 10.44 -12.05
N LYS A 76 5.72 9.38 -11.54
CA LYS A 76 5.70 9.12 -10.10
C LYS A 76 7.11 9.11 -9.53
N GLY A 77 8.01 8.35 -10.17
CA GLY A 77 9.38 8.28 -9.72
C GLY A 77 9.85 6.85 -9.53
N TYR A 78 9.49 5.98 -10.47
CA TYR A 78 9.87 4.58 -10.40
C TYR A 78 10.97 4.26 -11.41
N THR A 79 11.46 3.03 -11.38
CA THR A 79 12.51 2.59 -12.29
C THR A 79 12.54 1.08 -12.41
N LEU A 80 13.18 0.59 -13.47
CA LEU A 80 13.28 -0.85 -13.71
C LEU A 80 13.41 -1.60 -12.39
N THR A 81 14.23 -1.08 -11.48
CA THR A 81 14.43 -1.71 -10.18
C THR A 81 13.12 -1.82 -9.41
N GLN A 82 12.48 -0.67 -9.17
CA GLN A 82 11.22 -0.64 -8.45
C GLN A 82 10.12 -1.32 -9.26
N MET A 83 9.87 -0.82 -10.46
CA MET A 83 8.84 -1.37 -11.33
C MET A 83 8.84 -2.89 -11.27
N SER A 84 9.93 -3.50 -11.74
CA SER A 84 10.05 -4.95 -11.74
C SER A 84 9.70 -5.53 -10.37
N ASN A 85 10.30 -4.97 -9.33
CA ASN A 85 10.06 -5.42 -7.96
C ASN A 85 8.56 -5.51 -7.68
N PHE A 86 7.80 -4.58 -8.22
CA PHE A 86 6.35 -4.55 -8.03
C PHE A 86 5.68 -5.62 -8.88
N LEU A 87 6.16 -5.78 -10.11
CA LEU A 87 5.60 -6.76 -11.03
C LEU A 87 6.46 -8.01 -11.08
N LYS A 88 7.07 -8.34 -9.94
CA LYS A 88 7.92 -9.52 -9.85
C LYS A 88 7.10 -10.78 -9.58
N SER A 89 5.94 -10.87 -10.25
CA SER A 89 5.06 -12.02 -10.09
C SER A 89 5.66 -13.27 -10.73
N LYS A 90 6.75 -13.75 -10.14
CA LYS A 90 7.43 -14.95 -10.64
C LYS A 90 6.43 -15.93 -11.24
N THR A 91 6.21 -15.83 -12.55
CA THR A 91 5.28 -16.71 -13.24
C THR A 91 5.70 -16.91 -14.69
N ALA A 92 5.44 -18.11 -15.22
CA ALA A 92 5.78 -18.43 -16.59
C ALA A 92 5.63 -17.20 -17.49
N GLY A 93 4.62 -16.39 -17.22
CA GLY A 93 4.39 -15.19 -18.02
C GLY A 93 3.29 -14.32 -17.45
N LYS A 94 3.67 -13.39 -16.57
CA LYS A 94 2.70 -12.49 -15.95
C LYS A 94 3.22 -11.06 -15.98
N TYR A 95 2.36 -10.13 -16.44
CA TYR A 95 2.73 -8.73 -16.51
C TYR A 95 3.97 -8.53 -17.37
N ASP A 96 4.12 -9.37 -18.39
CA ASP A 96 5.26 -9.29 -19.30
C ASP A 96 5.15 -8.07 -20.20
N ARG A 97 4.00 -7.93 -20.86
CA ARG A 97 3.77 -6.80 -21.75
C ARG A 97 3.88 -5.48 -21.01
N VAL A 98 3.26 -5.41 -19.83
CA VAL A 98 3.28 -4.21 -19.01
C VAL A 98 4.71 -3.77 -18.72
N TYR A 99 5.54 -4.72 -18.30
CA TYR A 99 6.93 -4.43 -17.99
C TYR A 99 7.70 -4.03 -19.23
N ASN A 100 7.56 -4.83 -20.29
CA ASN A 100 8.26 -4.56 -21.55
C ASN A 100 8.08 -3.09 -21.95
N GLY A 101 6.83 -2.67 -22.11
CA GLY A 101 6.56 -1.29 -22.49
C GLY A 101 7.35 -0.29 -21.67
N TYR A 102 7.20 -0.36 -20.35
CA TYR A 102 7.90 0.54 -19.46
C TYR A 102 9.38 0.65 -19.83
N VAL A 103 10.06 -0.49 -19.88
CA VAL A 103 11.47 -0.53 -20.23
C VAL A 103 11.79 0.49 -21.32
N ILE A 104 11.15 0.33 -22.47
CA ILE A 104 11.37 1.24 -23.59
C ILE A 104 10.91 2.65 -23.25
N HIS A 105 9.73 2.76 -22.66
CA HIS A 105 9.16 4.05 -22.28
C HIS A 105 10.23 4.93 -21.63
N LEU A 106 10.89 4.39 -20.62
CA LEU A 106 11.94 5.12 -19.91
C LEU A 106 13.10 5.45 -20.84
N ASP A 107 13.28 4.62 -21.86
CA ASP A 107 14.36 4.83 -22.83
C ASP A 107 14.43 6.29 -23.25
N TYR A 108 13.30 6.97 -23.21
CA TYR A 108 13.23 8.38 -23.59
C TYR A 108 14.28 9.20 -22.83
N GLY A 1 -65.10 2.23 -17.77
CA GLY A 1 -65.09 3.52 -18.45
C GLY A 1 -63.95 4.40 -18.02
N SER A 2 -63.80 4.57 -16.71
CA SER A 2 -62.73 5.42 -16.17
C SER A 2 -61.44 4.61 -15.99
N SER A 3 -60.32 5.31 -15.91
CA SER A 3 -59.03 4.67 -15.74
C SER A 3 -58.06 5.57 -14.98
N GLY A 4 -56.84 5.07 -14.77
CA GLY A 4 -55.84 5.86 -14.06
C GLY A 4 -54.45 5.69 -14.64
N SER A 5 -53.44 5.99 -13.85
CA SER A 5 -52.05 5.89 -14.30
C SER A 5 -51.13 5.50 -13.14
N SER A 6 -49.85 5.31 -13.44
CA SER A 6 -48.87 4.94 -12.44
C SER A 6 -48.09 6.15 -11.96
N GLY A 7 -47.19 5.93 -11.00
CA GLY A 7 -46.39 7.03 -10.47
C GLY A 7 -45.03 6.56 -9.99
N ASN A 8 -43.98 7.31 -10.33
CA ASN A 8 -42.64 6.96 -9.92
C ASN A 8 -41.65 8.05 -10.34
N VAL A 9 -40.59 8.21 -9.55
CA VAL A 9 -39.57 9.22 -9.84
C VAL A 9 -38.17 8.62 -9.78
N ASP A 10 -37.81 8.08 -8.63
CA ASP A 10 -36.49 7.47 -8.44
C ASP A 10 -36.40 6.78 -7.09
N SER A 11 -35.42 5.90 -6.95
CA SER A 11 -35.22 5.16 -5.69
C SER A 11 -33.92 4.37 -5.74
N ASN A 12 -33.39 4.06 -4.55
CA ASN A 12 -32.14 3.31 -4.46
C ASN A 12 -30.98 4.08 -5.07
N GLN A 13 -30.94 5.38 -4.82
CA GLN A 13 -29.88 6.24 -5.36
C GLN A 13 -29.06 6.87 -4.22
N ASN A 14 -27.91 6.28 -3.93
CA ASN A 14 -27.04 6.79 -2.88
C ASN A 14 -25.67 6.12 -2.93
N LYS A 15 -24.64 6.90 -3.20
CA LYS A 15 -23.27 6.39 -3.29
C LYS A 15 -22.25 7.50 -3.04
N ALA A 16 -21.00 7.11 -2.86
CA ALA A 16 -19.92 8.07 -2.62
C ALA A 16 -18.56 7.45 -2.90
N SER A 17 -17.76 8.15 -3.69
CA SER A 17 -16.42 7.67 -4.04
C SER A 17 -15.35 8.50 -3.36
N MET A 18 -15.10 8.21 -2.08
CA MET A 18 -14.10 8.94 -1.31
C MET A 18 -12.90 9.31 -2.19
N LEU A 19 -12.22 10.38 -1.83
CA LEU A 19 -11.05 10.84 -2.58
C LEU A 19 -10.14 11.69 -1.71
N GLN A 20 -8.83 11.60 -1.96
CA GLN A 20 -7.86 12.37 -1.21
C GLN A 20 -6.86 13.04 -2.12
N ALA A 21 -6.10 13.99 -1.58
CA ALA A 21 -5.10 14.71 -2.35
C ALA A 21 -3.77 14.79 -1.61
N ARG A 22 -2.67 14.65 -2.35
CA ARG A 22 -1.35 14.71 -1.75
C ARG A 22 -0.50 15.80 -2.40
N LEU A 23 -0.45 16.96 -1.75
CA LEU A 23 0.32 18.09 -2.25
C LEU A 23 1.30 18.59 -1.20
N ASN A 24 2.47 17.95 -1.14
CA ASN A 24 3.50 18.32 -0.19
C ASN A 24 4.86 17.76 -0.60
N ASP A 25 5.93 18.37 -0.08
CA ASP A 25 7.28 17.93 -0.40
C ASP A 25 7.97 17.37 0.83
N GLU A 26 7.22 16.62 1.64
CA GLU A 26 7.77 16.03 2.86
C GLU A 26 7.60 14.52 2.85
N ALA A 27 8.49 13.83 2.13
CA ALA A 27 8.45 12.37 2.04
C ALA A 27 9.36 11.73 3.08
N GLY A 28 8.76 10.95 3.97
CA GLY A 28 9.53 10.29 5.01
C GLY A 28 10.60 9.38 4.45
N GLY A 29 11.79 9.93 4.20
CA GLY A 29 12.88 9.15 3.67
C GLY A 29 13.82 8.65 4.73
N THR A 30 13.60 7.42 5.20
CA THR A 30 14.44 6.84 6.24
C THR A 30 15.38 5.77 5.66
N ARG A 31 16.56 5.66 6.23
CA ARG A 31 17.54 4.69 5.77
C ARG A 31 16.97 3.27 5.82
N LEU A 32 17.72 2.32 5.27
CA LEU A 32 17.28 0.93 5.24
C LEU A 32 17.85 0.16 6.44
N LEU A 33 17.19 0.27 7.58
CA LEU A 33 17.63 -0.41 8.79
C LEU A 33 17.06 -1.83 8.86
N ARG A 34 17.60 -2.64 9.77
CA ARG A 34 17.15 -4.02 9.93
C ARG A 34 16.79 -4.31 11.39
N VAL A 35 16.37 -3.26 12.10
CA VAL A 35 16.00 -3.41 13.50
C VAL A 35 14.50 -3.67 13.65
N HIS A 36 14.16 -4.79 14.28
CA HIS A 36 12.77 -5.16 14.49
C HIS A 36 12.41 -5.11 15.97
N HIS A 37 11.72 -4.04 16.37
CA HIS A 37 11.31 -3.87 17.75
C HIS A 37 9.80 -3.80 17.87
N GLU A 38 9.17 -3.00 17.01
CA GLU A 38 7.72 -2.86 17.03
C GLU A 38 7.15 -2.97 15.61
N SER A 39 6.00 -3.62 15.50
CA SER A 39 5.36 -3.80 14.20
C SER A 39 4.67 -2.51 13.75
N ASP A 40 5.30 -1.82 12.80
CA ASP A 40 4.75 -0.57 12.28
C ASP A 40 3.92 -0.82 11.03
N THR A 41 3.33 0.25 10.49
CA THR A 41 2.52 0.14 9.29
C THR A 41 3.11 0.96 8.15
N GLU A 42 3.67 0.27 7.16
CA GLU A 42 4.27 0.94 6.02
C GLU A 42 3.31 0.94 4.83
N GLU A 43 2.62 2.06 4.64
CA GLU A 43 1.67 2.18 3.54
C GLU A 43 2.34 2.78 2.31
N ARG A 44 3.15 3.80 2.52
CA ARG A 44 3.86 4.47 1.43
C ARG A 44 4.33 3.46 0.39
N GLY A 45 4.86 2.34 0.87
CA GLY A 45 5.34 1.31 -0.03
C GLY A 45 4.29 0.24 -0.32
N PHE A 46 3.71 -0.31 0.75
CA PHE A 46 2.69 -1.33 0.61
C PHE A 46 1.68 -0.97 -0.48
N LEU A 47 1.01 0.16 -0.30
CA LEU A 47 0.02 0.64 -1.26
C LEU A 47 0.65 0.79 -2.65
N GLU A 48 1.79 1.46 -2.71
CA GLU A 48 2.49 1.68 -3.97
C GLU A 48 2.45 0.42 -4.84
N LYS A 49 2.90 -0.70 -4.27
CA LYS A 49 2.91 -1.96 -4.99
C LYS A 49 1.53 -2.27 -5.58
N ALA A 50 0.50 -2.13 -4.75
CA ALA A 50 -0.86 -2.39 -5.19
C ALA A 50 -1.23 -1.52 -6.37
N ALA A 51 -0.85 -0.24 -6.30
CA ALA A 51 -1.15 0.71 -7.37
C ALA A 51 -0.61 0.21 -8.71
N VAL A 52 0.66 -0.19 -8.73
CA VAL A 52 1.29 -0.69 -9.94
C VAL A 52 0.52 -1.87 -10.52
N LYS A 53 0.10 -2.78 -9.64
CA LYS A 53 -0.66 -3.96 -10.06
C LYS A 53 -1.96 -3.56 -10.74
N LYS A 54 -2.58 -2.50 -10.24
CA LYS A 54 -3.84 -2.01 -10.80
C LYS A 54 -3.64 -1.52 -12.22
N MET A 55 -2.62 -0.69 -12.42
CA MET A 55 -2.33 -0.15 -13.75
C MET A 55 -2.19 -1.27 -14.77
N ALA A 56 -1.23 -2.17 -14.54
CA ALA A 56 -0.99 -3.28 -15.45
C ALA A 56 -2.30 -4.00 -15.79
N LYS A 57 -3.05 -4.38 -14.76
CA LYS A 57 -4.32 -5.07 -14.95
C LYS A 57 -5.18 -4.36 -15.98
N ALA A 58 -5.39 -3.06 -15.78
CA ALA A 58 -6.19 -2.25 -16.69
C ALA A 58 -5.66 -2.36 -18.12
N ILE A 59 -4.34 -2.31 -18.26
CA ILE A 59 -3.70 -2.40 -19.56
C ILE A 59 -4.06 -3.70 -20.27
N MET A 60 -3.84 -4.82 -19.58
CA MET A 60 -4.15 -6.13 -20.13
C MET A 60 -5.50 -6.12 -20.84
N ALA A 61 -6.42 -5.31 -20.33
CA ALA A 61 -7.75 -5.21 -20.91
C ALA A 61 -7.75 -4.30 -22.13
N ASP A 62 -7.26 -3.08 -21.95
CA ASP A 62 -7.20 -2.10 -23.03
C ASP A 62 -5.77 -1.61 -23.24
N PRO A 63 -5.33 -1.60 -24.51
CA PRO A 63 -3.98 -1.15 -24.88
C PRO A 63 -3.80 0.35 -24.70
N ASN A 64 -4.83 1.12 -25.04
CA ASN A 64 -4.78 2.57 -24.90
C ASN A 64 -4.41 2.97 -23.48
N LYS A 65 -4.67 2.07 -22.53
CA LYS A 65 -4.36 2.34 -21.13
C LYS A 65 -2.85 2.36 -20.90
N ALA A 66 -2.14 1.48 -21.59
CA ALA A 66 -0.69 1.40 -21.46
C ALA A 66 -0.05 2.77 -21.59
N ASP A 67 -0.33 3.46 -22.69
CA ASP A 67 0.22 4.78 -22.93
C ASP A 67 0.09 5.65 -21.68
N GLU A 68 -1.12 5.80 -21.19
CA GLU A 68 -1.37 6.61 -20.00
C GLU A 68 -0.50 6.15 -18.84
N VAL A 69 -0.52 4.85 -18.56
CA VAL A 69 0.27 4.28 -17.47
C VAL A 69 1.74 4.66 -17.61
N TYR A 70 2.37 4.19 -18.68
CA TYR A 70 3.78 4.48 -18.93
C TYR A 70 4.13 5.91 -18.52
N LYS A 71 3.33 6.86 -18.97
CA LYS A 71 3.55 8.27 -18.65
C LYS A 71 3.40 8.51 -17.15
N LYS A 72 2.37 7.90 -16.56
CA LYS A 72 2.13 8.04 -15.13
C LYS A 72 3.32 7.56 -14.32
N TRP A 73 3.60 6.26 -14.39
CA TRP A 73 4.71 5.67 -13.66
C TRP A 73 5.92 6.60 -13.67
N ALA A 74 6.55 6.75 -14.83
CA ALA A 74 7.71 7.61 -14.97
C ALA A 74 7.54 8.90 -14.18
N ASP A 75 6.36 9.51 -14.29
CA ASP A 75 6.07 10.75 -13.59
C ASP A 75 6.19 10.56 -12.09
N LYS A 76 5.70 9.41 -11.60
CA LYS A 76 5.74 9.10 -10.17
C LYS A 76 7.18 8.97 -9.70
N GLY A 77 8.03 8.39 -10.53
CA GLY A 77 9.42 8.21 -10.18
C GLY A 77 9.78 6.76 -9.93
N TYR A 78 9.35 5.88 -10.83
CA TYR A 78 9.62 4.45 -10.70
C TYR A 78 10.82 4.05 -11.55
N THR A 79 11.35 2.86 -11.28
CA THR A 79 12.50 2.36 -12.01
C THR A 79 12.49 0.83 -12.08
N LEU A 80 13.07 0.28 -13.15
CA LEU A 80 13.12 -1.16 -13.34
C LEU A 80 13.35 -1.88 -12.00
N THR A 81 14.18 -1.28 -11.15
CA THR A 81 14.48 -1.85 -9.85
C THR A 81 13.22 -2.01 -9.01
N GLN A 82 12.45 -0.92 -8.91
CA GLN A 82 11.22 -0.94 -8.13
C GLN A 82 10.09 -1.60 -8.92
N MET A 83 9.79 -1.05 -10.09
CA MET A 83 8.73 -1.59 -10.94
C MET A 83 8.70 -3.10 -10.87
N SER A 84 9.77 -3.75 -11.33
CA SER A 84 9.85 -5.20 -11.32
C SER A 84 9.60 -5.75 -9.92
N ASN A 85 10.13 -5.06 -8.92
CA ASN A 85 9.96 -5.48 -7.53
C ASN A 85 8.50 -5.43 -7.12
N PHE A 86 7.69 -4.72 -7.90
CA PHE A 86 6.26 -4.59 -7.62
C PHE A 86 5.46 -5.62 -8.40
N LEU A 87 5.84 -5.83 -9.65
CA LEU A 87 5.16 -6.79 -10.51
C LEU A 87 5.70 -8.19 -10.30
N LYS A 88 6.31 -8.42 -9.14
CA LYS A 88 6.87 -9.72 -8.81
C LYS A 88 5.77 -10.75 -8.62
N SER A 89 5.18 -11.19 -9.72
CA SER A 89 4.11 -12.18 -9.68
C SER A 89 4.67 -13.60 -9.73
N LYS A 90 5.75 -13.83 -8.99
CA LYS A 90 6.39 -15.13 -8.95
C LYS A 90 6.29 -15.84 -10.30
N THR A 91 6.38 -15.06 -11.38
CA THR A 91 6.30 -15.60 -12.72
C THR A 91 7.28 -14.89 -13.66
N ALA A 92 7.86 -15.65 -14.58
CA ALA A 92 8.82 -15.11 -15.53
C ALA A 92 8.20 -14.98 -16.92
N GLY A 93 6.97 -14.48 -16.97
CA GLY A 93 6.29 -14.31 -18.24
C GLY A 93 4.82 -13.95 -18.07
N LYS A 94 4.53 -13.15 -17.05
CA LYS A 94 3.16 -12.74 -16.78
C LYS A 94 2.92 -11.30 -17.26
N TYR A 95 3.52 -10.34 -16.56
CA TYR A 95 3.38 -8.94 -16.92
C TYR A 95 4.51 -8.49 -17.84
N ASP A 96 4.85 -9.34 -18.81
CA ASP A 96 5.91 -9.03 -19.75
C ASP A 96 5.47 -7.96 -20.74
N ARG A 97 4.21 -8.03 -21.16
CA ARG A 97 3.66 -7.06 -22.09
C ARG A 97 3.60 -5.67 -21.47
N VAL A 98 3.29 -5.63 -20.17
CA VAL A 98 3.20 -4.35 -19.46
C VAL A 98 4.58 -3.84 -19.07
N TYR A 99 5.43 -4.74 -18.59
CA TYR A 99 6.78 -4.38 -18.18
C TYR A 99 7.60 -3.89 -19.37
N ASN A 100 7.69 -4.72 -20.41
CA ASN A 100 8.44 -4.37 -21.61
C ASN A 100 8.17 -2.92 -22.01
N GLY A 101 6.93 -2.64 -22.40
CA GLY A 101 6.57 -1.29 -22.81
C GLY A 101 7.21 -0.23 -21.94
N TYR A 102 7.08 -0.40 -20.63
CA TYR A 102 7.65 0.56 -19.67
C TYR A 102 9.14 0.76 -19.94
N VAL A 103 9.87 -0.34 -20.05
CA VAL A 103 11.30 -0.29 -20.29
C VAL A 103 11.63 0.73 -21.37
N ILE A 104 11.01 0.56 -22.54
CA ILE A 104 11.25 1.47 -23.66
C ILE A 104 10.99 2.92 -23.26
N HIS A 105 9.80 3.18 -22.70
CA HIS A 105 9.44 4.52 -22.28
C HIS A 105 10.62 5.22 -21.62
N LEU A 106 11.30 4.52 -20.72
CA LEU A 106 12.45 5.08 -20.02
C LEU A 106 13.52 5.54 -21.02
N ASP A 107 13.71 4.76 -22.07
CA ASP A 107 14.69 5.08 -23.10
C ASP A 107 14.67 6.57 -23.42
N TYR A 108 13.52 7.21 -23.19
CA TYR A 108 13.37 8.63 -23.47
C TYR A 108 14.53 9.43 -22.89
N GLY A 1 -54.11 42.96 53.26
CA GLY A 1 -53.75 43.28 51.89
C GLY A 1 -52.91 42.19 51.26
N SER A 2 -51.84 42.59 50.57
CA SER A 2 -50.96 41.64 49.90
C SER A 2 -49.58 42.26 49.66
N SER A 3 -48.64 41.43 49.24
CA SER A 3 -47.27 41.88 48.98
C SER A 3 -47.02 42.01 47.48
N GLY A 4 -47.13 40.88 46.77
CA GLY A 4 -46.91 40.89 45.34
C GLY A 4 -45.66 40.11 44.94
N SER A 5 -44.60 40.83 44.60
CA SER A 5 -43.35 40.20 44.19
C SER A 5 -42.87 39.21 45.25
N SER A 6 -42.17 38.18 44.81
CA SER A 6 -41.65 37.15 45.71
C SER A 6 -40.70 36.21 44.98
N GLY A 7 -39.75 35.66 45.73
CA GLY A 7 -38.78 34.74 45.13
C GLY A 7 -39.38 33.39 44.82
N ASN A 8 -38.57 32.49 44.28
CA ASN A 8 -39.03 31.15 43.94
C ASN A 8 -37.86 30.27 43.50
N VAL A 9 -37.49 29.32 44.35
CA VAL A 9 -36.39 28.41 44.06
C VAL A 9 -35.30 29.11 43.25
N ASP A 10 -34.92 30.30 43.70
CA ASP A 10 -33.89 31.08 43.02
C ASP A 10 -32.49 30.54 43.35
N SER A 11 -31.91 29.81 42.40
CA SER A 11 -30.59 29.24 42.59
C SER A 11 -30.05 28.66 41.28
N ASN A 12 -28.79 28.25 41.30
CA ASN A 12 -28.15 27.69 40.10
C ASN A 12 -26.74 27.18 40.43
N GLN A 13 -26.12 26.54 39.45
CA GLN A 13 -24.78 26.00 39.63
C GLN A 13 -23.99 26.03 38.31
N ASN A 14 -22.73 25.65 38.37
CA ASN A 14 -21.88 25.63 37.19
C ASN A 14 -20.86 24.49 37.27
N LYS A 15 -20.80 23.69 36.21
CA LYS A 15 -19.87 22.57 36.16
C LYS A 15 -18.92 22.71 34.97
N ALA A 16 -17.90 21.85 34.93
CA ALA A 16 -16.92 21.87 33.85
C ALA A 16 -17.21 20.78 32.83
N SER A 17 -16.56 20.86 31.67
CA SER A 17 -16.74 19.89 30.62
C SER A 17 -15.76 18.73 30.77
N MET A 18 -14.47 19.05 30.71
CA MET A 18 -13.41 18.04 30.84
C MET A 18 -13.46 17.06 29.67
N LEU A 19 -13.78 17.57 28.49
CA LEU A 19 -13.86 16.74 27.30
C LEU A 19 -12.53 16.74 26.56
N GLN A 20 -12.26 15.65 25.83
CA GLN A 20 -11.02 15.51 25.08
C GLN A 20 -11.13 14.40 24.05
N ALA A 21 -10.09 14.24 23.23
CA ALA A 21 -10.06 13.20 22.22
C ALA A 21 -10.13 11.81 22.84
N ARG A 22 -10.18 10.79 21.99
CA ARG A 22 -10.26 9.41 22.46
C ARG A 22 -8.89 8.74 22.38
N LEU A 23 -8.42 8.24 23.51
CA LEU A 23 -7.13 7.57 23.57
C LEU A 23 -7.09 6.38 22.63
N ASN A 24 -5.93 5.72 22.55
CA ASN A 24 -5.77 4.56 21.68
C ASN A 24 -5.18 3.38 22.44
N ASP A 25 -5.66 2.19 22.15
CA ASP A 25 -5.18 0.98 22.82
C ASP A 25 -5.05 -0.17 21.82
N GLU A 26 -3.90 -0.84 21.83
CA GLU A 26 -3.65 -1.96 20.93
C GLU A 26 -4.24 -3.25 21.50
N ALA A 27 -5.19 -3.82 20.75
CA ALA A 27 -5.84 -5.06 21.17
C ALA A 27 -5.47 -6.22 20.25
N GLY A 28 -4.82 -7.23 20.81
CA GLY A 28 -4.42 -8.38 20.01
C GLY A 28 -5.60 -9.10 19.39
N GLY A 29 -5.33 -9.92 18.39
CA GLY A 29 -6.40 -10.66 17.72
C GLY A 29 -6.85 -9.98 16.44
N THR A 30 -6.37 -10.49 15.31
CA THR A 30 -6.73 -9.95 14.00
C THR A 30 -8.05 -10.51 13.52
N ARG A 31 -9.15 -9.95 14.00
CA ARG A 31 -10.48 -10.39 13.61
C ARG A 31 -11.35 -9.21 13.20
N LEU A 32 -12.61 -9.50 12.89
CA LEU A 32 -13.54 -8.45 12.47
C LEU A 32 -14.28 -7.87 13.68
N LEU A 33 -13.53 -7.58 14.73
CA LEU A 33 -14.10 -7.01 15.95
C LEU A 33 -13.39 -5.73 16.34
N ARG A 34 -14.16 -4.76 16.83
CA ARG A 34 -13.60 -3.47 17.24
C ARG A 34 -14.14 -3.05 18.60
N VAL A 35 -13.58 -3.62 19.66
CA VAL A 35 -14.00 -3.30 21.02
C VAL A 35 -13.54 -1.91 21.43
N HIS A 36 -12.40 -1.49 20.89
CA HIS A 36 -11.85 -0.18 21.20
C HIS A 36 -11.64 0.64 19.92
N HIS A 37 -10.94 0.06 18.97
CA HIS A 37 -10.67 0.73 17.70
C HIS A 37 -10.23 -0.28 16.64
N GLU A 38 -9.94 0.22 15.43
CA GLU A 38 -9.52 -0.63 14.33
C GLU A 38 -8.04 -0.97 14.46
N SER A 39 -7.70 -2.19 14.06
CA SER A 39 -6.31 -2.66 14.13
C SER A 39 -5.43 -1.90 13.15
N ASP A 40 -4.12 -2.00 13.34
CA ASP A 40 -3.17 -1.32 12.46
C ASP A 40 -2.57 -2.30 11.47
N THR A 41 -2.49 -1.88 10.21
CA THR A 41 -1.93 -2.72 9.15
C THR A 41 -0.89 -1.97 8.34
N GLU A 42 0.36 -2.41 8.45
CA GLU A 42 1.47 -1.78 7.74
C GLU A 42 1.02 -1.30 6.36
N GLU A 43 1.60 -0.19 5.91
CA GLU A 43 1.26 0.38 4.61
C GLU A 43 2.51 0.55 3.74
N ARG A 44 3.60 0.94 4.37
CA ARG A 44 4.85 1.14 3.66
C ARG A 44 5.00 0.13 2.52
N GLY A 45 4.78 0.58 1.30
CA GLY A 45 4.88 -0.30 0.15
C GLY A 45 3.61 -1.08 -0.12
N PHE A 46 3.02 -1.61 0.95
CA PHE A 46 1.79 -2.39 0.82
C PHE A 46 0.82 -1.71 -0.14
N LEU A 47 0.58 -0.42 0.08
CA LEU A 47 -0.33 0.34 -0.76
C LEU A 47 0.24 0.51 -2.17
N GLU A 48 1.47 1.00 -2.24
CA GLU A 48 2.12 1.22 -3.53
C GLU A 48 1.98 -0.01 -4.42
N LYS A 49 2.56 -1.12 -3.99
CA LYS A 49 2.49 -2.36 -4.75
C LYS A 49 1.13 -2.53 -5.41
N ALA A 50 0.07 -2.26 -4.65
CA ALA A 50 -1.29 -2.37 -5.16
C ALA A 50 -1.47 -1.52 -6.42
N ALA A 51 -1.45 -0.20 -6.24
CA ALA A 51 -1.61 0.72 -7.36
C ALA A 51 -0.80 0.26 -8.57
N VAL A 52 0.52 0.26 -8.42
CA VAL A 52 1.41 -0.16 -9.51
C VAL A 52 0.85 -1.38 -10.23
N LYS A 53 0.58 -2.43 -9.47
CA LYS A 53 0.04 -3.67 -10.05
C LYS A 53 -1.26 -3.39 -10.79
N LYS A 54 -2.11 -2.56 -10.20
CA LYS A 54 -3.40 -2.23 -10.79
C LYS A 54 -3.20 -1.54 -12.14
N MET A 55 -2.47 -0.44 -12.14
CA MET A 55 -2.20 0.31 -13.37
C MET A 55 -1.85 -0.64 -14.51
N ALA A 56 -1.25 -1.77 -14.17
CA ALA A 56 -0.86 -2.76 -15.18
C ALA A 56 -2.05 -3.65 -15.55
N LYS A 57 -2.75 -4.15 -14.54
CA LYS A 57 -3.90 -5.02 -14.76
C LYS A 57 -4.88 -4.37 -15.73
N ALA A 58 -5.18 -3.10 -15.51
CA ALA A 58 -6.11 -2.37 -16.38
C ALA A 58 -5.64 -2.40 -17.83
N ILE A 59 -4.34 -2.34 -18.03
CA ILE A 59 -3.77 -2.38 -19.38
C ILE A 59 -3.98 -3.74 -20.03
N MET A 60 -3.83 -4.80 -19.25
CA MET A 60 -4.01 -6.16 -19.75
C MET A 60 -5.32 -6.27 -20.53
N ALA A 61 -6.24 -5.36 -20.25
CA ALA A 61 -7.54 -5.36 -20.92
C ALA A 61 -7.62 -4.27 -21.98
N ASP A 62 -7.45 -3.03 -21.55
CA ASP A 62 -7.50 -1.89 -22.46
C ASP A 62 -6.10 -1.41 -22.83
N PRO A 63 -5.78 -1.42 -24.14
CA PRO A 63 -4.47 -1.01 -24.64
C PRO A 63 -4.26 0.50 -24.50
N ASN A 64 -5.29 1.27 -24.83
CA ASN A 64 -5.21 2.72 -24.74
C ASN A 64 -4.60 3.16 -23.40
N LYS A 65 -5.00 2.48 -22.34
CA LYS A 65 -4.51 2.80 -21.00
C LYS A 65 -3.00 2.57 -20.92
N ALA A 66 -2.52 1.55 -21.62
CA ALA A 66 -1.10 1.23 -21.64
C ALA A 66 -0.25 2.50 -21.71
N ASP A 67 -0.45 3.27 -22.76
CA ASP A 67 0.29 4.51 -22.95
C ASP A 67 0.14 5.43 -21.74
N GLU A 68 -1.11 5.70 -21.37
CA GLU A 68 -1.40 6.57 -20.24
C GLU A 68 -0.53 6.20 -19.04
N VAL A 69 -0.64 4.95 -18.60
CA VAL A 69 0.14 4.47 -17.45
C VAL A 69 1.62 4.77 -17.64
N TYR A 70 2.21 4.19 -18.68
CA TYR A 70 3.63 4.39 -18.96
C TYR A 70 4.04 5.83 -18.67
N LYS A 71 3.31 6.77 -19.26
CA LYS A 71 3.60 8.19 -19.06
C LYS A 71 3.42 8.58 -17.59
N LYS A 72 2.41 8.01 -16.96
CA LYS A 72 2.13 8.30 -15.56
C LYS A 72 3.29 7.88 -14.66
N TRP A 73 3.58 6.58 -14.65
CA TRP A 73 4.67 6.05 -13.85
C TRP A 73 5.90 6.95 -13.92
N ALA A 74 6.46 7.08 -15.11
CA ALA A 74 7.63 7.93 -15.32
C ALA A 74 7.56 9.17 -14.46
N ASP A 75 6.40 9.82 -14.43
CA ASP A 75 6.20 11.02 -13.65
C ASP A 75 6.28 10.73 -12.15
N LYS A 76 5.53 9.71 -11.72
CA LYS A 76 5.51 9.32 -10.32
C LYS A 76 6.93 9.18 -9.78
N GLY A 77 7.80 8.55 -10.56
CA GLY A 77 9.18 8.37 -10.13
C GLY A 77 9.52 6.91 -9.88
N TYR A 78 9.21 6.06 -10.86
CA TYR A 78 9.49 4.63 -10.74
C TYR A 78 10.66 4.22 -11.63
N THR A 79 11.26 3.09 -11.31
CA THR A 79 12.40 2.59 -12.07
C THR A 79 12.23 1.10 -12.39
N LEU A 80 13.07 0.59 -13.28
CA LEU A 80 13.03 -0.81 -13.67
C LEU A 80 13.17 -1.72 -12.45
N THR A 81 14.24 -1.50 -11.68
CA THR A 81 14.50 -2.31 -10.50
C THR A 81 13.25 -2.42 -9.63
N GLN A 82 12.71 -1.28 -9.21
CA GLN A 82 11.51 -1.25 -8.38
C GLN A 82 10.30 -1.74 -9.16
N MET A 83 9.92 -0.99 -10.18
CA MET A 83 8.77 -1.34 -11.01
C MET A 83 8.68 -2.85 -11.19
N SER A 84 9.77 -3.45 -11.67
CA SER A 84 9.82 -4.89 -11.90
C SER A 84 9.36 -5.65 -10.65
N ASN A 85 9.92 -5.28 -9.50
CA ASN A 85 9.58 -5.92 -8.24
C ASN A 85 8.08 -5.80 -7.96
N PHE A 86 7.54 -4.61 -8.15
CA PHE A 86 6.12 -4.36 -7.92
C PHE A 86 5.27 -5.21 -8.86
N LEU A 87 5.46 -5.02 -10.15
CA LEU A 87 4.71 -5.76 -11.16
C LEU A 87 4.90 -7.27 -10.99
N LYS A 88 6.06 -7.65 -10.46
CA LYS A 88 6.38 -9.05 -10.25
C LYS A 88 5.45 -9.67 -9.22
N SER A 89 4.59 -10.59 -9.67
CA SER A 89 3.64 -11.26 -8.79
C SER A 89 4.09 -12.68 -8.48
N LYS A 90 5.41 -12.89 -8.46
CA LYS A 90 5.97 -14.20 -8.18
C LYS A 90 5.49 -15.24 -9.19
N THR A 91 5.30 -14.80 -10.43
CA THR A 91 4.83 -15.69 -11.49
C THR A 91 5.90 -15.89 -12.55
N ALA A 92 5.69 -16.85 -13.44
CA ALA A 92 6.64 -17.14 -14.51
C ALA A 92 6.24 -16.44 -15.80
N GLY A 93 6.03 -15.13 -15.72
CA GLY A 93 5.66 -14.35 -16.89
C GLY A 93 4.19 -13.95 -16.86
N LYS A 94 3.87 -12.94 -16.07
CA LYS A 94 2.50 -12.46 -15.96
C LYS A 94 2.37 -11.05 -16.50
N TYR A 95 3.22 -10.15 -16.01
CA TYR A 95 3.20 -8.75 -16.45
C TYR A 95 4.45 -8.42 -17.24
N ASP A 96 4.91 -9.37 -18.05
CA ASP A 96 6.11 -9.18 -18.87
C ASP A 96 5.82 -8.21 -20.01
N ARG A 97 4.67 -8.38 -20.65
CA ARG A 97 4.28 -7.53 -21.76
C ARG A 97 4.18 -6.08 -21.33
N VAL A 98 3.58 -5.84 -20.17
CA VAL A 98 3.41 -4.50 -19.64
C VAL A 98 4.76 -3.87 -19.28
N TYR A 99 5.50 -4.54 -18.40
CA TYR A 99 6.81 -4.06 -17.98
C TYR A 99 7.66 -3.68 -19.17
N ASN A 100 7.63 -4.53 -20.20
CA ASN A 100 8.41 -4.29 -21.41
C ASN A 100 8.27 -2.84 -21.88
N GLY A 101 7.04 -2.46 -22.23
CA GLY A 101 6.79 -1.11 -22.69
C GLY A 101 7.51 -0.07 -21.84
N TYR A 102 7.40 -0.20 -20.52
CA TYR A 102 8.05 0.73 -19.61
C TYR A 102 9.53 0.85 -19.90
N VAL A 103 10.18 -0.28 -20.19
CA VAL A 103 11.59 -0.30 -20.49
C VAL A 103 11.93 0.67 -21.62
N ILE A 104 11.35 0.43 -22.79
CA ILE A 104 11.59 1.29 -23.95
C ILE A 104 11.20 2.73 -23.65
N HIS A 105 10.12 2.90 -22.89
CA HIS A 105 9.64 4.24 -22.53
C HIS A 105 10.68 4.97 -21.68
N LEU A 106 11.26 4.25 -20.73
CA LEU A 106 12.27 4.84 -19.86
C LEU A 106 13.59 5.04 -20.59
N ASP A 107 13.85 4.19 -21.57
CA ASP A 107 15.08 4.27 -22.35
C ASP A 107 15.19 5.63 -23.04
N TYR A 108 14.06 6.33 -23.15
CA TYR A 108 14.04 7.64 -23.80
C TYR A 108 15.28 8.44 -23.44
N GLY A 1 -14.24 -35.66 77.10
CA GLY A 1 -13.92 -34.29 76.74
C GLY A 1 -14.32 -33.95 75.32
N SER A 2 -13.57 -34.47 74.36
CA SER A 2 -13.85 -34.21 72.95
C SER A 2 -14.71 -35.32 72.35
N SER A 3 -15.71 -35.75 73.11
CA SER A 3 -16.61 -36.81 72.66
C SER A 3 -17.70 -36.24 71.75
N GLY A 4 -18.43 -37.14 71.09
CA GLY A 4 -19.49 -36.71 70.20
C GLY A 4 -20.08 -37.88 69.42
N SER A 5 -21.32 -37.70 68.96
CA SER A 5 -22.00 -38.74 68.20
C SER A 5 -22.86 -38.13 67.09
N SER A 6 -23.48 -38.99 66.29
CA SER A 6 -24.33 -38.53 65.20
C SER A 6 -25.81 -38.62 65.58
N GLY A 7 -26.67 -38.09 64.71
CA GLY A 7 -28.10 -38.13 64.98
C GLY A 7 -28.88 -37.29 63.98
N ASN A 8 -30.20 -37.28 64.15
CA ASN A 8 -31.07 -36.52 63.26
C ASN A 8 -31.66 -35.30 63.97
N VAL A 9 -32.33 -35.55 65.10
CA VAL A 9 -32.94 -34.49 65.89
C VAL A 9 -32.07 -33.23 65.87
N ASP A 10 -32.67 -32.10 65.53
CA ASP A 10 -31.95 -30.84 65.49
C ASP A 10 -31.65 -30.33 66.89
N SER A 11 -30.84 -29.28 66.98
CA SER A 11 -30.46 -28.71 68.26
C SER A 11 -29.66 -27.42 68.07
N ASN A 12 -29.29 -26.79 69.18
CA ASN A 12 -28.52 -25.55 69.14
C ASN A 12 -27.24 -25.73 68.34
N GLN A 13 -26.51 -24.64 68.14
CA GLN A 13 -25.26 -24.68 67.39
C GLN A 13 -24.30 -23.59 67.87
N ASN A 14 -23.11 -23.55 67.28
CA ASN A 14 -22.11 -22.56 67.65
C ASN A 14 -22.25 -21.30 66.80
N LYS A 15 -21.44 -20.30 67.11
CA LYS A 15 -21.48 -19.03 66.37
C LYS A 15 -20.07 -18.53 66.08
N ALA A 16 -19.90 -17.92 64.92
CA ALA A 16 -18.60 -17.39 64.51
C ALA A 16 -18.57 -15.87 64.60
N SER A 17 -17.41 -15.32 64.88
CA SER A 17 -17.24 -13.87 64.99
C SER A 17 -16.95 -13.25 63.63
N MET A 18 -17.46 -13.87 62.58
CA MET A 18 -17.25 -13.39 61.22
C MET A 18 -18.24 -12.26 60.89
N LEU A 19 -17.78 -11.02 61.05
CA LEU A 19 -18.62 -9.86 60.78
C LEU A 19 -17.79 -8.58 60.78
N GLN A 20 -18.37 -7.52 60.23
CA GLN A 20 -17.68 -6.23 60.16
C GLN A 20 -16.18 -6.42 59.95
N ALA A 21 -15.82 -7.21 58.93
CA ALA A 21 -14.42 -7.48 58.62
C ALA A 21 -14.07 -7.00 57.22
N ARG A 22 -13.85 -5.69 57.09
CA ARG A 22 -13.51 -5.11 55.80
C ARG A 22 -12.46 -4.01 55.95
N LEU A 23 -11.67 -3.80 54.91
CA LEU A 23 -10.63 -2.78 54.93
C LEU A 23 -10.47 -2.13 53.56
N ASN A 24 -9.76 -1.00 53.53
CA ASN A 24 -9.53 -0.28 52.29
C ASN A 24 -8.05 0.05 52.10
N ASP A 25 -7.36 -0.75 51.31
CA ASP A 25 -5.94 -0.54 51.07
C ASP A 25 -5.70 0.84 50.45
N GLU A 26 -6.23 1.04 49.24
CA GLU A 26 -6.07 2.31 48.55
C GLU A 26 -7.02 2.40 47.36
N ALA A 27 -7.63 3.57 47.18
CA ALA A 27 -8.56 3.79 46.07
C ALA A 27 -8.19 5.04 45.28
N GLY A 28 -8.24 4.93 43.97
CA GLY A 28 -7.91 6.06 43.12
C GLY A 28 -7.53 5.64 41.71
N GLY A 29 -7.00 6.58 40.93
CA GLY A 29 -6.60 6.27 39.57
C GLY A 29 -6.27 7.53 38.77
N THR A 30 -6.34 7.43 37.45
CA THR A 30 -6.04 8.55 36.58
C THR A 30 -6.67 8.36 35.20
N ARG A 31 -6.64 9.42 34.40
CA ARG A 31 -7.22 9.37 33.05
C ARG A 31 -6.24 9.97 32.03
N LEU A 32 -5.92 9.19 31.01
CA LEU A 32 -5.00 9.65 29.97
C LEU A 32 -5.43 9.11 28.60
N LEU A 33 -5.00 9.80 27.54
CA LEU A 33 -5.34 9.38 26.18
C LEU A 33 -4.11 8.78 25.49
N ARG A 34 -4.33 7.71 24.73
CA ARG A 34 -3.24 7.06 24.01
C ARG A 34 -3.81 6.01 23.05
N VAL A 35 -3.04 5.71 22.00
CA VAL A 35 -3.44 4.73 21.00
C VAL A 35 -2.50 3.53 21.00
N HIS A 36 -1.22 3.79 21.23
CA HIS A 36 -0.22 2.73 21.26
C HIS A 36 -0.28 1.89 19.99
N HIS A 37 -0.21 2.56 18.85
CA HIS A 37 -0.25 1.89 17.55
C HIS A 37 1.10 1.27 17.21
N GLU A 38 1.10 0.34 16.27
CA GLU A 38 2.33 -0.33 15.85
C GLU A 38 2.56 -0.16 14.36
N SER A 39 1.48 -0.10 13.59
CA SER A 39 1.57 0.05 12.14
C SER A 39 2.53 -0.96 11.55
N ASP A 40 2.40 -2.21 11.97
CA ASP A 40 3.27 -3.28 11.48
C ASP A 40 3.28 -3.30 9.95
N THR A 41 2.09 -3.30 9.35
CA THR A 41 1.97 -3.32 7.90
C THR A 41 1.90 -1.90 7.33
N GLU A 42 3.07 -1.35 6.99
CA GLU A 42 3.13 -0.01 6.44
C GLU A 42 2.26 0.12 5.19
N GLU A 43 1.95 1.35 4.82
CA GLU A 43 1.12 1.61 3.64
C GLU A 43 1.97 2.08 2.46
N ARG A 44 2.92 2.95 2.74
CA ARG A 44 3.80 3.47 1.70
C ARG A 44 4.16 2.38 0.69
N GLY A 45 4.58 1.22 1.19
CA GLY A 45 4.94 0.13 0.32
C GLY A 45 3.72 -0.62 -0.19
N PHE A 46 2.85 -1.03 0.73
CA PHE A 46 1.64 -1.76 0.36
C PHE A 46 0.92 -1.09 -0.80
N LEU A 47 0.43 0.13 -0.55
CA LEU A 47 -0.29 0.89 -1.57
C LEU A 47 0.54 0.99 -2.85
N GLU A 48 1.82 1.30 -2.70
CA GLU A 48 2.72 1.43 -3.85
C GLU A 48 2.65 0.18 -4.73
N LYS A 49 2.87 -0.98 -4.14
CA LYS A 49 2.83 -2.24 -4.87
C LYS A 49 1.44 -2.49 -5.44
N ALA A 50 0.42 -2.05 -4.71
CA ALA A 50 -0.96 -2.22 -5.15
C ALA A 50 -1.25 -1.41 -6.41
N ALA A 51 -1.15 -0.09 -6.29
CA ALA A 51 -1.40 0.79 -7.41
C ALA A 51 -0.83 0.22 -8.70
N VAL A 52 0.50 0.07 -8.74
CA VAL A 52 1.18 -0.46 -9.91
C VAL A 52 0.42 -1.66 -10.48
N LYS A 53 0.05 -2.59 -9.61
CA LYS A 53 -0.68 -3.78 -10.03
C LYS A 53 -2.01 -3.41 -10.68
N LYS A 54 -2.62 -2.33 -10.19
CA LYS A 54 -3.89 -1.87 -10.73
C LYS A 54 -3.72 -1.27 -12.12
N MET A 55 -2.67 -0.45 -12.28
CA MET A 55 -2.39 0.18 -13.56
C MET A 55 -2.00 -0.85 -14.60
N ALA A 56 -1.26 -1.87 -14.17
CA ALA A 56 -0.83 -2.92 -15.08
C ALA A 56 -2.00 -3.81 -15.50
N LYS A 57 -2.67 -4.41 -14.51
CA LYS A 57 -3.81 -5.27 -14.78
C LYS A 57 -4.77 -4.62 -15.76
N ALA A 58 -5.04 -3.34 -15.56
CA ALA A 58 -5.94 -2.59 -16.43
C ALA A 58 -5.44 -2.60 -17.87
N ILE A 59 -4.13 -2.51 -18.04
CA ILE A 59 -3.53 -2.51 -19.37
C ILE A 59 -3.78 -3.84 -20.09
N MET A 60 -3.47 -4.94 -19.41
CA MET A 60 -3.67 -6.27 -19.98
C MET A 60 -4.95 -6.31 -20.81
N ALA A 61 -5.96 -5.57 -20.38
CA ALA A 61 -7.23 -5.54 -21.09
C ALA A 61 -7.23 -4.44 -22.16
N ASP A 62 -7.21 -3.19 -21.72
CA ASP A 62 -7.21 -2.06 -22.64
C ASP A 62 -5.78 -1.57 -22.89
N PRO A 63 -5.40 -1.51 -24.17
CA PRO A 63 -4.07 -1.06 -24.59
C PRO A 63 -3.86 0.43 -24.36
N ASN A 64 -4.93 1.20 -24.48
CA ASN A 64 -4.86 2.64 -24.29
C ASN A 64 -4.44 2.98 -22.87
N LYS A 65 -4.54 2.00 -21.98
CA LYS A 65 -4.17 2.19 -20.58
C LYS A 65 -2.65 2.20 -20.42
N ALA A 66 -1.96 1.49 -21.31
CA ALA A 66 -0.50 1.42 -21.28
C ALA A 66 0.12 2.79 -21.56
N ASP A 67 -0.33 3.43 -22.63
CA ASP A 67 0.17 4.75 -23.00
C ASP A 67 0.14 5.71 -21.82
N GLU A 68 -1.07 5.93 -21.29
CA GLU A 68 -1.25 6.83 -20.16
C GLU A 68 -0.34 6.43 -19.00
N VAL A 69 -0.52 5.22 -18.50
CA VAL A 69 0.28 4.72 -17.39
C VAL A 69 1.77 4.93 -17.64
N TYR A 70 2.29 4.30 -18.69
CA TYR A 70 3.69 4.42 -19.04
C TYR A 70 4.22 5.82 -18.74
N LYS A 71 3.39 6.83 -19.01
CA LYS A 71 3.77 8.22 -18.76
C LYS A 71 3.64 8.55 -17.28
N LYS A 72 2.55 8.11 -16.67
CA LYS A 72 2.31 8.35 -15.25
C LYS A 72 3.45 7.78 -14.40
N TRP A 73 3.67 6.48 -14.51
CA TRP A 73 4.71 5.80 -13.76
C TRP A 73 5.97 6.67 -13.70
N ALA A 74 6.57 6.92 -14.85
CA ALA A 74 7.78 7.74 -14.93
C ALA A 74 7.61 9.04 -14.16
N ASP A 75 6.45 9.67 -14.31
CA ASP A 75 6.16 10.92 -13.63
C ASP A 75 6.15 10.73 -12.12
N LYS A 76 5.59 9.60 -11.67
CA LYS A 76 5.52 9.30 -10.24
C LYS A 76 6.91 9.26 -9.63
N GLY A 77 7.81 8.50 -10.24
CA GLY A 77 9.16 8.39 -9.74
C GLY A 77 9.58 6.95 -9.53
N TYR A 78 9.15 6.07 -10.42
CA TYR A 78 9.49 4.66 -10.32
C TYR A 78 10.65 4.31 -11.24
N THR A 79 11.14 3.07 -11.12
CA THR A 79 12.26 2.62 -11.94
C THR A 79 12.19 1.11 -12.17
N LEU A 80 12.88 0.64 -13.20
CA LEU A 80 12.90 -0.79 -13.52
C LEU A 80 13.04 -1.63 -12.27
N THR A 81 14.09 -1.36 -11.49
CA THR A 81 14.33 -2.08 -10.26
C THR A 81 13.07 -2.19 -9.41
N GLN A 82 12.28 -1.11 -9.41
CA GLN A 82 11.05 -1.07 -8.63
C GLN A 82 9.90 -1.69 -9.42
N MET A 83 9.48 -1.01 -10.48
CA MET A 83 8.38 -1.50 -11.32
C MET A 83 8.45 -3.02 -11.47
N SER A 84 9.63 -3.53 -11.80
CA SER A 84 9.82 -4.95 -11.98
C SER A 84 9.59 -5.70 -10.68
N ASN A 85 10.16 -5.18 -9.59
CA ASN A 85 10.03 -5.80 -8.28
C ASN A 85 8.55 -5.91 -7.89
N PHE A 86 7.76 -4.91 -8.26
CA PHE A 86 6.34 -4.89 -7.95
C PHE A 86 5.57 -5.86 -8.85
N LEU A 87 5.68 -5.64 -10.16
CA LEU A 87 4.99 -6.48 -11.13
C LEU A 87 5.32 -7.95 -10.90
N LYS A 88 6.61 -8.23 -10.65
CA LYS A 88 7.06 -9.59 -10.42
C LYS A 88 6.06 -10.35 -9.54
N SER A 89 5.15 -11.07 -10.19
CA SER A 89 4.14 -11.84 -9.47
C SER A 89 4.64 -13.26 -9.20
N LYS A 90 5.90 -13.38 -8.84
CA LYS A 90 6.50 -14.68 -8.55
C LYS A 90 6.12 -15.70 -9.62
N THR A 91 5.89 -15.22 -10.83
CA THR A 91 5.52 -16.09 -11.95
C THR A 91 6.46 -15.90 -13.13
N ALA A 92 6.76 -17.00 -13.82
CA ALA A 92 7.65 -16.95 -14.97
C ALA A 92 7.31 -15.77 -15.87
N GLY A 93 6.09 -15.77 -16.41
CA GLY A 93 5.67 -14.69 -17.29
C GLY A 93 4.24 -14.27 -17.03
N LYS A 94 4.07 -13.11 -16.41
CA LYS A 94 2.74 -12.59 -16.11
C LYS A 94 2.56 -11.17 -16.65
N TYR A 95 3.38 -10.25 -16.16
CA TYR A 95 3.32 -8.86 -16.59
C TYR A 95 4.51 -8.52 -17.49
N ASP A 96 4.85 -9.43 -18.38
CA ASP A 96 5.97 -9.23 -19.31
C ASP A 96 5.63 -8.16 -20.34
N ARG A 97 4.42 -8.26 -20.91
CA ARG A 97 3.98 -7.30 -21.92
C ARG A 97 3.94 -5.89 -21.35
N VAL A 98 3.36 -5.74 -20.16
CA VAL A 98 3.26 -4.45 -19.52
C VAL A 98 4.64 -3.90 -19.15
N TYR A 99 5.44 -4.72 -18.48
CA TYR A 99 6.78 -4.33 -18.09
C TYR A 99 7.60 -3.87 -19.29
N ASN A 100 7.82 -4.80 -20.22
CA ASN A 100 8.58 -4.50 -21.43
C ASN A 100 8.25 -3.10 -21.95
N GLY A 101 6.97 -2.87 -22.22
CA GLY A 101 6.54 -1.58 -22.72
C GLY A 101 7.10 -0.43 -21.91
N TYR A 102 6.98 -0.52 -20.59
CA TYR A 102 7.48 0.53 -19.71
C TYR A 102 8.95 0.79 -19.95
N VAL A 103 9.77 -0.24 -19.81
CA VAL A 103 11.21 -0.13 -20.02
C VAL A 103 11.52 0.85 -21.16
N ILE A 104 11.02 0.55 -22.34
CA ILE A 104 11.24 1.39 -23.51
C ILE A 104 10.91 2.85 -23.20
N HIS A 105 9.78 3.07 -22.54
CA HIS A 105 9.34 4.41 -22.18
C HIS A 105 10.47 5.17 -21.48
N LEU A 106 11.31 4.45 -20.75
CA LEU A 106 12.42 5.06 -20.04
C LEU A 106 13.60 5.31 -20.97
N ASP A 107 13.75 4.44 -21.96
CA ASP A 107 14.84 4.57 -22.92
C ASP A 107 15.04 6.03 -23.32
N TYR A 108 13.98 6.81 -23.23
CA TYR A 108 14.03 8.23 -23.57
C TYR A 108 15.20 8.92 -22.86
N GLY A 1 -61.58 -53.76 0.77
CA GLY A 1 -61.77 -52.71 1.76
C GLY A 1 -60.73 -51.61 1.65
N SER A 2 -60.97 -50.66 0.77
CA SER A 2 -60.04 -49.55 0.57
C SER A 2 -60.79 -48.22 0.50
N SER A 3 -60.06 -47.13 0.74
CA SER A 3 -60.66 -45.80 0.72
C SER A 3 -59.81 -44.85 -0.12
N GLY A 4 -59.27 -45.36 -1.23
CA GLY A 4 -58.46 -44.55 -2.10
C GLY A 4 -57.19 -45.25 -2.53
N SER A 5 -56.61 -44.80 -3.64
CA SER A 5 -55.39 -45.40 -4.16
C SER A 5 -54.76 -44.51 -5.23
N SER A 6 -53.45 -44.30 -5.11
CA SER A 6 -52.72 -43.46 -6.06
C SER A 6 -51.23 -43.77 -6.02
N GLY A 7 -50.46 -43.06 -6.85
CA GLY A 7 -49.03 -43.28 -6.90
C GLY A 7 -48.34 -42.41 -7.94
N ASN A 8 -47.05 -42.16 -7.75
CA ASN A 8 -46.29 -41.34 -8.68
C ASN A 8 -44.79 -41.49 -8.44
N VAL A 9 -44.11 -42.16 -9.36
CA VAL A 9 -42.67 -42.38 -9.25
C VAL A 9 -41.90 -41.18 -9.78
N ASP A 10 -40.58 -41.22 -9.63
CA ASP A 10 -39.71 -40.14 -10.10
C ASP A 10 -38.25 -40.55 -10.03
N SER A 11 -37.45 -39.99 -10.93
CA SER A 11 -36.02 -40.30 -10.98
C SER A 11 -35.19 -39.02 -11.01
N ASN A 12 -34.38 -38.82 -9.98
CA ASN A 12 -33.53 -37.64 -9.88
C ASN A 12 -32.55 -37.76 -8.72
N GLN A 13 -31.67 -36.78 -8.59
CA GLN A 13 -30.68 -36.78 -7.52
C GLN A 13 -30.33 -35.36 -7.09
N ASN A 14 -30.14 -35.17 -5.80
CA ASN A 14 -29.81 -33.84 -5.27
C ASN A 14 -28.51 -33.89 -4.48
N LYS A 15 -27.75 -32.80 -4.53
CA LYS A 15 -26.48 -32.72 -3.82
C LYS A 15 -26.70 -32.43 -2.34
N ALA A 16 -25.64 -32.56 -1.55
CA ALA A 16 -25.72 -32.32 -0.12
C ALA A 16 -26.35 -30.96 0.17
N SER A 17 -26.58 -30.69 1.46
CA SER A 17 -27.19 -29.43 1.87
C SER A 17 -26.13 -28.45 2.36
N MET A 18 -25.63 -27.61 1.45
CA MET A 18 -24.62 -26.63 1.80
C MET A 18 -25.06 -25.77 2.98
N LEU A 19 -24.09 -25.19 3.68
CA LEU A 19 -24.38 -24.35 4.84
C LEU A 19 -23.92 -22.92 4.60
N GLN A 20 -24.25 -22.03 5.54
CA GLN A 20 -23.87 -20.63 5.43
C GLN A 20 -23.70 -20.00 6.82
N ALA A 21 -22.46 -19.68 7.16
CA ALA A 21 -22.16 -19.07 8.45
C ALA A 21 -21.16 -17.94 8.30
N ARG A 22 -21.43 -16.82 8.96
CA ARG A 22 -20.54 -15.66 8.91
C ARG A 22 -20.37 -15.04 10.28
N LEU A 23 -19.40 -14.15 10.41
CA LEU A 23 -19.13 -13.48 11.69
C LEU A 23 -19.57 -12.03 11.64
N ASN A 24 -20.19 -11.56 12.72
CA ASN A 24 -20.67 -10.19 12.81
C ASN A 24 -19.53 -9.24 13.16
N ASP A 25 -19.34 -8.22 12.33
CA ASP A 25 -18.28 -7.24 12.56
C ASP A 25 -18.76 -6.13 13.48
N GLU A 26 -19.89 -5.51 13.12
CA GLU A 26 -20.45 -4.43 13.92
C GLU A 26 -20.48 -4.80 15.40
N ALA A 27 -20.85 -6.05 15.68
CA ALA A 27 -20.91 -6.53 17.05
C ALA A 27 -19.51 -6.67 17.65
N GLY A 28 -19.44 -6.65 18.98
CA GLY A 28 -18.16 -6.79 19.65
C GLY A 28 -17.99 -5.78 20.78
N GLY A 29 -17.01 -4.88 20.62
CA GLY A 29 -16.76 -3.89 21.63
C GLY A 29 -15.79 -4.36 22.70
N THR A 30 -16.01 -5.58 23.18
CA THR A 30 -15.15 -6.14 24.21
C THR A 30 -13.97 -6.89 23.60
N ARG A 31 -12.82 -6.83 24.26
CA ARG A 31 -11.61 -7.50 23.77
C ARG A 31 -11.96 -8.83 23.13
N LEU A 32 -11.69 -8.94 21.83
CA LEU A 32 -11.97 -10.17 21.10
C LEU A 32 -10.77 -11.11 21.14
N LEU A 33 -10.93 -12.30 20.54
CA LEU A 33 -9.87 -13.28 20.50
C LEU A 33 -8.56 -12.66 20.02
N ARG A 34 -7.50 -13.45 20.00
CA ARG A 34 -6.19 -12.97 19.56
C ARG A 34 -6.34 -12.01 18.39
N VAL A 35 -5.32 -11.17 18.19
CA VAL A 35 -5.33 -10.21 17.09
C VAL A 35 -5.85 -10.83 15.81
N HIS A 36 -6.21 -9.98 14.84
CA HIS A 36 -6.72 -10.45 13.57
C HIS A 36 -5.61 -11.07 12.73
N HIS A 37 -5.98 -11.67 11.60
CA HIS A 37 -5.01 -12.30 10.71
C HIS A 37 -4.02 -11.27 10.18
N GLU A 38 -4.53 -10.11 9.76
CA GLU A 38 -3.68 -9.05 9.23
C GLU A 38 -2.35 -9.00 9.96
N SER A 39 -1.27 -8.83 9.20
CA SER A 39 0.07 -8.77 9.78
C SER A 39 0.78 -7.48 9.37
N ASP A 40 1.83 -7.13 10.12
CA ASP A 40 2.59 -5.92 9.83
C ASP A 40 2.82 -5.76 8.33
N THR A 41 2.45 -4.60 7.80
CA THR A 41 2.62 -4.32 6.37
C THR A 41 3.03 -2.87 6.15
N GLU A 42 4.29 -2.67 5.80
CA GLU A 42 4.80 -1.32 5.54
C GLU A 42 4.04 -0.66 4.41
N GLU A 43 3.15 0.27 4.77
CA GLU A 43 2.35 0.98 3.78
C GLU A 43 3.23 1.53 2.66
N ARG A 44 4.37 2.09 3.04
CA ARG A 44 5.30 2.65 2.07
C ARG A 44 5.29 1.85 0.77
N GLY A 45 5.39 0.53 0.90
CA GLY A 45 5.39 -0.33 -0.27
C GLY A 45 4.08 -1.07 -0.45
N PHE A 46 3.52 -1.57 0.64
CA PHE A 46 2.26 -2.30 0.60
C PHE A 46 1.24 -1.57 -0.28
N LEU A 47 1.01 -0.30 0.02
CA LEU A 47 0.07 0.50 -0.76
C LEU A 47 0.54 0.66 -2.19
N GLU A 48 1.77 1.15 -2.36
CA GLU A 48 2.33 1.36 -3.69
C GLU A 48 2.13 0.12 -4.56
N LYS A 49 2.73 -1.00 -4.15
CA LYS A 49 2.63 -2.24 -4.89
C LYS A 49 1.22 -2.41 -5.47
N ALA A 50 0.21 -2.21 -4.62
CA ALA A 50 -1.18 -2.34 -5.04
C ALA A 50 -1.46 -1.48 -6.28
N ALA A 51 -1.30 -0.18 -6.12
CA ALA A 51 -1.54 0.75 -7.22
C ALA A 51 -0.97 0.21 -8.53
N VAL A 52 0.35 0.11 -8.62
CA VAL A 52 1.01 -0.39 -9.81
C VAL A 52 0.33 -1.66 -10.31
N LYS A 53 0.27 -2.67 -9.45
CA LYS A 53 -0.35 -3.94 -9.80
C LYS A 53 -1.74 -3.73 -10.39
N LYS A 54 -2.38 -2.63 -10.01
CA LYS A 54 -3.71 -2.31 -10.52
C LYS A 54 -3.63 -1.66 -11.89
N MET A 55 -2.75 -0.66 -12.02
CA MET A 55 -2.58 0.04 -13.29
C MET A 55 -2.17 -0.93 -14.40
N ALA A 56 -1.63 -2.07 -14.01
CA ALA A 56 -1.20 -3.08 -14.97
C ALA A 56 -2.38 -3.95 -15.41
N LYS A 57 -3.14 -4.45 -14.43
CA LYS A 57 -4.29 -5.29 -14.72
C LYS A 57 -5.23 -4.61 -15.71
N ALA A 58 -5.28 -3.29 -15.65
CA ALA A 58 -6.14 -2.51 -16.55
C ALA A 58 -5.61 -2.56 -17.98
N ILE A 59 -4.29 -2.62 -18.11
CA ILE A 59 -3.67 -2.66 -19.43
C ILE A 59 -3.87 -4.02 -20.09
N MET A 60 -3.60 -5.08 -19.35
CA MET A 60 -3.76 -6.44 -19.85
C MET A 60 -4.98 -6.53 -20.77
N ALA A 61 -6.03 -5.81 -20.42
CA ALA A 61 -7.26 -5.82 -21.21
C ALA A 61 -7.23 -4.73 -22.27
N ASP A 62 -7.10 -3.48 -21.84
CA ASP A 62 -7.06 -2.36 -22.76
C ASP A 62 -5.62 -1.92 -23.01
N PRO A 63 -5.08 -2.31 -24.17
CA PRO A 63 -3.70 -1.97 -24.55
C PRO A 63 -3.54 -0.49 -24.88
N ASN A 64 -4.62 0.27 -24.71
CA ASN A 64 -4.60 1.70 -24.99
C ASN A 64 -4.23 2.49 -23.73
N LYS A 65 -4.64 1.97 -22.58
CA LYS A 65 -4.35 2.63 -21.31
C LYS A 65 -2.85 2.65 -21.03
N ALA A 66 -2.18 1.56 -21.37
CA ALA A 66 -0.73 1.46 -21.17
C ALA A 66 -0.04 2.78 -21.47
N ASP A 67 -0.28 3.30 -22.67
CA ASP A 67 0.31 4.57 -23.09
C ASP A 67 0.27 5.59 -21.97
N GLU A 68 -0.93 5.83 -21.44
CA GLU A 68 -1.10 6.79 -20.35
C GLU A 68 -0.29 6.38 -19.12
N VAL A 69 -0.50 5.14 -18.68
CA VAL A 69 0.21 4.62 -17.51
C VAL A 69 1.70 4.92 -17.59
N TYR A 70 2.33 4.45 -18.65
CA TYR A 70 3.77 4.67 -18.84
C TYR A 70 4.16 6.08 -18.41
N LYS A 71 3.47 7.07 -18.97
CA LYS A 71 3.76 8.46 -18.65
C LYS A 71 3.58 8.72 -17.15
N LYS A 72 2.52 8.15 -16.58
CA LYS A 72 2.24 8.32 -15.16
C LYS A 72 3.37 7.74 -14.31
N TRP A 73 3.63 6.46 -14.48
CA TRP A 73 4.69 5.78 -13.74
C TRP A 73 5.98 6.59 -13.78
N ALA A 74 6.60 6.64 -14.95
CA ALA A 74 7.85 7.37 -15.12
C ALA A 74 7.83 8.68 -14.32
N ASP A 75 6.66 9.29 -14.24
CA ASP A 75 6.50 10.54 -13.50
C ASP A 75 6.72 10.33 -12.00
N LYS A 76 6.09 9.29 -11.46
CA LYS A 76 6.21 8.98 -10.04
C LYS A 76 7.68 8.83 -9.65
N GLY A 77 8.49 8.33 -10.57
CA GLY A 77 9.91 8.15 -10.30
C GLY A 77 10.27 6.69 -10.09
N TYR A 78 9.68 5.82 -10.90
CA TYR A 78 9.96 4.39 -10.80
C TYR A 78 10.97 3.94 -11.84
N THR A 79 11.58 2.78 -11.61
CA THR A 79 12.57 2.25 -12.53
C THR A 79 12.49 0.72 -12.61
N LEU A 80 13.06 0.16 -13.67
CA LEU A 80 13.05 -1.29 -13.85
C LEU A 80 13.15 -2.02 -12.51
N THR A 81 14.01 -1.52 -11.63
CA THR A 81 14.19 -2.11 -10.32
C THR A 81 12.89 -2.08 -9.52
N GLN A 82 12.42 -0.88 -9.20
CA GLN A 82 11.18 -0.73 -8.44
C GLN A 82 9.99 -1.27 -9.23
N MET A 83 9.80 -0.74 -10.43
CA MET A 83 8.69 -1.16 -11.28
C MET A 83 8.47 -2.67 -11.16
N SER A 84 9.48 -3.45 -11.56
CA SER A 84 9.38 -4.90 -11.50
C SER A 84 8.85 -5.36 -10.15
N ASN A 85 9.59 -5.03 -9.09
CA ASN A 85 9.19 -5.41 -7.74
C ASN A 85 7.68 -5.27 -7.55
N PHE A 86 7.08 -4.36 -8.31
CA PHE A 86 5.64 -4.12 -8.23
C PHE A 86 4.89 -5.07 -9.15
N LEU A 87 5.40 -5.24 -10.37
CA LEU A 87 4.77 -6.13 -11.34
C LEU A 87 5.21 -7.58 -11.13
N LYS A 88 5.54 -7.92 -9.88
CA LYS A 88 5.98 -9.26 -9.55
C LYS A 88 4.86 -10.04 -8.85
N SER A 89 4.09 -10.78 -9.63
CA SER A 89 2.98 -11.56 -9.08
C SER A 89 3.41 -13.00 -8.82
N LYS A 90 4.69 -13.18 -8.50
CA LYS A 90 5.23 -14.50 -8.22
C LYS A 90 4.56 -15.56 -9.09
N THR A 91 4.55 -15.33 -10.41
CA THR A 91 3.94 -16.26 -11.34
C THR A 91 4.93 -16.70 -12.41
N ALA A 92 6.13 -16.14 -12.36
CA ALA A 92 7.17 -16.48 -13.32
C ALA A 92 6.89 -15.85 -14.68
N GLY A 93 6.32 -14.64 -14.66
CA GLY A 93 6.00 -13.96 -15.90
C GLY A 93 4.62 -13.34 -15.89
N LYS A 94 4.41 -12.38 -15.00
CA LYS A 94 3.11 -11.71 -14.89
C LYS A 94 3.24 -10.23 -15.23
N TYR A 95 2.39 -9.76 -16.15
CA TYR A 95 2.41 -8.36 -16.55
C TYR A 95 3.71 -8.01 -17.25
N ASP A 96 4.29 -8.99 -17.94
CA ASP A 96 5.54 -8.79 -18.65
C ASP A 96 5.34 -7.87 -19.86
N ARG A 97 4.29 -8.15 -20.63
CA ARG A 97 3.99 -7.34 -21.82
C ARG A 97 3.94 -5.86 -21.47
N VAL A 98 3.66 -5.55 -20.20
CA VAL A 98 3.59 -4.17 -19.75
C VAL A 98 4.96 -3.68 -19.28
N TYR A 99 5.72 -4.56 -18.65
CA TYR A 99 7.04 -4.21 -18.16
C TYR A 99 7.96 -3.79 -19.31
N ASN A 100 7.95 -4.56 -20.38
CA ASN A 100 8.77 -4.27 -21.55
C ASN A 100 8.47 -2.87 -22.09
N GLY A 101 7.19 -2.58 -22.29
CA GLY A 101 6.79 -1.29 -22.79
C GLY A 101 7.40 -0.14 -22.01
N TYR A 102 7.37 -0.26 -20.68
CA TYR A 102 7.93 0.77 -19.81
C TYR A 102 9.43 0.95 -20.05
N VAL A 103 10.11 -0.17 -20.28
CA VAL A 103 11.54 -0.15 -20.53
C VAL A 103 11.90 0.80 -21.66
N ILE A 104 11.16 0.69 -22.76
CA ILE A 104 11.40 1.55 -23.93
C ILE A 104 11.04 3.00 -23.61
N HIS A 105 9.87 3.21 -23.03
CA HIS A 105 9.41 4.55 -22.68
C HIS A 105 10.55 5.37 -22.08
N LEU A 106 11.25 4.78 -21.12
CA LEU A 106 12.37 5.46 -20.47
C LEU A 106 13.48 5.77 -21.46
N ASP A 107 13.61 4.93 -22.48
CA ASP A 107 14.62 5.11 -23.50
C ASP A 107 14.67 6.56 -23.98
N TYR A 108 13.57 7.27 -23.77
CA TYR A 108 13.48 8.67 -24.18
C TYR A 108 14.63 9.48 -23.61
N GLY A 1 -32.95 12.81 -46.39
CA GLY A 1 -31.52 13.05 -46.29
C GLY A 1 -30.88 12.27 -45.16
N SER A 2 -29.61 11.92 -45.32
CA SER A 2 -28.88 11.16 -44.31
C SER A 2 -27.38 11.41 -44.43
N SER A 3 -26.71 11.49 -43.28
CA SER A 3 -25.28 11.71 -43.24
C SER A 3 -24.59 10.73 -42.30
N GLY A 4 -23.26 10.76 -42.29
CA GLY A 4 -22.50 9.87 -41.43
C GLY A 4 -21.13 10.41 -41.11
N SER A 5 -20.87 10.65 -39.82
CA SER A 5 -19.58 11.17 -39.39
C SER A 5 -19.44 11.08 -37.87
N SER A 6 -18.26 11.43 -37.37
CA SER A 6 -18.01 11.38 -35.94
C SER A 6 -18.10 12.77 -35.31
N GLY A 7 -17.97 12.84 -33.99
CA GLY A 7 -18.04 14.12 -33.31
C GLY A 7 -17.66 14.01 -31.85
N ASN A 8 -16.83 14.95 -31.38
CA ASN A 8 -16.38 14.95 -30.00
C ASN A 8 -17.26 15.85 -29.14
N VAL A 9 -17.16 15.68 -27.83
CA VAL A 9 -17.95 16.49 -26.90
C VAL A 9 -17.33 17.86 -26.69
N ASP A 10 -18.04 18.89 -27.13
CA ASP A 10 -17.58 20.27 -27.00
C ASP A 10 -17.73 20.76 -25.57
N SER A 11 -16.96 21.78 -25.20
CA SER A 11 -17.01 22.34 -23.86
C SER A 11 -18.00 23.50 -23.79
N ASN A 12 -19.26 23.19 -23.55
CA ASN A 12 -20.30 24.20 -23.46
C ASN A 12 -20.43 24.73 -22.04
N GLN A 13 -20.55 23.81 -21.09
CA GLN A 13 -20.68 24.18 -19.67
C GLN A 13 -19.50 25.03 -19.22
N ASN A 14 -19.74 26.33 -19.02
CA ASN A 14 -18.70 27.24 -18.58
C ASN A 14 -19.31 28.50 -17.97
N LYS A 15 -18.61 29.07 -16.99
CA LYS A 15 -19.07 30.28 -16.31
C LYS A 15 -20.56 30.16 -15.97
N ALA A 16 -20.96 28.99 -15.49
CA ALA A 16 -22.35 28.76 -15.11
C ALA A 16 -22.69 29.45 -13.81
N SER A 17 -23.98 29.64 -13.56
CA SER A 17 -24.43 30.29 -12.33
C SER A 17 -24.24 29.39 -11.12
N MET A 18 -23.03 29.39 -10.57
CA MET A 18 -22.71 28.57 -9.41
C MET A 18 -23.29 29.18 -8.15
N LEU A 19 -23.03 30.46 -7.93
CA LEU A 19 -23.53 31.16 -6.75
C LEU A 19 -25.02 30.92 -6.57
N GLN A 20 -25.75 30.90 -7.69
CA GLN A 20 -27.19 30.68 -7.65
C GLN A 20 -27.54 29.45 -6.80
N ALA A 21 -26.63 28.48 -6.80
CA ALA A 21 -26.84 27.26 -6.03
C ALA A 21 -26.10 27.32 -4.70
N ARG A 22 -26.78 26.89 -3.63
CA ARG A 22 -26.19 26.89 -2.30
C ARG A 22 -26.52 25.60 -1.55
N LEU A 23 -25.53 25.05 -0.88
CA LEU A 23 -25.70 23.81 -0.12
C LEU A 23 -25.69 24.08 1.38
N ASN A 24 -26.83 23.92 2.02
CA ASN A 24 -26.95 24.14 3.46
C ASN A 24 -27.58 22.94 4.15
N ASP A 25 -26.89 22.41 5.15
CA ASP A 25 -27.38 21.26 5.89
C ASP A 25 -27.50 21.58 7.38
N GLU A 26 -26.45 22.17 7.93
CA GLU A 26 -26.43 22.52 9.35
C GLU A 26 -27.44 23.63 9.65
N ALA A 27 -27.97 23.63 10.87
CA ALA A 27 -28.94 24.63 11.27
C ALA A 27 -28.37 25.54 12.36
N GLY A 28 -29.13 26.57 12.71
CA GLY A 28 -28.67 27.51 13.73
C GLY A 28 -28.12 26.81 14.96
N GLY A 29 -26.98 27.29 15.45
CA GLY A 29 -26.36 26.68 16.62
C GLY A 29 -25.07 25.98 16.28
N THR A 30 -24.09 26.10 17.17
CA THR A 30 -22.79 25.47 16.96
C THR A 30 -22.02 25.34 18.27
N ARG A 31 -21.59 24.12 18.59
CA ARG A 31 -20.85 23.87 19.81
C ARG A 31 -19.35 24.03 19.59
N LEU A 32 -18.58 24.09 20.68
CA LEU A 32 -17.14 24.24 20.59
C LEU A 32 -16.47 22.91 20.27
N LEU A 33 -16.47 22.55 18.98
CA LEU A 33 -15.86 21.30 18.54
C LEU A 33 -14.36 21.48 18.35
N ARG A 34 -13.66 20.35 18.20
CA ARG A 34 -12.21 20.37 18.00
C ARG A 34 -11.81 19.56 16.78
N VAL A 35 -10.78 20.02 16.08
CA VAL A 35 -10.30 19.34 14.89
C VAL A 35 -9.27 18.27 15.25
N HIS A 36 -9.59 17.02 14.95
CA HIS A 36 -8.70 15.91 15.24
C HIS A 36 -7.38 16.05 14.48
N HIS A 37 -6.40 15.23 14.84
CA HIS A 37 -5.10 15.28 14.20
C HIS A 37 -4.88 14.05 13.31
N GLU A 38 -4.01 14.19 12.31
CA GLU A 38 -3.72 13.10 11.39
C GLU A 38 -2.34 12.50 11.67
N SER A 39 -2.13 11.27 11.20
CA SER A 39 -0.86 10.60 11.40
C SER A 39 -0.15 10.37 10.07
N ASP A 40 1.16 10.14 10.14
CA ASP A 40 1.96 9.91 8.93
C ASP A 40 2.38 8.44 8.84
N THR A 41 2.19 7.85 7.66
CA THR A 41 2.55 6.46 7.43
C THR A 41 3.21 6.27 6.07
N GLU A 42 4.51 5.98 6.09
CA GLU A 42 5.25 5.78 4.85
C GLU A 42 5.13 4.33 4.37
N GLU A 43 4.82 4.17 3.09
CA GLU A 43 4.67 2.83 2.51
C GLU A 43 6.02 2.29 2.05
N ARG A 44 6.30 1.04 2.44
CA ARG A 44 7.56 0.40 2.07
C ARG A 44 7.34 -0.64 0.97
N GLY A 45 7.06 -0.17 -0.23
CA GLY A 45 6.84 -1.08 -1.34
C GLY A 45 5.49 -1.77 -1.27
N PHE A 46 4.65 -1.31 -0.35
CA PHE A 46 3.32 -1.90 -0.17
C PHE A 46 2.28 -1.15 -1.01
N LEU A 47 1.96 0.06 -0.60
CA LEU A 47 0.98 0.87 -1.33
C LEU A 47 1.27 0.89 -2.82
N GLU A 48 2.53 1.15 -3.16
CA GLU A 48 2.95 1.20 -4.56
C GLU A 48 2.55 -0.09 -5.29
N LYS A 49 2.90 -1.23 -4.72
CA LYS A 49 2.58 -2.52 -5.30
C LYS A 49 1.11 -2.57 -5.72
N ALA A 50 0.23 -2.08 -4.85
CA ALA A 50 -1.19 -2.06 -5.13
C ALA A 50 -1.49 -1.29 -6.41
N ALA A 51 -1.17 -0.01 -6.41
CA ALA A 51 -1.41 0.84 -7.57
C ALA A 51 -0.86 0.20 -8.84
N VAL A 52 0.45 0.07 -8.91
CA VAL A 52 1.11 -0.53 -10.08
C VAL A 52 0.31 -1.73 -10.59
N LYS A 53 -0.01 -2.64 -9.68
CA LYS A 53 -0.77 -3.84 -10.03
C LYS A 53 -2.09 -3.47 -10.71
N LYS A 54 -2.68 -2.36 -10.26
CA LYS A 54 -3.95 -1.89 -10.82
C LYS A 54 -3.73 -1.23 -12.18
N MET A 55 -2.65 -0.47 -12.29
CA MET A 55 -2.32 0.23 -13.53
C MET A 55 -2.02 -0.77 -14.65
N ALA A 56 -1.26 -1.81 -14.31
CA ALA A 56 -0.91 -2.83 -15.28
C ALA A 56 -2.13 -3.67 -15.69
N LYS A 57 -2.86 -4.15 -14.70
CA LYS A 57 -4.05 -4.96 -14.94
C LYS A 57 -4.98 -4.26 -15.92
N ALA A 58 -5.18 -2.96 -15.72
CA ALA A 58 -6.06 -2.18 -16.59
C ALA A 58 -5.61 -2.27 -18.04
N ILE A 59 -4.29 -2.28 -18.25
CA ILE A 59 -3.73 -2.37 -19.60
C ILE A 59 -4.09 -3.69 -20.25
N MET A 60 -3.93 -4.78 -19.51
CA MET A 60 -4.25 -6.11 -20.03
C MET A 60 -5.52 -6.08 -20.87
N ALA A 61 -6.60 -5.56 -20.29
CA ALA A 61 -7.87 -5.47 -20.99
C ALA A 61 -7.85 -4.35 -22.02
N ASP A 62 -7.85 -3.11 -21.55
CA ASP A 62 -7.83 -1.96 -22.44
C ASP A 62 -6.40 -1.51 -22.72
N PRO A 63 -6.03 -1.49 -24.01
CA PRO A 63 -4.69 -1.09 -24.45
C PRO A 63 -4.45 0.40 -24.26
N ASN A 64 -5.44 1.21 -24.59
CA ASN A 64 -5.34 2.66 -24.46
C ASN A 64 -4.79 3.04 -23.09
N LYS A 65 -5.04 2.19 -22.10
CA LYS A 65 -4.57 2.43 -20.74
C LYS A 65 -3.05 2.42 -20.69
N ALA A 66 -2.43 1.55 -21.49
CA ALA A 66 -0.98 1.46 -21.53
C ALA A 66 -0.33 2.83 -21.64
N ASP A 67 -0.64 3.54 -22.73
CA ASP A 67 -0.09 4.87 -22.94
C ASP A 67 -0.17 5.72 -21.68
N GLU A 68 -1.38 5.85 -21.14
CA GLU A 68 -1.59 6.63 -19.93
C GLU A 68 -0.67 6.16 -18.81
N VAL A 69 -0.81 4.90 -18.42
CA VAL A 69 0.01 4.33 -17.36
C VAL A 69 1.48 4.67 -17.57
N TYR A 70 2.06 4.16 -18.65
CA TYR A 70 3.46 4.40 -18.96
C TYR A 70 3.88 5.80 -18.53
N LYS A 71 3.14 6.81 -18.99
CA LYS A 71 3.43 8.19 -18.65
C LYS A 71 3.26 8.43 -17.15
N LYS A 72 2.12 7.99 -16.61
CA LYS A 72 1.83 8.15 -15.19
C LYS A 72 2.99 7.65 -14.34
N TRP A 73 3.37 6.40 -14.55
CA TRP A 73 4.48 5.80 -13.80
C TRP A 73 5.71 6.71 -13.82
N ALA A 74 6.26 6.91 -15.01
CA ALA A 74 7.44 7.75 -15.16
C ALA A 74 7.31 9.02 -14.33
N ASP A 75 6.12 9.60 -14.31
CA ASP A 75 5.87 10.82 -13.55
C ASP A 75 6.01 10.56 -12.05
N LYS A 76 5.33 9.53 -11.56
CA LYS A 76 5.37 9.17 -10.15
C LYS A 76 6.81 9.08 -9.66
N GLY A 77 7.64 8.35 -10.41
CA GLY A 77 9.04 8.20 -10.04
C GLY A 77 9.43 6.75 -9.85
N TYR A 78 8.99 5.90 -10.78
CA TYR A 78 9.30 4.48 -10.70
C TYR A 78 10.51 4.14 -11.54
N THR A 79 11.12 2.97 -11.28
CA THR A 79 12.30 2.53 -12.01
C THR A 79 12.32 1.02 -12.15
N LEU A 80 12.97 0.54 -13.21
CA LEU A 80 13.07 -0.90 -13.46
C LEU A 80 13.18 -1.66 -12.15
N THR A 81 14.02 -1.17 -11.24
CA THR A 81 14.23 -1.81 -9.95
C THR A 81 12.91 -1.95 -9.20
N GLN A 82 12.24 -0.82 -8.97
CA GLN A 82 10.98 -0.81 -8.26
C GLN A 82 9.87 -1.45 -9.11
N MET A 83 9.62 -0.85 -10.27
CA MET A 83 8.58 -1.36 -11.17
C MET A 83 8.52 -2.88 -11.13
N SER A 84 9.61 -3.52 -11.57
CA SER A 84 9.68 -4.98 -11.59
C SER A 84 9.26 -5.56 -10.24
N ASN A 85 9.91 -5.11 -9.18
CA ASN A 85 9.60 -5.58 -7.83
C ASN A 85 8.09 -5.61 -7.60
N PHE A 86 7.39 -4.65 -8.18
CA PHE A 86 5.94 -4.56 -8.03
C PHE A 86 5.24 -5.59 -8.92
N LEU A 87 5.68 -5.67 -10.17
CA LEU A 87 5.10 -6.60 -11.12
C LEU A 87 5.81 -7.95 -11.06
N LYS A 88 6.42 -8.24 -9.92
CA LYS A 88 7.13 -9.50 -9.72
C LYS A 88 6.16 -10.62 -9.36
N SER A 89 5.07 -10.72 -10.12
CA SER A 89 4.07 -11.75 -9.87
C SER A 89 4.67 -13.15 -10.02
N LYS A 90 5.57 -13.30 -10.99
CA LYS A 90 6.23 -14.57 -11.24
C LYS A 90 5.21 -15.62 -11.69
N THR A 91 4.31 -15.22 -12.58
CA THR A 91 3.29 -16.13 -13.10
C THR A 91 3.43 -16.30 -14.61
N ALA A 92 4.21 -17.30 -15.02
CA ALA A 92 4.42 -17.58 -16.44
C ALA A 92 4.46 -16.29 -17.25
N GLY A 93 4.97 -15.23 -16.65
CA GLY A 93 5.05 -13.96 -17.32
C GLY A 93 3.69 -13.31 -17.53
N LYS A 94 3.05 -12.93 -16.43
CA LYS A 94 1.73 -12.32 -16.50
C LYS A 94 1.82 -10.89 -17.02
N TYR A 95 2.61 -10.06 -16.35
CA TYR A 95 2.79 -8.67 -16.76
C TYR A 95 4.14 -8.47 -17.43
N ASP A 96 4.50 -9.40 -18.31
CA ASP A 96 5.77 -9.33 -19.03
C ASP A 96 5.71 -8.26 -20.11
N ARG A 97 4.61 -8.23 -20.85
CA ARG A 97 4.44 -7.25 -21.93
C ARG A 97 4.34 -5.84 -21.36
N VAL A 98 3.56 -5.68 -20.31
CA VAL A 98 3.38 -4.39 -19.67
C VAL A 98 4.71 -3.84 -19.16
N TYR A 99 5.52 -4.71 -18.59
CA TYR A 99 6.82 -4.33 -18.06
C TYR A 99 7.77 -3.91 -19.18
N ASN A 100 7.89 -4.79 -20.19
CA ASN A 100 8.77 -4.52 -21.32
C ASN A 100 8.59 -3.10 -21.84
N GLY A 101 7.34 -2.72 -22.08
CA GLY A 101 7.04 -1.38 -22.57
C GLY A 101 7.69 -0.30 -21.73
N TYR A 102 7.48 -0.38 -20.42
CA TYR A 102 8.05 0.61 -19.50
C TYR A 102 9.55 0.73 -19.70
N VAL A 103 10.24 -0.41 -19.75
CA VAL A 103 11.68 -0.43 -19.93
C VAL A 103 12.10 0.50 -21.08
N ILE A 104 11.53 0.28 -22.25
CA ILE A 104 11.84 1.09 -23.43
C ILE A 104 11.52 2.56 -23.17
N HIS A 105 10.42 2.81 -22.46
CA HIS A 105 10.00 4.17 -22.15
C HIS A 105 11.07 4.89 -21.34
N LEU A 106 11.74 4.15 -20.46
CA LEU A 106 12.79 4.73 -19.63
C LEU A 106 14.15 4.66 -20.33
N ASP A 107 14.27 3.73 -21.28
CA ASP A 107 15.51 3.57 -22.03
C ASP A 107 15.94 4.87 -22.68
N TYR A 108 14.97 5.76 -22.91
CA TYR A 108 15.25 7.04 -23.54
C TYR A 108 16.46 7.71 -22.89
N GLY A 1 -34.29 -15.43 69.32
CA GLY A 1 -34.28 -14.39 68.32
C GLY A 1 -35.31 -14.63 67.22
N SER A 2 -36.41 -13.88 67.28
CA SER A 2 -37.48 -14.03 66.30
C SER A 2 -37.00 -13.60 64.91
N SER A 3 -36.61 -12.34 64.80
CA SER A 3 -36.13 -11.79 63.53
C SER A 3 -35.63 -10.37 63.70
N GLY A 4 -35.12 -9.79 62.62
CA GLY A 4 -34.60 -8.44 62.66
C GLY A 4 -35.18 -7.56 61.56
N SER A 5 -34.34 -6.68 61.01
CA SER A 5 -34.76 -5.78 59.95
C SER A 5 -33.58 -4.99 59.40
N SER A 6 -33.64 -4.68 58.12
CA SER A 6 -32.57 -3.93 57.47
C SER A 6 -33.05 -3.31 56.15
N GLY A 7 -32.17 -2.57 55.50
CA GLY A 7 -32.53 -1.93 54.24
C GLY A 7 -31.42 -1.05 53.71
N ASN A 8 -31.51 -0.72 52.41
CA ASN A 8 -30.50 0.13 51.78
C ASN A 8 -30.91 0.47 50.35
N VAL A 9 -30.15 1.36 49.72
CA VAL A 9 -30.43 1.79 48.35
C VAL A 9 -29.33 2.69 47.81
N ASP A 10 -29.24 2.77 46.50
CA ASP A 10 -28.23 3.61 45.85
C ASP A 10 -28.42 3.64 44.34
N SER A 11 -27.72 4.55 43.67
CA SER A 11 -27.83 4.69 42.23
C SER A 11 -26.80 5.68 41.70
N ASN A 12 -26.72 5.80 40.38
CA ASN A 12 -25.77 6.70 39.75
C ASN A 12 -26.21 7.04 38.32
N GLN A 13 -25.42 7.89 37.65
CA GLN A 13 -25.73 8.29 36.28
C GLN A 13 -24.46 8.42 35.46
N ASN A 14 -24.61 8.51 34.14
CA ASN A 14 -23.47 8.64 33.24
C ASN A 14 -23.79 9.62 32.11
N LYS A 15 -22.79 9.87 31.26
CA LYS A 15 -22.96 10.79 30.14
C LYS A 15 -22.23 10.27 28.91
N ALA A 16 -22.96 10.09 27.81
CA ALA A 16 -22.38 9.60 26.57
C ALA A 16 -21.82 10.75 25.75
N SER A 17 -20.94 10.42 24.80
CA SER A 17 -20.32 11.43 23.94
C SER A 17 -20.63 11.15 22.48
N MET A 18 -21.80 11.61 22.04
CA MET A 18 -22.22 11.42 20.65
C MET A 18 -21.22 12.03 19.69
N LEU A 19 -20.80 11.25 18.70
CA LEU A 19 -19.83 11.72 17.71
C LEU A 19 -19.69 10.73 16.56
N GLN A 20 -19.74 11.23 15.33
CA GLN A 20 -19.62 10.38 14.15
C GLN A 20 -18.50 10.88 13.24
N ALA A 21 -18.28 10.15 12.15
CA ALA A 21 -17.24 10.53 11.19
C ALA A 21 -17.29 9.63 9.96
N ARG A 22 -17.32 10.25 8.78
CA ARG A 22 -17.37 9.51 7.53
C ARG A 22 -16.02 8.90 7.20
N LEU A 23 -16.02 7.88 6.36
CA LEU A 23 -14.78 7.20 5.97
C LEU A 23 -14.64 7.18 4.45
N ASN A 24 -13.44 7.48 3.97
CA ASN A 24 -13.17 7.49 2.53
C ASN A 24 -11.66 7.57 2.27
N ASP A 25 -11.16 6.63 1.47
CA ASP A 25 -9.74 6.59 1.12
C ASP A 25 -9.40 7.68 0.12
N GLU A 26 -8.69 8.71 0.59
CA GLU A 26 -8.30 9.82 -0.27
C GLU A 26 -7.03 9.48 -1.06
N ALA A 27 -6.90 10.07 -2.24
CA ALA A 27 -5.76 9.83 -3.09
C ALA A 27 -4.65 10.84 -2.83
N GLY A 28 -4.90 12.10 -3.17
CA GLY A 28 -3.92 13.14 -2.95
C GLY A 28 -2.53 12.72 -3.38
N GLY A 29 -1.52 13.34 -2.77
CA GLY A 29 -0.15 13.01 -3.10
C GLY A 29 0.85 13.60 -2.12
N THR A 30 1.86 12.82 -1.77
CA THR A 30 2.88 13.27 -0.83
C THR A 30 4.26 12.70 -1.19
N ARG A 31 5.29 13.51 -1.02
CA ARG A 31 6.65 13.09 -1.33
C ARG A 31 6.94 11.72 -0.71
N LEU A 32 7.90 11.00 -1.29
CA LEU A 32 8.27 9.69 -0.80
C LEU A 32 9.79 9.59 -0.57
N LEU A 33 10.17 8.78 0.40
CA LEU A 33 11.59 8.60 0.73
C LEU A 33 12.11 7.30 0.14
N ARG A 34 13.36 7.32 -0.33
CA ARG A 34 13.98 6.15 -0.92
C ARG A 34 14.43 5.17 0.17
N VAL A 35 14.38 3.89 -0.14
CA VAL A 35 14.78 2.85 0.80
C VAL A 35 15.61 1.76 0.12
N HIS A 36 16.65 1.30 0.80
CA HIS A 36 17.52 0.27 0.25
C HIS A 36 16.95 -1.12 0.54
N HIS A 37 16.72 -1.41 1.82
CA HIS A 37 16.17 -2.70 2.23
C HIS A 37 14.90 -2.51 3.04
N GLU A 38 13.88 -3.31 2.73
CA GLU A 38 12.60 -3.23 3.44
C GLU A 38 12.52 -4.30 4.52
N SER A 39 12.98 -3.95 5.72
CA SER A 39 12.96 -4.87 6.85
C SER A 39 11.62 -4.81 7.57
N ASP A 40 10.55 -4.62 6.81
CA ASP A 40 9.21 -4.56 7.38
C ASP A 40 8.15 -4.58 6.27
N THR A 41 7.01 -5.19 6.58
CA THR A 41 5.92 -5.29 5.61
C THR A 41 4.79 -4.32 5.96
N GLU A 42 5.15 -3.07 6.19
CA GLU A 42 4.16 -2.05 6.53
C GLU A 42 3.37 -1.63 5.28
N GLU A 43 2.19 -1.06 5.52
CA GLU A 43 1.33 -0.62 4.43
C GLU A 43 2.15 -0.01 3.30
N ARG A 44 3.18 0.76 3.67
CA ARG A 44 4.04 1.40 2.68
C ARG A 44 4.23 0.51 1.46
N GLY A 45 4.72 -0.71 1.69
CA GLY A 45 4.94 -1.63 0.60
C GLY A 45 3.66 -2.17 0.03
N PHE A 46 2.75 -2.61 0.90
CA PHE A 46 1.46 -3.15 0.48
C PHE A 46 0.78 -2.21 -0.50
N LEU A 47 0.30 -1.08 0.03
CA LEU A 47 -0.40 -0.08 -0.80
C LEU A 47 0.43 0.25 -2.04
N GLU A 48 1.64 0.75 -1.83
CA GLU A 48 2.52 1.10 -2.93
C GLU A 48 2.43 0.08 -4.05
N LYS A 49 2.67 -1.18 -3.71
CA LYS A 49 2.61 -2.27 -4.67
C LYS A 49 1.23 -2.37 -5.32
N ALA A 50 0.20 -2.16 -4.50
CA ALA A 50 -1.18 -2.23 -4.98
C ALA A 50 -1.42 -1.23 -6.11
N ALA A 51 -0.94 0.01 -5.92
CA ALA A 51 -1.10 1.05 -6.91
C ALA A 51 -0.49 0.63 -8.25
N VAL A 52 0.82 0.42 -8.25
CA VAL A 52 1.53 0.01 -9.47
C VAL A 52 0.84 -1.17 -10.13
N LYS A 53 0.65 -2.24 -9.38
CA LYS A 53 0.00 -3.43 -9.89
C LYS A 53 -1.36 -3.10 -10.50
N LYS A 54 -2.17 -2.36 -9.75
CA LYS A 54 -3.49 -1.96 -10.21
C LYS A 54 -3.43 -1.42 -11.64
N MET A 55 -2.59 -0.42 -11.85
CA MET A 55 -2.44 0.20 -13.17
C MET A 55 -2.19 -0.88 -14.23
N ALA A 56 -1.34 -1.85 -13.91
CA ALA A 56 -1.03 -2.93 -14.83
C ALA A 56 -2.30 -3.58 -15.37
N LYS A 57 -3.11 -4.12 -14.46
CA LYS A 57 -4.35 -4.77 -14.85
C LYS A 57 -5.06 -3.99 -15.94
N ALA A 58 -5.40 -2.73 -15.66
CA ALA A 58 -6.08 -1.88 -16.63
C ALA A 58 -5.46 -2.02 -18.01
N ILE A 59 -4.13 -2.04 -18.05
CA ILE A 59 -3.42 -2.17 -19.32
C ILE A 59 -3.69 -3.52 -19.97
N MET A 60 -3.42 -4.59 -19.22
CA MET A 60 -3.64 -5.94 -19.73
C MET A 60 -4.93 -6.02 -20.54
N ALA A 61 -6.00 -5.45 -20.00
CA ALA A 61 -7.29 -5.46 -20.66
C ALA A 61 -7.27 -4.55 -21.90
N ASP A 62 -7.12 -3.25 -21.66
CA ASP A 62 -7.08 -2.28 -22.75
C ASP A 62 -5.65 -1.84 -23.05
N PRO A 63 -5.21 -2.06 -24.30
CA PRO A 63 -3.86 -1.70 -24.74
C PRO A 63 -3.67 -0.19 -24.83
N ASN A 64 -4.77 0.55 -24.92
CA ASN A 64 -4.72 2.00 -25.01
C ASN A 64 -4.36 2.61 -23.67
N LYS A 65 -4.41 1.80 -22.61
CA LYS A 65 -4.08 2.26 -21.27
C LYS A 65 -2.57 2.26 -21.04
N ALA A 66 -1.90 1.25 -21.60
CA ALA A 66 -0.46 1.13 -21.46
C ALA A 66 0.23 2.48 -21.68
N ASP A 67 0.12 3.00 -22.89
CA ASP A 67 0.73 4.28 -23.24
C ASP A 67 0.56 5.29 -22.10
N GLU A 68 -0.70 5.57 -21.75
CA GLU A 68 -0.99 6.51 -20.68
C GLU A 68 -0.25 6.13 -19.41
N VAL A 69 -0.59 4.98 -18.84
CA VAL A 69 0.04 4.50 -17.62
C VAL A 69 1.55 4.77 -17.64
N TYR A 70 2.23 4.15 -18.59
CA TYR A 70 3.68 4.32 -18.71
C TYR A 70 4.09 5.75 -18.39
N LYS A 71 3.43 6.72 -19.02
CA LYS A 71 3.72 8.12 -18.81
C LYS A 71 3.48 8.51 -17.35
N LYS A 72 2.39 8.00 -16.78
CA LYS A 72 2.04 8.28 -15.40
C LYS A 72 3.09 7.73 -14.45
N TRP A 73 3.47 6.48 -14.66
CA TRP A 73 4.48 5.84 -13.82
C TRP A 73 5.75 6.67 -13.75
N ALA A 74 6.44 6.79 -14.89
CA ALA A 74 7.67 7.58 -14.96
C ALA A 74 7.50 8.93 -14.27
N ASP A 75 6.30 9.49 -14.38
CA ASP A 75 6.01 10.79 -13.77
C ASP A 75 6.10 10.71 -12.25
N LYS A 76 5.71 9.56 -11.71
CA LYS A 76 5.74 9.35 -10.26
C LYS A 76 7.17 9.21 -9.76
N GLY A 77 7.99 8.47 -10.50
CA GLY A 77 9.37 8.27 -10.12
C GLY A 77 9.70 6.81 -9.89
N TYR A 78 9.23 5.94 -10.78
CA TYR A 78 9.47 4.51 -10.65
C TYR A 78 10.50 4.04 -11.68
N THR A 79 11.45 3.24 -11.23
CA THR A 79 12.50 2.73 -12.11
C THR A 79 12.38 1.21 -12.27
N LEU A 80 12.95 0.69 -13.35
CA LEU A 80 12.91 -0.74 -13.62
C LEU A 80 13.03 -1.54 -12.33
N THR A 81 14.13 -1.35 -11.62
CA THR A 81 14.36 -2.05 -10.36
C THR A 81 13.11 -2.05 -9.49
N GLN A 82 12.53 -0.88 -9.30
CA GLN A 82 11.32 -0.74 -8.49
C GLN A 82 10.11 -1.31 -9.22
N MET A 83 9.73 -0.65 -10.32
CA MET A 83 8.59 -1.10 -11.11
C MET A 83 8.50 -2.62 -11.13
N SER A 84 9.48 -3.25 -11.76
CA SER A 84 9.51 -4.71 -11.87
C SER A 84 9.11 -5.35 -10.54
N ASN A 85 9.90 -5.10 -9.51
CA ASN A 85 9.64 -5.65 -8.18
C ASN A 85 8.14 -5.69 -7.90
N PHE A 86 7.45 -4.61 -8.26
CA PHE A 86 6.01 -4.53 -8.04
C PHE A 86 5.26 -5.51 -8.94
N LEU A 87 5.66 -5.57 -10.20
CA LEU A 87 5.03 -6.47 -11.15
C LEU A 87 5.63 -7.88 -11.07
N LYS A 88 6.52 -8.06 -10.10
CA LYS A 88 7.16 -9.36 -9.90
C LYS A 88 6.31 -10.27 -9.02
N SER A 89 5.47 -11.08 -9.68
CA SER A 89 4.58 -11.99 -8.96
C SER A 89 5.15 -13.40 -8.97
N LYS A 90 6.45 -13.52 -8.73
CA LYS A 90 7.12 -14.81 -8.71
C LYS A 90 6.46 -15.77 -9.71
N THR A 91 6.16 -15.27 -10.89
CA THR A 91 5.54 -16.07 -11.93
C THR A 91 6.47 -16.22 -13.13
N ALA A 92 6.47 -17.42 -13.73
CA ALA A 92 7.30 -17.69 -14.89
C ALA A 92 7.27 -16.53 -15.88
N GLY A 93 6.07 -15.99 -16.10
CA GLY A 93 5.92 -14.88 -17.02
C GLY A 93 4.62 -14.14 -16.83
N LYS A 94 4.60 -13.19 -15.90
CA LYS A 94 3.40 -12.41 -15.63
C LYS A 94 3.67 -10.93 -15.79
N TYR A 95 2.79 -10.24 -16.52
CA TYR A 95 2.93 -8.81 -16.76
C TYR A 95 4.21 -8.51 -17.54
N ASP A 96 4.58 -9.43 -18.43
CA ASP A 96 5.77 -9.27 -19.25
C ASP A 96 5.56 -8.20 -20.31
N ARG A 97 4.36 -8.16 -20.87
CA ARG A 97 4.03 -7.18 -21.91
C ARG A 97 3.96 -5.77 -21.31
N VAL A 98 3.50 -5.67 -20.08
CA VAL A 98 3.38 -4.39 -19.40
C VAL A 98 4.75 -3.81 -19.07
N TYR A 99 5.66 -4.67 -18.61
CA TYR A 99 7.01 -4.25 -18.26
C TYR A 99 7.80 -3.86 -19.51
N ASN A 100 7.65 -4.65 -20.57
CA ASN A 100 8.34 -4.40 -21.82
C ASN A 100 8.18 -2.94 -22.24
N GLY A 101 6.95 -2.56 -22.58
CA GLY A 101 6.69 -1.19 -23.00
C GLY A 101 7.40 -0.17 -22.13
N TYR A 102 7.08 -0.16 -20.85
CA TYR A 102 7.69 0.78 -19.91
C TYR A 102 9.19 0.87 -20.15
N VAL A 103 9.88 -0.26 -20.04
CA VAL A 103 11.32 -0.31 -20.24
C VAL A 103 11.75 0.65 -21.34
N ILE A 104 11.21 0.43 -22.55
CA ILE A 104 11.54 1.27 -23.69
C ILE A 104 11.06 2.71 -23.47
N HIS A 105 9.84 2.84 -22.98
CA HIS A 105 9.28 4.17 -22.72
C HIS A 105 10.26 5.05 -21.96
N LEU A 106 11.06 4.44 -21.10
CA LEU A 106 12.04 5.17 -20.32
C LEU A 106 13.21 5.62 -21.19
N ASP A 107 13.56 4.79 -22.16
CA ASP A 107 14.66 5.11 -23.07
C ASP A 107 14.55 6.55 -23.58
N TYR A 108 13.34 7.08 -23.57
CA TYR A 108 13.10 8.44 -24.03
C TYR A 108 14.15 9.39 -23.46
N GLY A 1 -18.92 -49.24 47.99
CA GLY A 1 -18.37 -49.30 46.65
C GLY A 1 -18.42 -47.96 45.94
N SER A 2 -17.60 -47.02 46.39
CA SER A 2 -17.56 -45.69 45.80
C SER A 2 -17.78 -45.76 44.29
N SER A 3 -16.93 -46.52 43.61
CA SER A 3 -17.02 -46.67 42.16
C SER A 3 -17.43 -45.35 41.51
N GLY A 4 -16.84 -44.26 41.98
CA GLY A 4 -17.15 -42.96 41.43
C GLY A 4 -15.97 -42.31 40.72
N SER A 5 -16.15 -41.09 40.26
CA SER A 5 -15.08 -40.37 39.57
C SER A 5 -15.07 -38.90 39.96
N SER A 6 -14.09 -38.16 39.46
CA SER A 6 -13.96 -36.74 39.76
C SER A 6 -14.19 -35.89 38.51
N GLY A 7 -14.68 -34.67 38.71
CA GLY A 7 -14.94 -33.78 37.59
C GLY A 7 -13.99 -32.61 37.56
N ASN A 8 -13.57 -32.22 36.36
CA ASN A 8 -12.64 -31.10 36.19
C ASN A 8 -13.38 -29.77 36.36
N VAL A 9 -14.17 -29.40 35.36
CA VAL A 9 -14.92 -28.16 35.40
C VAL A 9 -16.37 -28.37 34.97
N ASP A 10 -17.29 -27.75 35.69
CA ASP A 10 -18.71 -27.88 35.37
C ASP A 10 -19.45 -26.56 35.63
N SER A 11 -19.82 -25.88 34.55
CA SER A 11 -20.52 -24.60 34.66
C SER A 11 -20.96 -24.10 33.29
N ASN A 12 -21.82 -23.10 33.28
CA ASN A 12 -22.31 -22.51 32.03
C ASN A 12 -23.11 -21.23 32.30
N GLN A 13 -23.47 -20.55 31.23
CA GLN A 13 -24.24 -19.31 31.35
C GLN A 13 -25.48 -19.34 30.47
N ASN A 14 -26.28 -18.27 30.53
CA ASN A 14 -27.50 -18.19 29.73
C ASN A 14 -27.67 -16.79 29.16
N LYS A 15 -28.74 -16.60 28.39
CA LYS A 15 -29.03 -15.30 27.78
C LYS A 15 -30.27 -14.68 28.40
N ALA A 16 -30.54 -13.42 28.04
CA ALA A 16 -31.70 -12.72 28.55
C ALA A 16 -32.96 -13.59 28.48
N SER A 17 -33.75 -13.56 29.54
CA SER A 17 -34.98 -14.34 29.60
C SER A 17 -35.85 -14.07 28.38
N MET A 18 -36.31 -12.83 28.25
CA MET A 18 -37.15 -12.44 27.12
C MET A 18 -36.90 -10.99 26.72
N LEU A 19 -37.28 -10.64 25.50
CA LEU A 19 -37.09 -9.29 25.00
C LEU A 19 -38.43 -8.63 24.68
N GLN A 20 -38.70 -7.50 25.30
CA GLN A 20 -39.94 -6.77 25.07
C GLN A 20 -39.74 -5.64 24.07
N ALA A 21 -40.80 -5.31 23.35
CA ALA A 21 -40.75 -4.23 22.36
C ALA A 21 -40.14 -2.97 22.94
N ARG A 22 -39.47 -2.20 22.09
CA ARG A 22 -38.83 -0.96 22.53
C ARG A 22 -38.25 -0.20 21.33
N LEU A 23 -38.42 1.12 21.35
CA LEU A 23 -37.91 1.97 20.27
C LEU A 23 -37.16 3.17 20.83
N ASN A 24 -36.08 3.55 20.15
CA ASN A 24 -35.27 4.69 20.58
C ASN A 24 -35.80 5.98 19.97
N ASP A 25 -35.97 7.00 20.81
CA ASP A 25 -36.46 8.29 20.35
C ASP A 25 -35.90 8.64 18.98
N GLU A 26 -36.76 8.58 17.96
CA GLU A 26 -36.36 8.88 16.60
C GLU A 26 -36.77 10.30 16.20
N ALA A 27 -35.85 11.03 15.59
CA ALA A 27 -36.11 12.40 15.16
C ALA A 27 -36.17 13.34 16.35
N GLY A 28 -35.26 13.16 17.29
CA GLY A 28 -35.22 14.00 18.47
C GLY A 28 -33.83 14.52 18.78
N GLY A 29 -33.35 15.45 17.96
CA GLY A 29 -32.03 16.01 18.16
C GLY A 29 -30.92 15.10 17.65
N THR A 30 -29.71 15.30 18.14
CA THR A 30 -28.57 14.50 17.72
C THR A 30 -27.67 14.17 18.90
N ARG A 31 -27.29 12.91 19.01
CA ARG A 31 -26.42 12.46 20.10
C ARG A 31 -25.02 12.14 19.58
N LEU A 32 -24.01 12.46 20.38
CA LEU A 32 -22.63 12.21 20.01
C LEU A 32 -22.49 10.86 19.30
N LEU A 33 -22.31 10.90 17.99
CA LEU A 33 -22.16 9.67 17.21
C LEU A 33 -20.70 9.44 16.82
N ARG A 34 -20.26 8.20 16.93
CA ARG A 34 -18.89 7.85 16.60
C ARG A 34 -18.80 6.40 16.11
N VAL A 35 -18.23 6.21 14.92
CA VAL A 35 -18.09 4.88 14.34
C VAL A 35 -16.64 4.61 13.97
N HIS A 36 -16.03 3.64 14.64
CA HIS A 36 -14.65 3.28 14.38
C HIS A 36 -14.25 2.03 15.17
N HIS A 37 -14.03 0.93 14.44
CA HIS A 37 -13.65 -0.33 15.06
C HIS A 37 -12.14 -0.46 15.15
N GLU A 38 -11.49 -0.44 13.99
CA GLU A 38 -10.03 -0.56 13.92
C GLU A 38 -9.49 0.01 12.61
N SER A 39 -8.24 0.46 12.64
CA SER A 39 -7.61 1.03 11.46
C SER A 39 -6.12 0.71 11.43
N ASP A 40 -5.57 0.58 10.23
CA ASP A 40 -4.16 0.27 10.06
C ASP A 40 -3.51 1.19 9.03
N THR A 41 -2.94 2.30 9.51
CA THR A 41 -2.30 3.26 8.62
C THR A 41 -0.83 2.91 8.39
N GLU A 42 -0.59 1.70 7.90
CA GLU A 42 0.77 1.24 7.64
C GLU A 42 0.91 0.77 6.19
N GLU A 43 1.49 1.62 5.35
CA GLU A 43 1.68 1.28 3.94
C GLU A 43 2.99 0.53 3.74
N ARG A 44 4.11 1.19 4.01
CA ARG A 44 5.42 0.58 3.85
C ARG A 44 5.54 -0.11 2.50
N GLY A 45 4.82 0.42 1.51
CA GLY A 45 4.86 -0.16 0.18
C GLY A 45 3.63 -0.97 -0.15
N PHE A 46 3.02 -1.56 0.89
CA PHE A 46 1.83 -2.37 0.71
C PHE A 46 0.91 -1.77 -0.34
N LEU A 47 0.53 -0.51 -0.14
CA LEU A 47 -0.34 0.19 -1.07
C LEU A 47 0.40 0.59 -2.33
N GLU A 48 1.62 1.13 -2.16
CA GLU A 48 2.43 1.55 -3.29
C GLU A 48 2.43 0.49 -4.39
N LYS A 49 2.61 -0.77 -3.99
CA LYS A 49 2.64 -1.87 -4.94
C LYS A 49 1.26 -2.09 -5.55
N ALA A 50 0.26 -2.30 -4.70
CA ALA A 50 -1.11 -2.52 -5.16
C ALA A 50 -1.44 -1.59 -6.32
N ALA A 51 -1.11 -0.32 -6.17
CA ALA A 51 -1.37 0.68 -7.20
C ALA A 51 -0.73 0.27 -8.52
N VAL A 52 0.58 0.05 -8.50
CA VAL A 52 1.32 -0.34 -9.70
C VAL A 52 0.66 -1.53 -10.39
N LYS A 53 0.51 -2.63 -9.65
CA LYS A 53 -0.11 -3.83 -10.19
C LYS A 53 -1.51 -3.53 -10.70
N LYS A 54 -2.29 -2.79 -9.92
CA LYS A 54 -3.64 -2.43 -10.31
C LYS A 54 -3.69 -1.88 -11.73
N MET A 55 -2.83 -0.90 -12.00
CA MET A 55 -2.77 -0.28 -13.32
C MET A 55 -2.51 -1.34 -14.40
N ALA A 56 -1.56 -2.23 -14.13
CA ALA A 56 -1.22 -3.29 -15.08
C ALA A 56 -2.47 -4.03 -15.54
N LYS A 57 -3.28 -4.46 -14.58
CA LYS A 57 -4.51 -5.18 -14.89
C LYS A 57 -5.32 -4.45 -15.95
N ALA A 58 -5.55 -3.16 -15.72
CA ALA A 58 -6.31 -2.35 -16.67
C ALA A 58 -5.67 -2.36 -18.05
N ILE A 59 -4.34 -2.38 -18.09
CA ILE A 59 -3.62 -2.39 -19.35
C ILE A 59 -3.82 -3.71 -20.08
N MET A 60 -3.70 -4.82 -19.35
CA MET A 60 -3.87 -6.15 -19.93
C MET A 60 -5.05 -6.17 -20.90
N ALA A 61 -6.18 -5.62 -20.45
CA ALA A 61 -7.38 -5.57 -21.29
C ALA A 61 -7.34 -4.41 -22.26
N ASP A 62 -7.06 -3.21 -21.74
CA ASP A 62 -6.98 -2.01 -22.56
C ASP A 62 -5.53 -1.63 -22.82
N PRO A 63 -5.06 -1.87 -24.06
CA PRO A 63 -3.69 -1.56 -24.45
C PRO A 63 -3.45 -0.06 -24.56
N ASN A 64 -4.43 0.66 -25.09
CA ASN A 64 -4.32 2.11 -25.25
C ASN A 64 -3.88 2.77 -23.94
N LYS A 65 -4.41 2.25 -22.82
CA LYS A 65 -4.08 2.79 -21.51
C LYS A 65 -2.57 2.68 -21.24
N ALA A 66 -1.96 1.60 -21.72
CA ALA A 66 -0.54 1.38 -21.53
C ALA A 66 0.24 2.67 -21.69
N ASP A 67 0.10 3.30 -22.86
CA ASP A 67 0.79 4.56 -23.13
C ASP A 67 0.66 5.52 -21.96
N GLU A 68 -0.57 5.76 -21.53
CA GLU A 68 -0.84 6.67 -20.42
C GLU A 68 -0.14 6.18 -19.15
N VAL A 69 -0.52 5.00 -18.69
CA VAL A 69 0.07 4.43 -17.48
C VAL A 69 1.58 4.63 -17.46
N TYR A 70 2.25 4.15 -18.50
CA TYR A 70 3.70 4.28 -18.60
C TYR A 70 4.15 5.69 -18.22
N LYS A 71 3.60 6.69 -18.91
CA LYS A 71 3.94 8.08 -18.65
C LYS A 71 3.65 8.45 -17.20
N LYS A 72 2.49 8.03 -16.70
CA LYS A 72 2.09 8.31 -15.33
C LYS A 72 3.17 7.86 -14.35
N TRP A 73 3.55 6.60 -14.43
CA TRP A 73 4.58 6.05 -13.56
C TRP A 73 5.80 6.95 -13.52
N ALA A 74 6.45 7.12 -14.67
CA ALA A 74 7.64 7.96 -14.76
C ALA A 74 7.51 9.18 -13.86
N ASP A 75 6.30 9.71 -13.75
CA ASP A 75 6.04 10.88 -12.93
C ASP A 75 6.21 10.55 -11.45
N LYS A 76 5.65 9.42 -11.03
CA LYS A 76 5.74 8.99 -9.64
C LYS A 76 7.19 8.78 -9.23
N GLY A 77 8.00 8.28 -10.16
CA GLY A 77 9.40 8.04 -9.88
C GLY A 77 9.73 6.56 -9.80
N TYR A 78 9.39 5.83 -10.86
CA TYR A 78 9.64 4.39 -10.91
C TYR A 78 10.71 4.07 -11.96
N THR A 79 11.36 2.93 -11.80
CA THR A 79 12.39 2.50 -12.73
C THR A 79 12.44 0.98 -12.84
N LEU A 80 12.98 0.48 -13.95
CA LEU A 80 13.09 -0.96 -14.18
C LEU A 80 13.35 -1.69 -12.87
N THR A 81 14.23 -1.14 -12.05
CA THR A 81 14.57 -1.75 -10.76
C THR A 81 13.35 -1.79 -9.84
N GLN A 82 12.76 -0.64 -9.58
CA GLN A 82 11.59 -0.56 -8.72
C GLN A 82 10.36 -1.14 -9.40
N MET A 83 10.01 -0.56 -10.55
CA MET A 83 8.85 -1.02 -11.31
C MET A 83 8.74 -2.54 -11.26
N SER A 84 9.85 -3.22 -11.52
CA SER A 84 9.87 -4.67 -11.51
C SER A 84 9.49 -5.21 -10.13
N ASN A 85 10.12 -4.68 -9.09
CA ASN A 85 9.85 -5.11 -7.72
C ASN A 85 8.36 -5.02 -7.42
N PHE A 86 7.67 -4.12 -8.10
CA PHE A 86 6.23 -3.95 -7.91
C PHE A 86 5.44 -4.94 -8.74
N LEU A 87 5.89 -5.16 -9.98
CA LEU A 87 5.23 -6.09 -10.88
C LEU A 87 5.90 -7.47 -10.84
N LYS A 88 6.44 -7.81 -9.68
CA LYS A 88 7.11 -9.10 -9.50
C LYS A 88 6.20 -10.25 -9.95
N SER A 89 6.23 -10.54 -11.24
CA SER A 89 5.41 -11.62 -11.80
C SER A 89 6.02 -12.98 -11.49
N LYS A 90 6.15 -13.29 -10.20
CA LYS A 90 6.71 -14.56 -9.77
C LYS A 90 6.26 -15.69 -10.69
N THR A 91 5.08 -15.53 -11.28
CA THR A 91 4.54 -16.54 -12.19
C THR A 91 5.28 -16.56 -13.51
N ALA A 92 5.18 -17.67 -14.22
CA ALA A 92 5.84 -17.82 -15.52
C ALA A 92 5.36 -16.76 -16.51
N GLY A 93 6.00 -15.59 -16.48
CA GLY A 93 5.61 -14.52 -17.38
C GLY A 93 4.14 -14.15 -17.26
N LYS A 94 3.85 -13.19 -16.38
CA LYS A 94 2.48 -12.74 -16.16
C LYS A 94 2.30 -11.29 -16.59
N TYR A 95 3.07 -10.40 -15.98
CA TYR A 95 3.01 -8.98 -16.30
C TYR A 95 4.19 -8.56 -17.17
N ASP A 96 4.51 -9.37 -18.17
CA ASP A 96 5.62 -9.07 -19.06
C ASP A 96 5.23 -8.04 -20.09
N ARG A 97 4.07 -8.24 -20.72
CA ARG A 97 3.58 -7.31 -21.73
C ARG A 97 3.63 -5.87 -21.23
N VAL A 98 3.21 -5.67 -19.98
CA VAL A 98 3.21 -4.34 -19.37
C VAL A 98 4.64 -3.83 -19.18
N TYR A 99 5.44 -4.62 -18.47
CA TYR A 99 6.82 -4.25 -18.19
C TYR A 99 7.54 -3.83 -19.47
N ASN A 100 7.53 -4.71 -20.46
CA ASN A 100 8.18 -4.44 -21.74
C ASN A 100 7.92 -3.01 -22.18
N GLY A 101 6.65 -2.65 -22.32
CA GLY A 101 6.29 -1.30 -22.74
C GLY A 101 7.04 -0.24 -21.95
N TYR A 102 7.06 -0.38 -20.63
CA TYR A 102 7.74 0.57 -19.78
C TYR A 102 9.22 0.67 -20.12
N VAL A 103 9.83 -0.48 -20.40
CA VAL A 103 11.24 -0.54 -20.75
C VAL A 103 11.57 0.47 -21.85
N ILE A 104 10.78 0.44 -22.92
CA ILE A 104 10.98 1.36 -24.04
C ILE A 104 10.82 2.81 -23.61
N HIS A 105 9.89 3.05 -22.69
CA HIS A 105 9.63 4.39 -22.19
C HIS A 105 10.88 4.98 -21.54
N LEU A 106 11.60 4.14 -20.80
CA LEU A 106 12.81 4.57 -20.12
C LEU A 106 14.00 4.60 -21.08
N ASP A 107 14.10 3.56 -21.90
CA ASP A 107 15.19 3.47 -22.88
C ASP A 107 15.53 4.83 -23.45
N TYR A 108 14.52 5.69 -23.56
CA TYR A 108 14.72 7.04 -24.09
C TYR A 108 16.06 7.61 -23.66
N GLY A 1 66.71 66.84 32.60
CA GLY A 1 66.16 65.75 33.38
C GLY A 1 65.64 66.21 34.73
N SER A 2 64.74 65.43 35.32
CA SER A 2 64.17 65.77 36.62
C SER A 2 63.57 64.53 37.28
N SER A 3 63.07 64.71 38.50
CA SER A 3 62.47 63.62 39.25
C SER A 3 61.77 64.13 40.50
N GLY A 4 60.90 63.30 41.06
CA GLY A 4 60.17 63.69 42.26
C GLY A 4 59.05 62.72 42.60
N SER A 5 58.45 62.89 43.78
CA SER A 5 57.37 62.03 44.23
C SER A 5 56.73 62.58 45.49
N SER A 6 55.59 62.00 45.87
CA SER A 6 54.86 62.43 47.05
C SER A 6 53.73 61.46 47.39
N GLY A 7 53.09 61.69 48.52
CA GLY A 7 52.00 60.82 48.95
C GLY A 7 50.65 61.52 48.89
N ASN A 8 49.64 60.90 49.50
CA ASN A 8 48.30 61.46 49.52
C ASN A 8 47.43 60.77 50.57
N VAL A 9 46.21 61.26 50.72
CA VAL A 9 45.28 60.68 51.69
C VAL A 9 44.04 60.12 51.00
N ASP A 10 43.51 59.04 51.55
CA ASP A 10 42.32 58.40 50.99
C ASP A 10 41.06 58.87 51.70
N SER A 11 39.91 58.38 51.25
CA SER A 11 38.63 58.75 51.84
C SER A 11 37.90 57.53 52.38
N ASN A 12 36.71 57.75 52.94
CA ASN A 12 35.91 56.67 53.49
C ASN A 12 34.59 56.52 52.75
N GLN A 13 33.83 55.48 53.07
CA GLN A 13 32.55 55.24 52.43
C GLN A 13 31.41 55.29 53.45
N ASN A 14 30.19 55.07 52.98
CA ASN A 14 29.02 55.10 53.85
C ASN A 14 28.00 54.05 53.41
N LYS A 15 26.88 53.99 54.13
CA LYS A 15 25.82 53.03 53.81
C LYS A 15 24.45 53.68 53.95
N ALA A 16 23.48 53.18 53.18
CA ALA A 16 22.13 53.71 53.23
C ALA A 16 21.12 52.59 53.48
N SER A 17 19.89 52.98 53.84
CA SER A 17 18.83 52.02 54.12
C SER A 17 17.87 51.93 52.95
N MET A 18 18.00 50.87 52.15
CA MET A 18 17.13 50.66 51.00
C MET A 18 15.66 50.64 51.42
N LEU A 19 14.81 51.14 50.54
CA LEU A 19 13.36 51.18 50.82
C LEU A 19 12.56 51.05 49.54
N GLN A 20 11.40 50.41 49.64
CA GLN A 20 10.53 50.21 48.48
C GLN A 20 9.21 49.57 48.90
N ALA A 21 8.28 49.47 47.96
CA ALA A 21 6.97 48.88 48.23
C ALA A 21 6.74 47.66 47.33
N ARG A 22 5.62 46.98 47.55
CA ARG A 22 5.28 45.80 46.76
C ARG A 22 3.87 45.92 46.19
N LEU A 23 3.63 45.21 45.09
CA LEU A 23 2.32 45.24 44.44
C LEU A 23 2.07 43.94 43.68
N ASN A 24 0.89 43.85 43.06
CA ASN A 24 0.53 42.66 42.30
C ASN A 24 -0.51 43.00 41.23
N ASP A 25 -0.86 42.01 40.42
CA ASP A 25 -1.83 42.20 39.35
C ASP A 25 -2.90 41.11 39.38
N GLU A 26 -3.99 41.34 38.66
CA GLU A 26 -5.08 40.37 38.61
C GLU A 26 -5.75 40.37 37.24
N ALA A 27 -6.75 39.52 37.07
CA ALA A 27 -7.47 39.42 35.80
C ALA A 27 -6.52 39.07 34.66
N GLY A 28 -5.69 38.05 34.87
CA GLY A 28 -4.75 37.64 33.85
C GLY A 28 -5.43 36.90 32.70
N GLY A 29 -4.86 35.75 32.32
CA GLY A 29 -5.42 34.98 31.23
C GLY A 29 -4.64 33.72 30.95
N THR A 30 -5.23 32.79 30.20
CA THR A 30 -4.57 31.55 29.86
C THR A 30 -5.11 30.98 28.55
N ARG A 31 -4.32 30.12 27.92
CA ARG A 31 -4.71 29.51 26.64
C ARG A 31 -4.67 27.99 26.74
N LEU A 32 -5.67 27.34 26.16
CA LEU A 32 -5.76 25.88 26.18
C LEU A 32 -5.36 25.30 24.83
N LEU A 33 -4.64 24.18 24.86
CA LEU A 33 -4.20 23.52 23.64
C LEU A 33 -5.38 22.97 22.86
N ARG A 34 -5.09 22.30 21.75
CA ARG A 34 -6.13 21.72 20.92
C ARG A 34 -5.82 20.27 20.56
N VAL A 35 -6.74 19.37 20.88
CA VAL A 35 -6.55 17.95 20.60
C VAL A 35 -6.23 17.71 19.14
N HIS A 36 -5.15 16.99 18.88
CA HIS A 36 -4.73 16.69 17.51
C HIS A 36 -5.00 15.24 17.17
N HIS A 37 -5.08 14.94 15.87
CA HIS A 37 -5.35 13.58 15.41
C HIS A 37 -4.14 13.03 14.65
N GLU A 38 -3.41 12.12 15.30
CA GLU A 38 -2.23 11.51 14.69
C GLU A 38 -2.61 10.26 13.90
N SER A 39 -1.98 10.08 12.75
CA SER A 39 -2.25 8.93 11.90
C SER A 39 -1.02 8.05 11.76
N ASP A 40 -1.25 6.74 11.67
CA ASP A 40 -0.14 5.79 11.54
C ASP A 40 -0.42 4.81 10.40
N THR A 41 0.66 4.37 9.75
CA THR A 41 0.54 3.44 8.64
C THR A 41 1.91 2.98 8.15
N GLU A 42 2.05 1.68 7.93
CA GLU A 42 3.32 1.12 7.47
C GLU A 42 3.14 0.39 6.14
N GLU A 43 3.47 1.07 5.04
CA GLU A 43 3.34 0.50 3.72
C GLU A 43 4.66 -0.10 3.26
N ARG A 44 5.73 0.69 3.34
CA ARG A 44 7.05 0.24 2.93
C ARG A 44 6.96 -0.68 1.71
N GLY A 45 6.29 -0.20 0.66
CA GLY A 45 6.14 -0.99 -0.54
C GLY A 45 4.77 -1.62 -0.66
N PHE A 46 4.28 -2.18 0.44
CA PHE A 46 2.97 -2.82 0.46
C PHE A 46 2.00 -2.09 -0.47
N LEU A 47 1.60 -0.89 -0.07
CA LEU A 47 0.67 -0.09 -0.86
C LEU A 47 1.20 0.12 -2.27
N GLU A 48 2.40 0.69 -2.37
CA GLU A 48 3.02 0.94 -3.67
C GLU A 48 2.69 -0.17 -4.66
N LYS A 49 2.95 -1.41 -4.25
CA LYS A 49 2.68 -2.57 -5.10
C LYS A 49 1.22 -2.58 -5.56
N ALA A 50 0.32 -2.21 -4.65
CA ALA A 50 -1.10 -2.17 -4.98
C ALA A 50 -1.39 -1.18 -6.10
N ALA A 51 -0.87 0.03 -5.97
CA ALA A 51 -1.07 1.06 -6.98
C ALA A 51 -0.50 0.62 -8.33
N VAL A 52 0.80 0.35 -8.37
CA VAL A 52 1.46 -0.09 -9.59
C VAL A 52 0.68 -1.20 -10.27
N LYS A 53 0.38 -2.25 -9.52
CA LYS A 53 -0.37 -3.39 -10.06
C LYS A 53 -1.72 -2.94 -10.61
N LYS A 54 -2.51 -2.30 -9.76
CA LYS A 54 -3.83 -1.82 -10.17
C LYS A 54 -3.80 -1.27 -11.58
N MET A 55 -2.90 -0.33 -11.82
CA MET A 55 -2.77 0.28 -13.15
C MET A 55 -2.49 -0.79 -14.21
N ALA A 56 -1.55 -1.69 -13.90
CA ALA A 56 -1.21 -2.76 -14.83
C ALA A 56 -2.45 -3.48 -15.34
N LYS A 57 -3.25 -3.99 -14.40
CA LYS A 57 -4.47 -4.70 -14.75
C LYS A 57 -5.18 -4.02 -15.93
N ALA A 58 -5.56 -2.77 -15.73
CA ALA A 58 -6.24 -2.00 -16.76
C ALA A 58 -5.56 -2.15 -18.11
N ILE A 59 -4.22 -2.23 -18.09
CA ILE A 59 -3.45 -2.39 -19.31
C ILE A 59 -3.58 -3.79 -19.88
N MET A 60 -3.29 -4.79 -19.04
CA MET A 60 -3.38 -6.18 -19.46
C MET A 60 -4.62 -6.41 -20.32
N ALA A 61 -5.66 -5.62 -20.08
CA ALA A 61 -6.90 -5.73 -20.84
C ALA A 61 -6.91 -4.78 -22.03
N ASP A 62 -6.88 -3.49 -21.74
CA ASP A 62 -6.88 -2.46 -22.78
C ASP A 62 -5.47 -1.93 -23.02
N PRO A 63 -4.99 -2.06 -24.27
CA PRO A 63 -3.65 -1.59 -24.66
C PRO A 63 -3.56 -0.07 -24.67
N ASN A 64 -4.61 0.58 -25.13
CA ASN A 64 -4.65 2.04 -25.20
C ASN A 64 -4.24 2.65 -23.86
N LYS A 65 -4.58 1.97 -22.78
CA LYS A 65 -4.25 2.45 -21.43
C LYS A 65 -2.75 2.41 -21.20
N ALA A 66 -2.10 1.35 -21.69
CA ALA A 66 -0.66 1.19 -21.53
C ALA A 66 0.06 2.52 -21.77
N ASP A 67 0.05 2.97 -23.01
CA ASP A 67 0.72 4.23 -23.37
C ASP A 67 0.51 5.28 -22.29
N GLU A 68 -0.76 5.62 -22.03
CA GLU A 68 -1.09 6.61 -21.01
C GLU A 68 -0.40 6.29 -19.69
N VAL A 69 -0.72 5.13 -19.12
CA VAL A 69 -0.13 4.71 -17.85
C VAL A 69 1.38 4.91 -17.87
N TYR A 70 2.05 4.24 -18.79
CA TYR A 70 3.51 4.34 -18.90
C TYR A 70 3.99 5.75 -18.54
N LYS A 71 3.34 6.75 -19.12
CA LYS A 71 3.70 8.14 -18.86
C LYS A 71 3.48 8.49 -17.39
N LYS A 72 2.35 8.08 -16.85
CA LYS A 72 2.02 8.35 -15.45
C LYS A 72 3.12 7.83 -14.53
N TRP A 73 3.41 6.54 -14.64
CA TRP A 73 4.45 5.93 -13.81
C TRP A 73 5.69 6.81 -13.75
N ALA A 74 6.36 6.95 -14.90
CA ALA A 74 7.56 7.77 -14.98
C ALA A 74 7.40 9.06 -14.19
N ASP A 75 6.24 9.69 -14.30
CA ASP A 75 5.95 10.93 -13.60
C ASP A 75 6.01 10.72 -12.09
N LYS A 76 5.38 9.65 -11.62
CA LYS A 76 5.35 9.34 -10.20
C LYS A 76 6.76 9.30 -9.62
N GLY A 77 7.68 8.70 -10.36
CA GLY A 77 9.05 8.60 -9.90
C GLY A 77 9.47 7.18 -9.59
N TYR A 78 9.07 6.25 -10.46
CA TYR A 78 9.40 4.84 -10.27
C TYR A 78 10.59 4.44 -11.14
N THR A 79 11.12 3.25 -10.89
CA THR A 79 12.27 2.75 -11.63
C THR A 79 12.15 1.24 -11.88
N LEU A 80 12.68 0.79 -13.01
CA LEU A 80 12.63 -0.62 -13.36
C LEU A 80 12.81 -1.50 -12.12
N THR A 81 13.83 -1.18 -11.33
CA THR A 81 14.10 -1.94 -10.11
C THR A 81 12.84 -2.15 -9.29
N GLN A 82 12.17 -1.05 -8.94
CA GLN A 82 10.95 -1.11 -8.16
C GLN A 82 9.76 -1.54 -9.03
N MET A 83 9.50 -0.78 -10.08
CA MET A 83 8.41 -1.09 -10.99
C MET A 83 8.24 -2.58 -11.16
N SER A 84 9.25 -3.22 -11.77
CA SER A 84 9.21 -4.66 -12.00
C SER A 84 8.88 -5.40 -10.71
N ASN A 85 9.77 -5.30 -9.72
CA ASN A 85 9.57 -5.96 -8.44
C ASN A 85 8.09 -5.94 -8.04
N PHE A 86 7.38 -4.92 -8.49
CA PHE A 86 5.97 -4.78 -8.17
C PHE A 86 5.11 -5.57 -9.16
N LEU A 87 5.45 -5.48 -10.44
CA LEU A 87 4.71 -6.18 -11.49
C LEU A 87 4.85 -7.69 -11.33
N LYS A 88 6.01 -8.12 -10.86
CA LYS A 88 6.28 -9.55 -10.66
C LYS A 88 5.47 -10.08 -9.49
N SER A 89 4.35 -10.73 -9.79
CA SER A 89 3.49 -11.30 -8.77
C SER A 89 3.84 -12.76 -8.51
N LYS A 90 5.12 -13.02 -8.27
CA LYS A 90 5.59 -14.38 -8.00
C LYS A 90 4.79 -15.40 -8.82
N THR A 91 4.56 -15.08 -10.10
CA THR A 91 3.81 -15.96 -10.98
C THR A 91 4.63 -16.31 -12.23
N ALA A 92 4.35 -17.48 -12.80
CA ALA A 92 5.05 -17.91 -14.00
C ALA A 92 4.71 -17.04 -15.19
N GLY A 93 5.33 -15.86 -15.26
CA GLY A 93 5.07 -14.94 -16.36
C GLY A 93 3.85 -14.08 -16.12
N LYS A 94 4.04 -12.94 -15.48
CA LYS A 94 2.94 -12.03 -15.19
C LYS A 94 3.30 -10.59 -15.58
N TYR A 95 2.41 -9.95 -16.32
CA TYR A 95 2.64 -8.57 -16.76
C TYR A 95 3.98 -8.44 -17.46
N ASP A 96 4.37 -9.48 -18.20
CA ASP A 96 5.63 -9.49 -18.92
C ASP A 96 5.64 -8.43 -20.01
N ARG A 97 4.53 -8.31 -20.73
CA ARG A 97 4.40 -7.34 -21.81
C ARG A 97 4.34 -5.92 -21.25
N VAL A 98 3.53 -5.73 -20.22
CA VAL A 98 3.38 -4.42 -19.59
C VAL A 98 4.74 -3.84 -19.22
N TYR A 99 5.57 -4.64 -18.57
CA TYR A 99 6.89 -4.20 -18.15
C TYR A 99 7.71 -3.74 -19.34
N ASN A 100 7.76 -4.56 -20.39
CA ASN A 100 8.51 -4.23 -21.59
C ASN A 100 8.23 -2.79 -22.02
N GLY A 101 6.99 -2.51 -22.38
CA GLY A 101 6.62 -1.17 -22.80
C GLY A 101 7.32 -0.10 -22.00
N TYR A 102 7.04 -0.06 -20.69
CA TYR A 102 7.65 0.94 -19.81
C TYR A 102 9.17 0.94 -19.96
N VAL A 103 9.77 -0.24 -19.88
CA VAL A 103 11.22 -0.37 -20.02
C VAL A 103 11.74 0.49 -21.18
N ILE A 104 11.02 0.47 -22.29
CA ILE A 104 11.41 1.25 -23.45
C ILE A 104 11.20 2.74 -23.22
N HIS A 105 10.06 3.10 -22.65
CA HIS A 105 9.74 4.49 -22.36
C HIS A 105 10.86 5.15 -21.57
N LEU A 106 11.48 4.39 -20.68
CA LEU A 106 12.57 4.90 -19.85
C LEU A 106 13.92 4.74 -20.56
N ASP A 107 14.01 3.70 -21.38
CA ASP A 107 15.24 3.43 -22.13
C ASP A 107 15.81 4.72 -22.72
N TYR A 108 14.93 5.64 -23.09
CA TYR A 108 15.34 6.91 -23.67
C TYR A 108 16.56 7.47 -22.94
N GLY A 1 8.79 15.97 -36.84
CA GLY A 1 8.30 16.71 -35.69
C GLY A 1 6.79 16.60 -35.54
N SER A 2 6.27 17.18 -34.47
CA SER A 2 4.83 17.14 -34.21
C SER A 2 4.47 18.02 -33.01
N SER A 3 3.75 19.11 -33.28
CA SER A 3 3.34 20.03 -32.23
C SER A 3 1.95 19.69 -31.71
N GLY A 4 1.59 20.28 -30.57
CA GLY A 4 0.28 20.02 -29.99
C GLY A 4 0.11 20.67 -28.64
N SER A 5 -1.07 20.52 -28.04
CA SER A 5 -1.35 21.10 -26.74
C SER A 5 -2.66 20.56 -26.18
N SER A 6 -2.59 19.92 -25.01
CA SER A 6 -3.77 19.35 -24.37
C SER A 6 -3.55 19.20 -22.87
N GLY A 7 -4.61 19.41 -22.10
CA GLY A 7 -4.52 19.29 -20.65
C GLY A 7 -5.60 18.42 -20.07
N ASN A 8 -5.53 18.18 -18.76
CA ASN A 8 -6.52 17.34 -18.09
C ASN A 8 -6.49 17.58 -16.58
N VAL A 9 -7.40 16.94 -15.86
CA VAL A 9 -7.48 17.08 -14.41
C VAL A 9 -6.22 16.54 -13.74
N ASP A 10 -5.41 17.46 -13.20
CA ASP A 10 -4.18 17.08 -12.54
C ASP A 10 -4.41 16.90 -11.04
N SER A 11 -5.16 17.83 -10.45
CA SER A 11 -5.45 17.78 -9.02
C SER A 11 -5.58 16.34 -8.54
N ASN A 12 -4.82 15.98 -7.52
CA ASN A 12 -4.85 14.63 -6.97
C ASN A 12 -4.88 14.66 -5.45
N GLN A 13 -5.01 13.50 -4.83
CA GLN A 13 -5.05 13.39 -3.37
C GLN A 13 -3.66 13.62 -2.78
N ASN A 14 -3.63 14.03 -1.52
CA ASN A 14 -2.37 14.28 -0.82
C ASN A 14 -1.98 13.09 0.04
N LYS A 15 -0.77 13.15 0.60
CA LYS A 15 -0.27 12.08 1.46
C LYS A 15 0.78 12.60 2.43
N ALA A 16 1.04 11.84 3.49
CA ALA A 16 2.03 12.22 4.48
C ALA A 16 3.15 11.19 4.57
N SER A 17 4.32 11.64 5.03
CA SER A 17 5.47 10.76 5.16
C SER A 17 5.62 10.25 6.59
N MET A 18 4.51 9.86 7.19
CA MET A 18 4.51 9.35 8.55
C MET A 18 5.17 7.97 8.62
N LEU A 19 6.34 7.92 9.23
CA LEU A 19 7.08 6.67 9.37
C LEU A 19 8.01 6.71 10.59
N GLN A 20 8.12 5.56 11.26
CA GLN A 20 8.98 5.47 12.44
C GLN A 20 9.79 4.18 12.42
N ALA A 21 10.94 4.20 13.08
CA ALA A 21 11.81 3.03 13.14
C ALA A 21 11.68 2.32 14.48
N ARG A 22 11.65 1.00 14.45
CA ARG A 22 11.53 0.19 15.66
C ARG A 22 12.72 0.44 16.59
N LEU A 23 12.54 0.11 17.86
CA LEU A 23 13.61 0.29 18.86
C LEU A 23 14.23 -1.05 19.23
N ASN A 24 15.41 -1.00 19.86
CA ASN A 24 16.11 -2.20 20.27
C ASN A 24 15.13 -3.27 20.73
N ASP A 25 15.12 -4.40 20.03
CA ASP A 25 14.23 -5.50 20.37
C ASP A 25 14.45 -5.96 21.81
N GLU A 26 13.39 -6.44 22.44
CA GLU A 26 13.47 -6.91 23.82
C GLU A 26 13.08 -8.38 23.92
N ALA A 27 14.07 -9.26 23.77
CA ALA A 27 13.82 -10.70 23.84
C ALA A 27 12.61 -11.10 23.02
N GLY A 28 12.49 -10.51 21.83
CA GLY A 28 11.36 -10.82 20.96
C GLY A 28 10.05 -10.84 21.71
N GLY A 29 9.42 -12.01 21.77
CA GLY A 29 8.15 -12.15 22.46
C GLY A 29 7.64 -13.57 22.48
N THR A 30 7.30 -14.10 21.29
CA THR A 30 6.80 -15.46 21.18
C THR A 30 5.82 -15.78 22.30
N ARG A 31 4.97 -14.82 22.64
CA ARG A 31 3.99 -15.00 23.70
C ARG A 31 2.68 -14.30 23.36
N LEU A 32 1.57 -15.00 23.57
CA LEU A 32 0.24 -14.45 23.28
C LEU A 32 -0.25 -13.59 24.43
N LEU A 33 0.62 -12.71 24.93
CA LEU A 33 0.26 -11.82 26.03
C LEU A 33 0.15 -10.38 25.55
N ARG A 34 -0.69 -9.59 26.23
CA ARG A 34 -0.88 -8.19 25.87
C ARG A 34 0.46 -7.52 25.60
N VAL A 35 0.44 -6.54 24.69
CA VAL A 35 1.65 -5.81 24.33
C VAL A 35 1.58 -4.37 24.80
N HIS A 36 0.40 -3.77 24.65
CA HIS A 36 0.19 -2.37 25.06
C HIS A 36 1.12 -1.44 24.29
N HIS A 37 1.14 -1.59 22.97
CA HIS A 37 1.99 -0.76 22.12
C HIS A 37 1.38 -0.61 20.72
N GLU A 38 1.42 0.62 20.20
CA GLU A 38 0.86 0.89 18.88
C GLU A 38 1.62 0.13 17.80
N SER A 39 0.88 -0.45 16.86
CA SER A 39 1.48 -1.21 15.77
C SER A 39 1.67 -0.35 14.54
N ASP A 40 2.66 -0.70 13.71
CA ASP A 40 2.94 0.04 12.49
C ASP A 40 2.71 -0.83 11.26
N THR A 41 2.42 -0.19 10.12
CA THR A 41 2.19 -0.91 8.88
C THR A 41 2.96 -0.28 7.73
N GLU A 42 3.97 -0.98 7.23
CA GLU A 42 4.79 -0.48 6.14
C GLU A 42 3.95 -0.35 4.86
N GLU A 43 3.23 0.75 4.75
CA GLU A 43 2.39 1.00 3.58
C GLU A 43 3.23 1.45 2.39
N ARG A 44 4.50 1.75 2.65
CA ARG A 44 5.41 2.19 1.60
C ARG A 44 5.59 1.11 0.54
N GLY A 45 5.64 -0.15 0.98
CA GLY A 45 5.81 -1.25 0.06
C GLY A 45 4.49 -1.86 -0.36
N PHE A 46 3.44 -1.65 0.45
CA PHE A 46 2.12 -2.18 0.16
C PHE A 46 1.42 -1.35 -0.91
N LEU A 47 1.09 -0.11 -0.56
CA LEU A 47 0.41 0.79 -1.48
C LEU A 47 1.11 0.81 -2.83
N GLU A 48 2.39 1.19 -2.83
CA GLU A 48 3.17 1.26 -4.06
C GLU A 48 2.89 0.05 -4.94
N LYS A 49 3.11 -1.15 -4.39
CA LYS A 49 2.88 -2.38 -5.13
C LYS A 49 1.43 -2.49 -5.58
N ALA A 50 0.51 -2.14 -4.68
CA ALA A 50 -0.92 -2.20 -4.98
C ALA A 50 -1.24 -1.37 -6.23
N ALA A 51 -1.01 -0.06 -6.14
CA ALA A 51 -1.26 0.83 -7.26
C ALA A 51 -0.59 0.34 -8.54
N VAL A 52 0.72 0.13 -8.46
CA VAL A 52 1.48 -0.34 -9.60
C VAL A 52 0.78 -1.51 -10.29
N LYS A 53 0.52 -2.56 -9.53
CA LYS A 53 -0.15 -3.75 -10.07
C LYS A 53 -1.53 -3.39 -10.62
N LYS A 54 -2.35 -2.75 -9.79
CA LYS A 54 -3.70 -2.35 -10.21
C LYS A 54 -3.67 -1.77 -11.61
N MET A 55 -2.90 -0.71 -11.80
CA MET A 55 -2.80 -0.06 -13.11
C MET A 55 -2.53 -1.09 -14.20
N ALA A 56 -1.60 -2.00 -13.94
CA ALA A 56 -1.25 -3.04 -14.90
C ALA A 56 -2.50 -3.75 -15.41
N LYS A 57 -3.31 -4.24 -14.50
CA LYS A 57 -4.54 -4.95 -14.85
C LYS A 57 -5.31 -4.18 -15.92
N ALA A 58 -5.48 -2.88 -15.71
CA ALA A 58 -6.20 -2.04 -16.66
C ALA A 58 -5.58 -2.13 -18.05
N ILE A 59 -4.25 -2.08 -18.10
CA ILE A 59 -3.53 -2.15 -19.37
C ILE A 59 -3.79 -3.48 -20.07
N MET A 60 -3.54 -4.58 -19.36
CA MET A 60 -3.76 -5.90 -19.91
C MET A 60 -5.03 -5.95 -20.75
N ALA A 61 -6.11 -5.41 -20.22
CA ALA A 61 -7.39 -5.39 -20.93
C ALA A 61 -7.32 -4.46 -22.14
N ASP A 62 -6.98 -3.20 -21.90
CA ASP A 62 -6.89 -2.21 -22.97
C ASP A 62 -5.44 -1.74 -23.14
N PRO A 63 -4.94 -1.82 -24.38
CA PRO A 63 -3.57 -1.40 -24.70
C PRO A 63 -3.39 0.11 -24.63
N ASN A 64 -4.35 0.85 -25.17
CA ASN A 64 -4.30 2.31 -25.16
C ASN A 64 -3.93 2.82 -23.78
N LYS A 65 -4.37 2.12 -22.75
CA LYS A 65 -4.08 2.50 -21.37
C LYS A 65 -2.58 2.46 -21.09
N ALA A 66 -1.89 1.50 -21.71
CA ALA A 66 -0.46 1.36 -21.53
C ALA A 66 0.26 2.68 -21.75
N ASP A 67 0.06 3.27 -22.92
CA ASP A 67 0.69 4.54 -23.26
C ASP A 67 0.51 5.55 -22.13
N GLU A 68 -0.74 5.81 -21.76
CA GLU A 68 -1.05 6.75 -20.69
C GLU A 68 -0.32 6.38 -19.41
N VAL A 69 -0.60 5.18 -18.90
CA VAL A 69 0.02 4.70 -17.67
C VAL A 69 1.53 4.91 -17.72
N TYR A 70 2.19 4.26 -18.67
CA TYR A 70 3.63 4.37 -18.82
C TYR A 70 4.11 5.79 -18.50
N LYS A 71 3.37 6.78 -18.99
CA LYS A 71 3.73 8.18 -18.74
C LYS A 71 3.47 8.55 -17.29
N LYS A 72 2.34 8.10 -16.74
CA LYS A 72 1.98 8.38 -15.37
C LYS A 72 3.01 7.82 -14.41
N TRP A 73 3.30 6.53 -14.55
CA TRP A 73 4.28 5.86 -13.70
C TRP A 73 5.57 6.68 -13.61
N ALA A 74 6.26 6.82 -14.74
CA ALA A 74 7.50 7.57 -14.79
C ALA A 74 7.35 8.93 -14.11
N ASP A 75 6.19 9.56 -14.32
CA ASP A 75 5.93 10.87 -13.72
C ASP A 75 5.96 10.80 -12.20
N LYS A 76 5.41 9.71 -11.67
CA LYS A 76 5.37 9.52 -10.22
C LYS A 76 6.78 9.43 -9.64
N GLY A 77 7.61 8.59 -10.26
CA GLY A 77 8.98 8.43 -9.79
C GLY A 77 9.34 6.98 -9.55
N TYR A 78 9.08 6.13 -10.53
CA TYR A 78 9.36 4.70 -10.42
C TYR A 78 10.56 4.33 -11.28
N THR A 79 11.09 3.13 -11.06
CA THR A 79 12.23 2.64 -11.83
C THR A 79 12.12 1.14 -12.09
N LEU A 80 12.59 0.72 -13.27
CA LEU A 80 12.54 -0.69 -13.65
C LEU A 80 12.75 -1.58 -12.42
N THR A 81 13.85 -1.36 -11.71
CA THR A 81 14.17 -2.15 -10.54
C THR A 81 13.00 -2.15 -9.55
N GLN A 82 12.38 -0.99 -9.36
CA GLN A 82 11.25 -0.87 -8.45
C GLN A 82 10.01 -1.53 -9.02
N MET A 83 9.52 -1.01 -10.14
CA MET A 83 8.34 -1.56 -10.79
C MET A 83 8.45 -3.07 -10.93
N SER A 84 9.51 -3.53 -11.59
CA SER A 84 9.72 -4.95 -11.80
C SER A 84 9.55 -5.73 -10.49
N ASN A 85 10.10 -5.19 -9.42
CA ASN A 85 10.01 -5.82 -8.10
C ASN A 85 8.55 -5.99 -7.69
N PHE A 86 7.70 -5.10 -8.17
CA PHE A 86 6.27 -5.15 -7.84
C PHE A 86 5.53 -6.06 -8.82
N LEU A 87 5.82 -5.90 -10.11
CA LEU A 87 5.18 -6.71 -11.14
C LEU A 87 5.93 -8.01 -11.36
N LYS A 88 6.54 -8.53 -10.30
CA LYS A 88 7.29 -9.78 -10.37
C LYS A 88 6.36 -10.98 -10.23
N SER A 89 5.14 -10.84 -10.76
CA SER A 89 4.16 -11.92 -10.69
C SER A 89 4.83 -13.28 -10.77
N LYS A 90 5.15 -13.84 -9.61
CA LYS A 90 5.80 -15.15 -9.54
C LYS A 90 5.33 -16.04 -10.68
N THR A 91 4.06 -15.91 -11.05
CA THR A 91 3.49 -16.72 -12.12
C THR A 91 4.38 -16.69 -13.36
N ALA A 92 4.32 -17.76 -14.15
CA ALA A 92 5.11 -17.84 -15.36
C ALA A 92 4.96 -16.58 -16.21
N GLY A 93 5.81 -15.60 -15.94
CA GLY A 93 5.75 -14.35 -16.69
C GLY A 93 4.34 -13.96 -17.04
N LYS A 94 3.70 -13.22 -16.15
CA LYS A 94 2.32 -12.76 -16.37
C LYS A 94 2.31 -11.37 -16.98
N TYR A 95 2.75 -10.38 -16.22
CA TYR A 95 2.77 -9.01 -16.68
C TYR A 95 4.08 -8.70 -17.40
N ASP A 96 4.46 -9.58 -18.33
CA ASP A 96 5.69 -9.40 -19.08
C ASP A 96 5.53 -8.33 -20.15
N ARG A 97 4.32 -8.21 -20.68
CA ARG A 97 4.03 -7.22 -21.71
C ARG A 97 3.97 -5.81 -21.12
N VAL A 98 3.41 -5.71 -19.92
CA VAL A 98 3.30 -4.43 -19.24
C VAL A 98 4.67 -3.85 -18.90
N TYR A 99 5.58 -4.73 -18.47
CA TYR A 99 6.93 -4.31 -18.12
C TYR A 99 7.73 -3.93 -19.36
N ASN A 100 7.57 -4.71 -20.42
CA ASN A 100 8.28 -4.45 -21.68
C ASN A 100 8.15 -2.99 -22.08
N GLY A 101 6.91 -2.49 -22.12
CA GLY A 101 6.68 -1.12 -22.48
C GLY A 101 7.42 -0.14 -21.59
N TYR A 102 7.05 -0.11 -20.31
CA TYR A 102 7.68 0.79 -19.36
C TYR A 102 9.19 0.83 -19.56
N VAL A 103 9.79 -0.35 -19.77
CA VAL A 103 11.23 -0.45 -19.99
C VAL A 103 11.70 0.55 -21.05
N ILE A 104 11.15 0.42 -22.25
CA ILE A 104 11.51 1.30 -23.35
C ILE A 104 11.06 2.73 -23.07
N HIS A 105 9.82 2.88 -22.61
CA HIS A 105 9.27 4.19 -22.31
C HIS A 105 10.32 5.09 -21.66
N LEU A 106 11.12 4.52 -20.77
CA LEU A 106 12.17 5.26 -20.09
C LEU A 106 13.21 5.78 -21.07
N ASP A 107 13.55 4.94 -22.06
CA ASP A 107 14.53 5.32 -23.07
C ASP A 107 14.41 6.79 -23.43
N TYR A 108 13.18 7.30 -23.43
CA TYR A 108 12.93 8.70 -23.75
C TYR A 108 14.01 9.60 -23.15
#